data_1U6P
#
_entry.id   1U6P
#
loop_
_entity.id
_entity.type
_entity.pdbx_description
1 polymer 101-MER
2 polymer 'Gag polyprotein'
3 non-polymer 'ZINC ION'
#
loop_
_entity_poly.entity_id
_entity_poly.type
_entity_poly.pdbx_seq_one_letter_code
_entity_poly.pdbx_strand_id
1 'polyribonucleotide'
;GGCGGU(AP7)CUAGUUGAGAAACUAGCUCUGUAUCUGGCGGACCCGUGGUGGAACUGUGAAGUUCGGAACACCCGGCCG
CAACCCUGGGAGAGGUCCCAGGGUU
;
B
2 'polypeptide(L)' ATVVSGQKQDRQGGERRRSQLDRDQCAYCKEKGHWAKDCPKKPRGPRGPRPQTSLL A
#
loop_
_chem_comp.id
_chem_comp.type
_chem_comp.name
_chem_comp.formula
A RNA linking ADENOSINE-5'-MONOPHOSPHATE 'C10 H14 N5 O7 P'
AP7 RNA linking 'N1-PROTONATED ADENOSINE-5'-MONOPHOSPHATE' 'C10 H15 N5 O7 P 1'
C RNA linking CYTIDINE-5'-MONOPHOSPHATE 'C9 H14 N3 O8 P'
G RNA linking GUANOSINE-5'-MONOPHOSPHATE 'C10 H14 N5 O8 P'
U RNA linking URIDINE-5'-MONOPHOSPHATE 'C9 H13 N2 O9 P'
ZN non-polymer 'ZINC ION' 'Zn 2'
#
# COMPACT_ATOMS: atom_id res chain seq x y z
C1' AP7 A 7 4.52 -32.35 3.06
N1 AP7 A 7 4.35 -28.91 -0.77
C2 AP7 A 7 3.42 -29.75 -0.27
N3 AP7 A 7 3.53 -30.63 0.74
C4 AP7 A 7 4.79 -30.58 1.26
C5 AP7 A 7 5.82 -29.78 0.85
C6 AP7 A 7 5.59 -28.90 -0.21
N6 AP7 A 7 6.51 -28.04 -0.72
N7 AP7 A 7 6.94 -30.01 1.62
C8 AP7 A 7 6.55 -30.95 2.47
N9 AP7 A 7 5.27 -31.32 2.29
C2' AP7 A 7 4.67 -33.76 2.50
O2' AP7 A 7 3.55 -34.60 2.66
C3' AP7 A 7 5.66 -34.34 3.47
O3' AP7 A 7 5.62 -35.76 3.47
C4' AP7 A 7 5.24 -33.82 4.84
O4' AP7 A 7 5.02 -32.48 4.36
C5' AP7 A 7 6.34 -33.81 5.87
O5' AP7 A 7 7.35 -32.87 5.51
OP1 AP7 A 7 8.52 -32.90 7.71
OP2 AP7 A 7 9.10 -31.16 5.97
P AP7 A 7 8.07 -32.00 6.63
H1' AP7 A 7 3.46 -32.08 3.08
H1 AP7 A 7 4.11 -28.29 -1.54
H2 AP7 A 7 2.48 -29.66 -0.80
H61 AP7 A 7 7.44 -28.01 -0.33
H62 AP7 A 7 6.26 -27.44 -1.49
H8 AP7 A 7 7.17 -31.41 3.24
H2' AP7 A 7 5.11 -33.78 1.50
HO2' AP7 A 7 3.62 -35.33 2.06
H3' AP7 A 7 6.69 -34.04 3.25
H4' AP7 A 7 4.42 -34.46 5.18
H5'' AP7 A 7 6.74 -34.82 5.95
H5' AP7 A 7 5.90 -33.55 6.84
N ALA B 1 4.23 49.49 28.69
CA ALA B 1 3.95 48.27 29.43
C ALA B 1 5.27 47.57 29.79
N THR B 2 6.03 47.24 28.76
CA THR B 2 7.31 46.57 28.95
C THR B 2 7.10 45.20 29.59
N VAL B 3 7.83 44.23 29.07
CA VAL B 3 7.74 42.87 29.59
C VAL B 3 6.34 42.33 29.34
N VAL B 4 6.20 41.65 28.20
CA VAL B 4 4.90 41.08 27.84
C VAL B 4 5.13 39.69 27.23
N SER B 5 6.08 39.62 26.32
CA SER B 5 6.40 38.35 25.67
C SER B 5 7.58 38.55 24.71
N GLY B 6 8.42 37.52 24.63
CA GLY B 6 9.57 37.58 23.75
C GLY B 6 10.48 36.36 23.97
N GLN B 7 11.10 35.92 22.89
CA GLN B 7 11.98 34.77 22.95
C GLN B 7 12.87 34.72 21.71
N LYS B 8 12.22 34.64 20.55
CA LYS B 8 12.93 34.57 19.29
C LYS B 8 13.87 33.38 19.29
N GLN B 9 13.29 32.20 19.08
CA GLN B 9 14.07 30.97 19.06
C GLN B 9 14.00 30.33 17.67
N ASP B 10 15.17 30.01 17.15
CA ASP B 10 15.27 29.39 15.84
C ASP B 10 14.91 27.91 15.95
N ARG B 11 14.35 27.38 14.86
CA ARG B 11 13.96 25.99 14.83
C ARG B 11 13.34 25.64 13.47
N GLN B 12 14.19 25.11 12.60
CA GLN B 12 13.74 24.73 11.27
C GLN B 12 14.28 23.35 10.90
N GLY B 13 13.80 22.84 9.78
CA GLY B 13 14.22 21.53 9.30
C GLY B 13 13.04 20.58 9.16
N GLY B 14 12.44 20.60 7.99
CA GLY B 14 11.29 19.75 7.71
C GLY B 14 11.35 19.19 6.29
N GLU B 15 12.37 18.37 6.05
CA GLU B 15 12.55 17.76 4.74
C GLU B 15 12.18 16.28 4.79
N ARG B 16 11.03 15.97 4.17
CA ARG B 16 10.55 14.60 4.13
C ARG B 16 9.77 14.35 2.85
N ARG B 17 9.89 13.13 2.34
CA ARG B 17 9.20 12.75 1.13
C ARG B 17 8.36 11.50 1.36
N ARG B 18 7.46 11.24 0.42
CA ARG B 18 6.60 10.08 0.51
C ARG B 18 6.90 9.09 -0.62
N SER B 19 8.08 8.49 -0.53
CA SER B 19 8.50 7.53 -1.54
C SER B 19 8.43 8.16 -2.93
N GLN B 20 8.78 9.45 -2.98
CA GLN B 20 8.75 10.17 -4.24
C GLN B 20 7.35 10.12 -4.87
N LEU B 21 6.35 10.15 -4.00
CA LEU B 21 4.98 10.10 -4.45
C LEU B 21 4.79 11.05 -5.63
N ASP B 22 3.96 10.62 -6.58
CA ASP B 22 3.69 11.42 -7.76
C ASP B 22 2.20 11.77 -7.81
N ARG B 23 1.92 12.88 -8.48
CA ARG B 23 0.55 13.34 -8.61
C ARG B 23 -0.27 12.36 -9.46
N ASP B 24 0.43 11.36 -9.98
CA ASP B 24 -0.22 10.35 -10.80
C ASP B 24 0.25 8.96 -10.37
N GLN B 25 0.57 8.86 -9.08
CA GLN B 25 1.03 7.60 -8.53
C GLN B 25 0.10 7.15 -7.40
N CYS B 26 0.29 5.90 -6.99
CA CYS B 26 -0.53 5.34 -5.92
C CYS B 26 0.31 5.31 -4.65
N ALA B 27 -0.29 5.77 -3.56
CA ALA B 27 0.40 5.81 -2.28
C ALA B 27 0.03 4.55 -1.49
N TYR B 28 -0.20 3.48 -2.22
CA TYR B 28 -0.56 2.21 -1.60
C TYR B 28 0.27 1.06 -2.18
N CYS B 29 0.16 0.90 -3.50
CA CYS B 29 0.88 -0.16 -4.19
C CYS B 29 2.09 0.48 -4.89
N LYS B 30 2.08 1.80 -4.93
CA LYS B 30 3.17 2.54 -5.56
C LYS B 30 3.05 2.41 -7.08
N GLU B 31 1.83 2.13 -7.52
CA GLU B 31 1.57 1.97 -8.95
C GLU B 31 1.22 3.33 -9.57
N LYS B 32 1.73 3.53 -10.78
CA LYS B 32 1.47 4.77 -11.49
C LYS B 32 0.28 4.57 -12.43
N GLY B 33 -0.70 5.46 -12.30
CA GLY B 33 -1.89 5.41 -13.12
C GLY B 33 -3.14 5.77 -12.31
N HIS B 34 -3.24 5.14 -11.14
CA HIS B 34 -4.38 5.38 -10.27
C HIS B 34 -3.89 6.03 -8.96
N TRP B 35 -4.85 6.37 -8.12
CA TRP B 35 -4.54 7.00 -6.85
C TRP B 35 -4.79 5.97 -5.73
N ALA B 36 -4.28 6.28 -4.56
CA ALA B 36 -4.45 5.41 -3.41
C ALA B 36 -5.94 5.21 -3.13
N LYS B 37 -6.68 6.31 -3.28
CA LYS B 37 -8.11 6.28 -3.05
C LYS B 37 -8.79 5.50 -4.18
N ASP B 38 -7.97 5.08 -5.13
CA ASP B 38 -8.48 4.32 -6.28
C ASP B 38 -7.64 3.06 -6.45
N CYS B 39 -6.94 2.69 -5.39
CA CYS B 39 -6.09 1.51 -5.42
C CYS B 39 -7.00 0.27 -5.55
N PRO B 40 -6.61 -0.62 -6.50
CA PRO B 40 -7.37 -1.84 -6.74
C PRO B 40 -7.12 -2.86 -5.63
N LYS B 41 -6.29 -2.46 -4.67
CA LYS B 41 -5.98 -3.33 -3.55
C LYS B 41 -6.96 -3.06 -2.40
N LYS B 42 -7.54 -1.87 -2.43
CA LYS B 42 -8.49 -1.48 -1.40
C LYS B 42 -9.55 -2.58 -1.24
N PRO B 43 -9.42 -3.33 -0.11
CA PRO B 43 -10.36 -4.41 0.17
C PRO B 43 -11.70 -3.87 0.63
N ARG B 44 -12.71 -4.73 0.55
CA ARG B 44 -14.06 -4.35 0.95
C ARG B 44 -15.03 -5.52 0.73
N GLY B 45 -16.02 -5.58 1.59
CA GLY B 45 -17.03 -6.64 1.50
C GLY B 45 -17.76 -6.58 0.16
N PRO B 46 -18.58 -7.64 -0.09
CA PRO B 46 -18.71 -8.73 0.86
C PRO B 46 -17.47 -9.63 0.84
N ARG B 47 -17.56 -10.71 1.59
CA ARG B 47 -16.46 -11.66 1.67
C ARG B 47 -16.40 -12.51 0.40
N GLY B 48 -15.26 -13.16 0.21
CA GLY B 48 -15.06 -14.00 -0.96
C GLY B 48 -15.68 -15.38 -0.74
N PRO B 49 -14.79 -16.38 -0.50
CA PRO B 49 -15.24 -17.75 -0.28
C PRO B 49 -15.82 -17.91 1.12
N ARG B 50 -16.35 -19.10 1.38
CA ARG B 50 -16.96 -19.38 2.67
C ARG B 50 -16.62 -20.82 3.10
N PRO B 51 -16.11 -20.92 4.36
CA PRO B 51 -15.75 -22.22 4.90
C PRO B 51 -16.98 -23.03 5.29
N GLN B 52 -16.76 -24.30 5.58
CA GLN B 52 -17.85 -25.18 5.97
C GLN B 52 -17.32 -26.59 6.26
N THR B 53 -17.69 -27.09 7.43
CA THR B 53 -17.25 -28.41 7.85
C THR B 53 -18.46 -29.27 8.25
N SER B 54 -18.19 -30.55 8.43
CA SER B 54 -19.24 -31.48 8.82
C SER B 54 -18.63 -32.72 9.47
N LEU B 55 -18.85 -32.83 10.77
CA LEU B 55 -18.32 -33.94 11.53
C LEU B 55 -16.80 -34.00 11.38
N LEU B 56 -16.12 -33.69 12.47
CA LEU B 56 -14.66 -33.70 12.47
C LEU B 56 -14.16 -33.63 13.92
ZN ZN C . -2.66 1.31 -5.95
C1' AP7 A 7 13.98 -30.11 5.91
N1 AP7 A 7 12.54 -27.16 9.87
C2 AP7 A 7 13.75 -27.41 9.33
N3 AP7 A 7 14.06 -28.20 8.28
C4 AP7 A 7 12.92 -28.77 7.79
C5 AP7 A 7 11.64 -28.62 8.24
C6 AP7 A 7 11.45 -27.76 9.35
N6 AP7 A 7 10.24 -27.50 9.91
N7 AP7 A 7 10.76 -29.35 7.50
C8 AP7 A 7 11.54 -29.95 6.60
N9 AP7 A 7 12.84 -29.63 6.73
C2' AP7 A 7 14.62 -31.40 6.44
O2' AP7 A 7 15.99 -31.55 6.16
C3' AP7 A 7 13.98 -32.42 5.53
O3' AP7 A 7 14.74 -33.62 5.50
C4' AP7 A 7 13.98 -31.78 4.15
O4' AP7 A 7 13.55 -30.49 4.62
C5' AP7 A 7 12.96 -32.35 3.19
O5' AP7 A 7 11.64 -32.01 3.61
OP1 AP7 A 7 10.58 -32.56 1.42
OP2 AP7 A 7 9.27 -31.36 3.22
P AP7 A 7 10.56 -31.57 2.52
H1' AP7 A 7 14.74 -29.33 5.85
H1 AP7 A 7 12.46 -26.53 10.66
H2 AP7 A 7 14.53 -26.87 9.84
H61 AP7 A 7 9.40 -27.94 9.54
H62 AP7 A 7 10.17 -26.87 10.70
H8 AP7 A 7 11.21 -30.64 5.82
H2' AP7 A 7 14.33 -31.62 7.47
HO2' AP7 A 7 16.14 -31.29 5.26
H3' AP7 A 7 12.98 -32.68 5.84
H4' AP7 A 7 14.98 -31.91 3.73
H5'' AP7 A 7 13.09 -33.44 3.18
H5' AP7 A 7 13.17 -31.97 2.19
N ALA B 1 -17.50 -33.53 10.23
CA ALA B 1 -18.36 -33.76 11.37
C ALA B 1 -18.96 -32.43 11.82
N THR B 2 -18.08 -31.51 12.20
CA THR B 2 -18.51 -30.20 12.65
C THR B 2 -17.76 -29.10 11.89
N VAL B 3 -18.17 -27.86 12.14
CA VAL B 3 -17.55 -26.72 11.50
C VAL B 3 -18.13 -25.43 12.07
N VAL B 4 -17.27 -24.44 12.22
CA VAL B 4 -17.67 -23.15 12.76
C VAL B 4 -16.93 -22.04 12.02
N SER B 5 -17.69 -21.00 11.67
CA SER B 5 -17.11 -19.86 10.96
C SER B 5 -16.16 -19.10 11.89
N GLY B 6 -15.12 -18.55 11.29
CA GLY B 6 -14.13 -17.80 12.03
C GLY B 6 -13.96 -16.39 11.45
N GLN B 7 -13.28 -15.55 12.22
CA GLN B 7 -13.03 -14.18 11.78
C GLN B 7 -11.77 -13.63 12.45
N LYS B 8 -11.20 -12.63 11.82
CA LYS B 8 -9.99 -12.01 12.34
C LYS B 8 -9.99 -10.52 11.99
N GLN B 9 -9.24 -9.76 12.77
CA GLN B 9 -9.15 -8.32 12.57
C GLN B 9 -7.73 -7.83 12.85
N ASP B 10 -7.41 -6.68 12.26
CA ASP B 10 -6.09 -6.10 12.43
C ASP B 10 -6.21 -4.57 12.41
N ARG B 11 -5.17 -3.92 12.93
CA ARG B 11 -5.15 -2.47 12.97
C ARG B 11 -3.88 -1.94 12.30
N GLN B 12 -2.74 -2.46 12.75
CA GLN B 12 -1.46 -2.05 12.21
C GLN B 12 -1.23 -0.57 12.47
N GLY B 13 0.02 -0.16 12.31
CA GLY B 13 0.40 1.23 12.52
C GLY B 13 0.38 2.01 11.20
N GLY B 14 1.42 2.81 11.03
CA GLY B 14 1.55 3.62 9.82
C GLY B 14 2.94 4.25 9.74
N GLU B 15 3.17 4.92 8.62
CA GLU B 15 4.44 5.58 8.39
C GLU B 15 4.32 6.64 7.29
N ARG B 16 5.42 7.33 7.04
CA ARG B 16 5.45 8.36 6.02
C ARG B 16 6.77 8.33 5.26
N ARG B 17 6.66 8.26 3.94
CA ARG B 17 7.84 8.22 3.09
C ARG B 17 7.44 8.08 1.62
N ARG B 18 7.42 9.22 0.94
CA ARG B 18 7.05 9.25 -0.47
C ARG B 18 8.27 8.96 -1.34
N SER B 19 9.07 8.00 -0.91
CA SER B 19 10.27 7.63 -1.64
C SER B 19 10.01 7.70 -3.14
N GLN B 20 8.83 7.23 -3.52
CA GLN B 20 8.44 7.23 -4.92
C GLN B 20 6.94 7.47 -5.07
N LEU B 21 6.48 8.54 -4.42
CA LEU B 21 5.07 8.88 -4.45
C LEU B 21 4.87 10.07 -5.41
N ASP B 22 4.66 9.73 -6.68
CA ASP B 22 4.46 10.75 -7.69
C ASP B 22 3.04 11.30 -7.57
N ARG B 23 2.86 12.52 -8.06
CA ARG B 23 1.56 13.17 -8.02
C ARG B 23 0.56 12.41 -8.88
N ASP B 24 1.08 11.47 -9.66
CA ASP B 24 0.24 10.66 -10.53
C ASP B 24 0.50 9.18 -10.25
N GLN B 25 0.86 8.90 -9.01
CA GLN B 25 1.16 7.53 -8.61
C GLN B 25 0.20 7.10 -7.49
N CYS B 26 0.35 5.85 -7.07
CA CYS B 26 -0.48 5.31 -6.01
C CYS B 26 0.32 5.36 -4.70
N ALA B 27 -0.34 5.86 -3.67
CA ALA B 27 0.29 5.97 -2.36
C ALA B 27 -0.03 4.71 -1.55
N TYR B 28 -0.37 3.65 -2.25
CA TYR B 28 -0.70 2.39 -1.61
C TYR B 28 0.19 1.26 -2.13
N CYS B 29 0.09 1.02 -3.43
CA CYS B 29 0.89 -0.02 -4.06
C CYS B 29 2.08 0.63 -4.75
N LYS B 30 1.91 1.90 -5.08
CA LYS B 30 2.97 2.65 -5.75
C LYS B 30 2.65 2.75 -7.24
N GLU B 31 1.88 1.77 -7.71
CA GLU B 31 1.51 1.72 -9.12
C GLU B 31 1.20 3.13 -9.63
N LYS B 32 1.65 3.40 -10.85
CA LYS B 32 1.43 4.70 -11.46
C LYS B 32 0.20 4.64 -12.34
N GLY B 33 -0.64 5.65 -12.21
CA GLY B 33 -1.86 5.72 -13.01
C GLY B 33 -3.08 5.99 -12.10
N HIS B 34 -3.19 5.18 -11.06
CA HIS B 34 -4.29 5.31 -10.13
C HIS B 34 -3.76 5.79 -8.78
N TRP B 35 -4.64 6.40 -8.01
CA TRP B 35 -4.28 6.91 -6.71
C TRP B 35 -4.67 5.86 -5.66
N ALA B 36 -4.17 6.04 -4.45
CA ALA B 36 -4.46 5.12 -3.37
C ALA B 36 -5.96 5.06 -3.14
N LYS B 37 -6.60 6.21 -3.31
CA LYS B 37 -8.05 6.30 -3.13
C LYS B 37 -8.75 5.50 -4.22
N ASP B 38 -7.95 5.05 -5.19
CA ASP B 38 -8.49 4.27 -6.29
C ASP B 38 -7.63 3.02 -6.49
N CYS B 39 -7.01 2.58 -5.40
CA CYS B 39 -6.17 1.41 -5.43
C CYS B 39 -7.07 0.16 -5.46
N PRO B 40 -6.74 -0.77 -6.38
CA PRO B 40 -7.50 -2.00 -6.52
C PRO B 40 -7.19 -2.97 -5.38
N LYS B 41 -6.32 -2.51 -4.49
CA LYS B 41 -5.93 -3.33 -3.35
C LYS B 41 -6.89 -3.09 -2.19
N LYS B 42 -7.53 -1.93 -2.23
CA LYS B 42 -8.49 -1.56 -1.20
C LYS B 42 -9.54 -2.66 -1.07
N PRO B 43 -9.46 -3.41 0.05
CA PRO B 43 -10.40 -4.48 0.31
C PRO B 43 -11.77 -3.94 0.73
N ARG B 44 -12.71 -4.85 0.92
CA ARG B 44 -14.05 -4.47 1.32
C ARG B 44 -14.68 -5.57 2.18
N GLY B 45 -15.19 -5.15 3.33
CA GLY B 45 -15.83 -6.09 4.25
C GLY B 45 -17.29 -5.71 4.50
N PRO B 46 -17.96 -6.56 5.32
CA PRO B 46 -17.32 -7.73 5.89
C PRO B 46 -17.14 -8.82 4.84
N ARG B 47 -18.23 -9.13 4.15
CA ARG B 47 -18.22 -10.15 3.13
C ARG B 47 -17.43 -11.38 3.61
N GLY B 48 -18.14 -12.25 4.32
CA GLY B 48 -17.52 -13.46 4.84
C GLY B 48 -18.50 -14.64 4.79
N PRO B 49 -18.59 -15.25 3.59
CA PRO B 49 -19.47 -16.39 3.40
C PRO B 49 -18.90 -17.65 4.05
N ARG B 50 -19.69 -18.72 4.00
CA ARG B 50 -19.28 -19.98 4.57
C ARG B 50 -20.34 -21.05 4.33
N PRO B 51 -19.88 -22.23 3.85
CA PRO B 51 -20.78 -23.34 3.58
C PRO B 51 -21.24 -24.00 4.87
N GLN B 52 -22.25 -24.86 4.73
CA GLN B 52 -22.79 -25.57 5.88
C GLN B 52 -23.52 -26.83 5.42
N THR B 53 -23.74 -27.73 6.38
CA THR B 53 -24.43 -28.97 6.08
C THR B 53 -25.33 -29.38 7.26
N SER B 54 -26.31 -30.21 6.95
CA SER B 54 -27.24 -30.67 7.97
C SER B 54 -27.04 -32.17 8.21
N LEU B 55 -27.65 -32.65 9.29
CA LEU B 55 -27.55 -34.05 9.65
C LEU B 55 -28.95 -34.59 9.97
N LEU B 56 -29.01 -35.90 10.19
CA LEU B 56 -30.27 -36.55 10.51
C LEU B 56 -30.21 -37.08 11.94
ZN ZN C . -2.62 1.25 -5.98
C1' AP7 A 7 11.85 -14.58 29.14
N1 AP7 A 7 9.55 -16.83 25.11
C2 AP7 A 7 9.08 -16.37 26.28
N3 AP7 A 7 9.74 -15.79 27.31
C4 AP7 A 7 11.06 -15.71 27.00
C5 AP7 A 7 11.69 -16.11 25.87
C6 AP7 A 7 10.89 -16.71 24.87
N6 AP7 A 7 11.36 -17.18 23.68
N7 AP7 A 7 13.03 -15.85 25.93
C8 AP7 A 7 13.19 -15.28 27.11
N9 AP7 A 7 12.04 -15.17 27.80
C2' AP7 A 7 11.99 -15.61 30.28
O2' AP7 A 7 11.12 -15.41 31.37
C3' AP7 A 7 13.33 -15.22 30.83
O3' AP7 A 7 13.47 -15.65 32.18
C4' AP7 A 7 13.36 -13.69 30.79
O4' AP7 A 7 12.86 -13.65 29.45
C5' AP7 A 7 14.74 -13.09 30.82
O5' AP7 A 7 15.44 -13.40 29.62
OP1 AP7 A 7 17.28 -11.74 29.86
OP2 AP7 A 7 16.89 -12.89 27.65
P AP7 A 7 16.32 -12.29 28.88
H1' AP7 A 7 10.86 -14.11 29.20
H1 AP7 A 7 8.94 -17.25 24.43
H2 AP7 A 7 8.01 -16.52 26.35
H61 AP7 A 7 12.35 -17.10 23.46
H62 AP7 A 7 10.73 -17.58 23.01
H8 AP7 A 7 14.13 -14.93 27.52
H2' AP7 A 7 12.04 -16.62 29.91
HO2' AP7 A 7 10.65 -16.23 31.53
H3' AP7 A 7 14.16 -15.64 30.26
H4' AP7 A 7 12.80 -13.34 31.66
H5'' AP7 A 7 15.27 -13.48 31.69
H5' AP7 A 7 14.65 -12.00 30.94
N ALA B 1 34.90 26.13 8.79
CA ALA B 1 34.28 26.45 10.07
C ALA B 1 32.77 26.19 9.96
N THR B 2 32.15 26.04 11.13
CA THR B 2 30.71 25.80 11.18
C THR B 2 29.95 26.91 10.47
N VAL B 3 29.34 26.54 9.35
CA VAL B 3 28.58 27.50 8.57
C VAL B 3 27.33 26.82 8.00
N VAL B 4 26.27 27.61 7.89
CA VAL B 4 25.01 27.09 7.38
C VAL B 4 24.95 27.32 5.86
N SER B 5 24.88 26.21 5.14
CA SER B 5 24.81 26.27 3.69
C SER B 5 26.05 26.98 3.14
N GLY B 6 25.97 28.30 3.11
CA GLY B 6 27.07 29.11 2.61
C GLY B 6 27.67 28.50 1.35
N GLN B 7 28.94 28.14 1.44
CA GLN B 7 29.65 27.54 0.32
C GLN B 7 29.25 26.07 0.16
N LYS B 8 30.06 25.35 -0.59
CA LYS B 8 29.80 23.94 -0.83
C LYS B 8 30.92 23.11 -0.19
N GLN B 9 30.63 22.60 0.99
CA GLN B 9 31.61 21.79 1.71
C GLN B 9 31.16 20.33 1.73
N ASP B 10 32.14 19.44 1.89
CA ASP B 10 31.86 18.02 1.95
C ASP B 10 30.93 17.72 3.12
N ARG B 11 29.88 16.97 2.83
CA ARG B 11 28.91 16.60 3.85
C ARG B 11 28.50 15.14 3.69
N GLN B 12 27.75 14.66 4.68
CA GLN B 12 27.28 13.28 4.65
C GLN B 12 25.80 13.23 5.02
N GLY B 13 24.97 13.51 4.03
CA GLY B 13 23.53 13.49 4.22
C GLY B 13 22.90 12.25 3.57
N GLY B 14 21.83 11.77 4.20
CA GLY B 14 21.14 10.60 3.70
C GLY B 14 20.02 11.00 2.73
N GLU B 15 18.81 10.53 3.04
CA GLU B 15 17.65 10.83 2.22
C GLU B 15 16.47 9.98 2.66
N ARG B 16 15.34 10.22 1.99
CA ARG B 16 14.12 9.49 2.30
C ARG B 16 13.14 9.57 1.13
N ARG B 17 12.43 10.69 1.08
CA ARG B 17 11.45 10.91 0.02
C ARG B 17 10.37 9.82 0.05
N ARG B 18 9.17 10.22 -0.29
CA ARG B 18 8.04 9.30 -0.30
C ARG B 18 8.07 8.45 -1.57
N SER B 19 9.22 7.82 -1.79
CA SER B 19 9.39 6.97 -2.95
C SER B 19 8.97 7.72 -4.22
N GLN B 20 9.26 9.02 -4.23
CA GLN B 20 8.91 9.86 -5.37
C GLN B 20 7.41 9.83 -5.60
N LEU B 21 6.67 9.88 -4.50
CA LEU B 21 5.22 9.87 -4.58
C LEU B 21 4.75 10.91 -5.60
N ASP B 22 4.55 10.45 -6.83
CA ASP B 22 4.11 11.32 -7.89
C ASP B 22 2.67 11.76 -7.63
N ARG B 23 2.32 12.92 -8.17
CA ARG B 23 0.99 13.46 -8.01
C ARG B 23 -0.04 12.59 -8.73
N ASP B 24 0.48 11.61 -9.47
CA ASP B 24 -0.37 10.70 -10.22
C ASP B 24 0.09 9.26 -9.98
N GLN B 25 0.73 9.07 -8.84
CA GLN B 25 1.22 7.75 -8.48
C GLN B 25 0.52 7.25 -7.21
N CYS B 26 0.09 6.00 -7.27
CA CYS B 26 -0.59 5.39 -6.13
C CYS B 26 0.35 5.40 -4.94
N ALA B 27 -0.17 5.87 -3.82
CA ALA B 27 0.62 5.93 -2.59
C ALA B 27 0.31 4.72 -1.72
N TYR B 28 -0.13 3.65 -2.38
CA TYR B 28 -0.47 2.43 -1.68
C TYR B 28 0.35 1.24 -2.22
N CYS B 29 0.09 0.92 -3.49
CA CYS B 29 0.79 -0.18 -4.12
C CYS B 29 1.99 0.39 -4.88
N LYS B 30 2.03 1.72 -4.96
CA LYS B 30 3.11 2.39 -5.66
C LYS B 30 2.93 2.24 -7.17
N GLU B 31 1.69 1.99 -7.55
CA GLU B 31 1.36 1.82 -8.96
C GLU B 31 1.00 3.16 -9.58
N LYS B 32 1.83 3.59 -10.53
CA LYS B 32 1.61 4.85 -11.21
C LYS B 32 0.44 4.70 -12.19
N GLY B 33 -0.52 5.60 -12.07
CA GLY B 33 -1.69 5.58 -12.94
C GLY B 33 -2.97 5.89 -12.14
N HIS B 34 -3.18 5.11 -11.10
CA HIS B 34 -4.34 5.29 -10.25
C HIS B 34 -3.92 5.85 -8.89
N TRP B 35 -4.89 6.43 -8.20
CA TRP B 35 -4.62 7.02 -6.90
C TRP B 35 -4.91 5.95 -5.84
N ALA B 36 -4.31 6.15 -4.67
CA ALA B 36 -4.49 5.22 -3.57
C ALA B 36 -5.98 5.13 -3.21
N LYS B 37 -6.66 6.26 -3.37
CA LYS B 37 -8.08 6.32 -3.07
C LYS B 37 -8.85 5.44 -4.07
N ASP B 38 -8.12 5.00 -5.10
CA ASP B 38 -8.72 4.16 -6.12
C ASP B 38 -7.85 2.92 -6.34
N CYS B 39 -7.11 2.58 -5.29
CA CYS B 39 -6.22 1.42 -5.35
C CYS B 39 -7.09 0.16 -5.35
N PRO B 40 -6.73 -0.77 -6.27
CA PRO B 40 -7.46 -2.03 -6.38
C PRO B 40 -7.11 -2.98 -5.24
N LYS B 41 -6.26 -2.49 -4.34
CA LYS B 41 -5.84 -3.27 -3.21
C LYS B 41 -6.82 -3.07 -2.05
N LYS B 42 -7.47 -1.91 -2.07
CA LYS B 42 -8.43 -1.58 -1.04
C LYS B 42 -9.30 -2.80 -0.74
N PRO B 43 -8.96 -3.48 0.39
CA PRO B 43 -9.71 -4.66 0.79
C PRO B 43 -11.07 -4.29 1.38
N ARG B 44 -11.04 -3.35 2.32
CA ARG B 44 -12.26 -2.90 2.95
C ARG B 44 -13.09 -2.06 1.98
N GLY B 45 -13.96 -2.76 1.24
CA GLY B 45 -14.81 -2.11 0.28
C GLY B 45 -16.27 -2.56 0.43
N PRO B 46 -17.19 -1.71 -0.07
CA PRO B 46 -16.80 -0.46 -0.70
C PRO B 46 -16.36 0.58 0.35
N ARG B 47 -17.01 0.51 1.51
CA ARG B 47 -16.71 1.42 2.59
C ARG B 47 -17.45 1.00 3.87
N GLY B 48 -16.67 0.76 4.91
CA GLY B 48 -17.24 0.36 6.18
C GLY B 48 -16.95 1.39 7.27
N PRO B 49 -17.93 2.31 7.47
CA PRO B 49 -17.80 3.35 8.47
C PRO B 49 -17.98 2.79 9.88
N ARG B 50 -17.28 3.39 10.83
CA ARG B 50 -17.36 2.96 12.21
C ARG B 50 -18.10 4.01 13.04
N PRO B 51 -19.28 3.60 13.56
CA PRO B 51 -20.10 4.49 14.37
C PRO B 51 -19.50 4.64 15.77
N GLN B 52 -20.19 5.43 16.58
CA GLN B 52 -19.74 5.68 17.95
C GLN B 52 -20.87 6.29 18.78
N THR B 53 -20.72 6.17 20.09
CA THR B 53 -21.72 6.71 21.01
C THR B 53 -21.09 7.01 22.37
N SER B 54 -20.08 7.87 22.35
CA SER B 54 -19.39 8.24 23.56
C SER B 54 -18.49 9.45 23.31
N LEU B 55 -18.10 10.10 24.39
CA LEU B 55 -17.24 11.26 24.30
C LEU B 55 -15.83 10.90 24.76
N LEU B 56 -15.78 10.18 25.88
CA LEU B 56 -14.51 9.77 26.44
C LEU B 56 -14.72 8.52 27.30
ZN ZN C . -2.69 1.27 -5.98
C1' AP7 A 7 23.61 -1.42 25.31
N1 AP7 A 7 19.72 -4.78 24.86
C2 AP7 A 7 19.94 -3.75 25.70
N3 AP7 A 7 20.98 -2.90 25.77
C4 AP7 A 7 21.89 -3.23 24.80
C5 AP7 A 7 21.82 -4.24 23.90
C6 AP7 A 7 20.67 -5.06 23.92
N6 AP7 A 7 20.46 -6.10 23.08
N7 AP7 A 7 22.93 -4.25 23.09
C8 AP7 A 7 23.67 -3.23 23.54
N9 AP7 A 7 23.08 -2.59 24.58
C2' AP7 A 7 24.48 -1.80 26.51
O2' AP7 A 7 24.46 -0.89 27.58
C3' AP7 A 7 25.84 -1.59 25.93
O3' AP7 A 7 26.83 -1.43 26.96
C4' AP7 A 7 25.75 -0.31 25.11
O4' AP7 A 7 24.49 -0.67 24.51
C5' AP7 A 7 26.81 -0.17 24.05
O5' AP7 A 7 26.66 -1.18 23.06
OP1 AP7 A 7 28.23 -0.20 21.39
OP2 AP7 A 7 26.66 -2.08 20.73
P AP7 A 7 26.90 -0.85 21.52
H1' AP7 A 7 22.78 -0.80 25.65
H1 AP7 A 7 18.89 -5.34 24.92
H2 AP7 A 7 19.11 -3.64 26.38
H61 AP7 A 7 21.15 -6.33 22.38
H62 AP7 A 7 19.61 -6.65 23.16
H8 AP7 A 7 24.62 -2.92 23.15
H2' AP7 A 7 24.37 -2.84 26.80
HO2' AP7 A 7 24.51 0.00 27.24
H3' AP7 A 7 26.18 -2.43 25.31
H4' AP7 A 7 25.83 0.53 25.81
H5'' AP7 A 7 27.79 -0.23 24.52
H5' AP7 A 7 26.73 0.83 23.60
N ALA B 1 -11.08 9.05 23.14
CA ALA B 1 -11.98 8.67 22.08
C ALA B 1 -11.54 7.32 21.51
N THR B 2 -12.21 6.28 21.96
CA THR B 2 -11.90 4.93 21.51
C THR B 2 -12.46 4.70 20.11
N VAL B 3 -11.56 4.58 19.16
CA VAL B 3 -11.95 4.36 17.77
C VAL B 3 -12.01 2.86 17.50
N VAL B 4 -10.91 2.18 17.80
CA VAL B 4 -10.83 0.75 17.60
C VAL B 4 -9.59 0.20 18.33
N SER B 5 -8.50 0.95 18.21
CA SER B 5 -7.26 0.54 18.87
C SER B 5 -6.80 1.64 19.82
N GLY B 6 -5.97 1.23 20.78
CA GLY B 6 -5.45 2.17 21.77
C GLY B 6 -4.03 2.60 21.40
N GLN B 7 -3.77 3.88 21.61
CA GLN B 7 -2.45 4.44 21.32
C GLN B 7 -2.27 5.77 22.05
N LYS B 8 -1.00 6.10 22.30
CA LYS B 8 -0.67 7.34 22.98
C LYS B 8 0.79 7.69 22.71
N GLN B 9 0.98 8.89 22.18
CA GLN B 9 2.32 9.36 21.86
C GLN B 9 2.85 8.65 20.62
N ASP B 10 2.69 9.31 19.48
CA ASP B 10 3.15 8.75 18.22
C ASP B 10 2.88 9.75 17.10
N ARG B 11 3.88 9.91 16.23
CA ARG B 11 3.76 10.83 15.11
C ARG B 11 4.85 10.54 14.08
N GLN B 12 4.60 11.01 12.86
CA GLN B 12 5.55 10.81 11.78
C GLN B 12 5.23 11.75 10.62
N GLY B 13 6.29 12.26 9.99
CA GLY B 13 6.14 13.17 8.87
C GLY B 13 6.49 12.48 7.55
N GLY B 14 6.77 13.29 6.55
CA GLY B 14 7.13 12.78 5.24
C GLY B 14 8.58 12.28 5.22
N GLU B 15 8.71 10.97 5.08
CA GLU B 15 10.03 10.35 5.05
C GLU B 15 9.91 8.88 4.63
N ARG B 16 10.85 8.47 3.78
CA ARG B 16 10.86 7.10 3.29
C ARG B 16 9.50 6.73 2.70
N ARG B 17 9.43 5.52 2.20
CA ARG B 17 8.19 5.02 1.60
C ARG B 17 7.88 5.78 0.31
N ARG B 18 7.82 7.10 0.44
CA ARG B 18 7.54 7.95 -0.70
C ARG B 18 8.75 8.01 -1.64
N SER B 19 9.41 6.87 -1.78
CA SER B 19 10.59 6.78 -2.62
C SER B 19 10.51 7.84 -3.73
N GLN B 20 9.30 7.99 -4.27
CA GLN B 20 9.10 8.95 -5.34
C GLN B 20 7.59 9.16 -5.56
N LEU B 21 6.87 9.33 -4.46
CA LEU B 21 5.44 9.55 -4.54
C LEU B 21 5.12 10.60 -5.59
N ASP B 22 4.82 10.13 -6.79
CA ASP B 22 4.51 11.02 -7.90
C ASP B 22 3.04 11.43 -7.80
N ARG B 23 2.77 12.62 -8.31
CA ARG B 23 1.41 13.15 -8.30
C ARG B 23 0.48 12.24 -9.11
N ASP B 24 1.09 11.34 -9.87
CA ASP B 24 0.33 10.42 -10.69
C ASP B 24 0.68 8.98 -10.29
N GLN B 25 1.03 8.83 -9.02
CA GLN B 25 1.38 7.51 -8.51
C GLN B 25 0.38 7.07 -7.44
N CYS B 26 0.58 5.86 -6.94
CA CYS B 26 -0.28 5.31 -5.91
C CYS B 26 0.46 5.36 -4.58
N ALA B 27 -0.24 5.85 -3.57
CA ALA B 27 0.34 5.95 -2.23
C ALA B 27 0.01 4.68 -1.44
N TYR B 28 -0.31 3.63 -2.18
CA TYR B 28 -0.65 2.36 -1.56
C TYR B 28 0.25 1.24 -2.11
N CYS B 29 0.12 1.00 -3.41
CA CYS B 29 0.89 -0.04 -4.06
C CYS B 29 2.07 0.62 -4.77
N LYS B 30 1.92 1.92 -5.03
CA LYS B 30 2.96 2.68 -5.70
C LYS B 30 2.63 2.79 -7.19
N GLU B 31 1.90 1.79 -7.66
CA GLU B 31 1.51 1.76 -9.06
C GLU B 31 1.25 3.17 -9.58
N LYS B 32 1.49 3.35 -10.87
CA LYS B 32 1.28 4.65 -11.49
C LYS B 32 0.05 4.59 -12.39
N GLY B 33 -0.74 5.66 -12.33
CA GLY B 33 -1.94 5.74 -13.13
C GLY B 33 -3.17 5.99 -12.25
N HIS B 34 -3.24 5.22 -11.16
CA HIS B 34 -4.35 5.35 -10.23
C HIS B 34 -3.84 5.88 -8.89
N TRP B 35 -4.77 6.39 -8.09
CA TRP B 35 -4.43 6.93 -6.79
C TRP B 35 -4.77 5.88 -5.74
N ALA B 36 -4.25 6.09 -4.55
CA ALA B 36 -4.49 5.17 -3.44
C ALA B 36 -5.99 5.07 -3.18
N LYS B 37 -6.66 6.22 -3.32
CA LYS B 37 -8.09 6.28 -3.10
C LYS B 37 -8.79 5.43 -4.17
N ASP B 38 -8.03 5.03 -5.17
CA ASP B 38 -8.56 4.23 -6.25
C ASP B 38 -7.64 3.03 -6.50
N CYS B 39 -7.01 2.58 -5.42
CA CYS B 39 -6.11 1.44 -5.50
C CYS B 39 -6.94 0.16 -5.49
N PRO B 40 -6.62 -0.74 -6.46
CA PRO B 40 -7.33 -2.00 -6.57
C PRO B 40 -6.89 -2.97 -5.46
N LYS B 41 -6.02 -2.48 -4.59
CA LYS B 41 -5.52 -3.29 -3.50
C LYS B 41 -6.37 -3.02 -2.25
N LYS B 42 -6.95 -1.83 -2.20
CA LYS B 42 -7.78 -1.46 -1.08
C LYS B 42 -9.16 -2.10 -1.23
N PRO B 43 -9.47 -3.03 -0.28
CA PRO B 43 -10.75 -3.72 -0.30
C PRO B 43 -11.88 -2.80 0.17
N ARG B 44 -12.81 -2.54 -0.73
CA ARG B 44 -13.94 -1.68 -0.42
C ARG B 44 -15.20 -2.52 -0.21
N GLY B 45 -16.04 -2.06 0.71
CA GLY B 45 -17.27 -2.75 1.01
C GLY B 45 -17.38 -3.05 2.51
N PRO B 46 -18.55 -3.63 2.88
CA PRO B 46 -19.60 -3.93 1.93
C PRO B 46 -20.33 -2.65 1.50
N ARG B 47 -20.51 -2.50 0.20
CA ARG B 47 -21.18 -1.34 -0.34
C ARG B 47 -22.69 -1.47 -0.17
N GLY B 48 -23.33 -0.34 0.10
CA GLY B 48 -24.77 -0.32 0.30
C GLY B 48 -25.39 0.95 -0.32
N PRO B 49 -26.65 0.79 -0.81
CA PRO B 49 -27.35 1.91 -1.41
C PRO B 49 -27.85 2.89 -0.34
N ARG B 50 -26.92 3.71 0.14
CA ARG B 50 -27.25 4.69 1.15
C ARG B 50 -26.40 5.95 0.98
N PRO B 51 -27.06 7.01 0.47
CA PRO B 51 -26.37 8.28 0.24
C PRO B 51 -26.13 9.02 1.56
N GLN B 52 -25.47 10.16 1.45
CA GLN B 52 -25.18 10.96 2.63
C GLN B 52 -26.05 12.22 2.64
N THR B 53 -27.34 12.01 2.89
CA THR B 53 -28.28 13.10 2.95
C THR B 53 -28.85 13.26 4.36
N SER B 54 -28.76 14.48 4.87
CA SER B 54 -29.26 14.78 6.19
C SER B 54 -29.06 16.26 6.52
N LEU B 55 -29.96 16.78 7.34
CA LEU B 55 -29.90 18.18 7.72
C LEU B 55 -29.13 18.30 9.05
N LEU B 56 -28.76 19.54 9.37
CA LEU B 56 -28.03 19.81 10.59
C LEU B 56 -28.86 20.74 11.48
ZN ZN C . -2.49 1.32 -6.08
C1' AP7 A 7 -7.11 -22.44 23.82
N1 AP7 A 7 -8.72 -21.60 19.00
C2 AP7 A 7 -9.18 -21.19 20.20
N3 AP7 A 7 -8.71 -21.45 21.43
C4 AP7 A 7 -7.60 -22.25 21.34
C5 AP7 A 7 -7.03 -22.73 20.21
C6 AP7 A 7 -7.61 -22.39 18.97
N6 AP7 A 7 -7.15 -22.80 17.77
N7 AP7 A 7 -5.93 -23.50 20.52
C8 AP7 A 7 -5.87 -23.45 21.85
N9 AP7 A 7 -6.86 -22.71 22.39
C2' AP7 A 7 -8.00 -23.48 24.48
O2' AP7 A 7 -8.84 -22.99 25.51
C3' AP7 A 7 -6.99 -24.29 25.24
O3' AP7 A 7 -7.58 -25.01 26.32
C4' AP7 A 7 -6.00 -23.27 25.81
O4' AP7 A 7 -5.92 -22.55 24.57
C5' AP7 A 7 -4.65 -23.84 26.18
O5' AP7 A 7 -3.96 -24.25 25.01
OP1 AP7 A 7 -1.69 -24.42 26.03
OP2 AP7 A 7 -1.97 -24.44 23.51
P AP7 A 7 -2.40 -23.92 24.83
H1' AP7 A 7 -7.55 -21.46 23.94
H1 AP7 A 7 -9.17 -21.33 18.14
H2 AP7 A 7 -10.06 -20.57 20.08
H61 AP7 A 7 -6.32 -23.39 17.72
H62 AP7 A 7 -7.61 -22.51 16.92
H8 AP7 A 7 -5.13 -23.95 22.46
H2' AP7 A 7 -8.51 -24.14 23.77
HO2' AP7 A 7 -9.55 -22.50 25.11
H3' AP7 A 7 -6.48 -25.02 24.62
H4' AP7 A 7 -6.46 -22.83 26.70
H5'' AP7 A 7 -4.81 -24.67 26.86
H5' AP7 A 7 -4.09 -23.07 26.71
N ALA B 1 -25.69 -5.50 -8.00
CA ALA B 1 -25.65 -6.36 -6.84
C ALA B 1 -24.40 -7.26 -6.91
N THR B 2 -23.66 -7.26 -5.81
CA THR B 2 -22.45 -8.06 -5.74
C THR B 2 -21.83 -7.97 -4.34
N VAL B 3 -21.23 -9.06 -3.92
CA VAL B 3 -20.60 -9.13 -2.61
C VAL B 3 -19.15 -9.56 -2.77
N VAL B 4 -18.28 -8.89 -2.03
CA VAL B 4 -16.85 -9.20 -2.09
C VAL B 4 -16.35 -9.50 -0.67
N SER B 5 -16.13 -8.44 0.08
CA SER B 5 -15.66 -8.57 1.45
C SER B 5 -15.24 -7.20 1.99
N GLY B 6 -14.84 -7.20 3.25
CA GLY B 6 -14.42 -5.97 3.91
C GLY B 6 -15.21 -5.73 5.19
N GLN B 7 -14.49 -5.38 6.24
CA GLN B 7 -15.10 -5.12 7.53
C GLN B 7 -14.23 -4.16 8.34
N LYS B 8 -13.04 -4.62 8.67
CA LYS B 8 -12.10 -3.81 9.45
C LYS B 8 -10.68 -4.27 9.15
N GLN B 9 -9.72 -3.49 9.65
CA GLN B 9 -8.32 -3.80 9.45
C GLN B 9 -7.45 -2.86 10.28
N ASP B 10 -7.80 -1.59 10.24
CA ASP B 10 -7.06 -0.58 10.98
C ASP B 10 -7.72 0.78 10.78
N ARG B 11 -7.11 1.80 11.40
CA ARG B 11 -7.63 3.15 11.30
C ARG B 11 -6.55 4.10 10.79
N GLN B 12 -5.43 4.10 11.50
CA GLN B 12 -4.31 4.96 11.13
C GLN B 12 -2.99 4.30 11.53
N GLY B 13 -2.00 4.45 10.66
CA GLY B 13 -0.70 3.88 10.90
C GLY B 13 0.36 4.98 11.08
N GLY B 14 1.53 4.73 10.50
CA GLY B 14 2.62 5.68 10.58
C GLY B 14 3.61 5.48 9.44
N GLU B 15 3.79 6.52 8.65
CA GLU B 15 4.70 6.46 7.51
C GLU B 15 4.68 7.79 6.75
N ARG B 16 5.85 8.16 6.26
CA ARG B 16 5.98 9.40 5.50
C ARG B 16 7.25 9.37 4.66
N ARG B 17 7.07 9.09 3.38
CA ARG B 17 8.20 9.04 2.45
C ARG B 17 7.69 8.83 1.02
N ARG B 18 7.60 9.94 0.30
CA ARG B 18 7.15 9.89 -1.08
C ARG B 18 8.33 9.65 -2.02
N SER B 19 9.18 8.72 -1.62
CA SER B 19 10.36 8.39 -2.42
C SER B 19 9.99 8.39 -3.90
N GLN B 20 8.79 7.90 -4.18
CA GLN B 20 8.31 7.83 -5.56
C GLN B 20 6.79 8.02 -5.59
N LEU B 21 6.34 9.07 -4.94
CA LEU B 21 4.93 9.37 -4.89
C LEU B 21 4.61 10.50 -5.89
N ASP B 22 4.32 10.09 -7.11
CA ASP B 22 4.00 11.05 -8.16
C ASP B 22 2.58 11.58 -7.95
N ARG B 23 2.32 12.75 -8.51
CA ARG B 23 1.02 13.36 -8.40
C ARG B 23 -0.04 12.53 -9.12
N ASP B 24 0.45 11.54 -9.86
CA ASP B 24 -0.44 10.66 -10.60
C ASP B 24 -0.07 9.21 -10.31
N GLN B 25 0.45 8.99 -9.11
CA GLN B 25 0.85 7.65 -8.70
C GLN B 25 -0.03 7.16 -7.54
N CYS B 26 0.25 5.94 -7.11
CA CYS B 26 -0.51 5.35 -6.02
C CYS B 26 0.35 5.39 -4.75
N ALA B 27 -0.27 5.79 -3.66
CA ALA B 27 0.42 5.87 -2.39
C ALA B 27 0.14 4.61 -1.57
N TYR B 28 -0.24 3.56 -2.27
CA TYR B 28 -0.54 2.29 -1.63
C TYR B 28 0.32 1.17 -2.20
N CYS B 29 0.11 0.90 -3.48
CA CYS B 29 0.86 -0.15 -4.16
C CYS B 29 2.04 0.50 -4.88
N LYS B 30 2.02 1.82 -4.92
CA LYS B 30 3.08 2.56 -5.58
C LYS B 30 2.80 2.63 -7.09
N GLU B 31 1.94 1.74 -7.54
CA GLU B 31 1.57 1.68 -8.94
C GLU B 31 1.23 3.08 -9.45
N LYS B 32 1.67 3.36 -10.68
CA LYS B 32 1.41 4.65 -11.29
C LYS B 32 0.22 4.53 -12.24
N GLY B 33 -0.63 5.54 -12.18
CA GLY B 33 -1.82 5.56 -13.03
C GLY B 33 -3.07 5.89 -12.22
N HIS B 34 -3.18 5.23 -11.07
CA HIS B 34 -4.31 5.43 -10.20
C HIS B 34 -3.84 6.01 -8.86
N TRP B 35 -4.81 6.47 -8.07
CA TRP B 35 -4.49 7.05 -6.78
C TRP B 35 -4.76 5.99 -5.70
N ALA B 36 -4.26 6.25 -4.51
CA ALA B 36 -4.44 5.34 -3.40
C ALA B 36 -5.93 5.08 -3.19
N LYS B 37 -6.69 6.17 -3.20
CA LYS B 37 -8.12 6.08 -3.00
C LYS B 37 -8.75 5.34 -4.17
N ASP B 38 -7.92 5.10 -5.19
CA ASP B 38 -8.37 4.40 -6.38
C ASP B 38 -7.57 3.12 -6.55
N CYS B 39 -6.90 2.73 -5.48
CA CYS B 39 -6.09 1.52 -5.49
C CYS B 39 -7.02 0.32 -5.57
N PRO B 40 -6.69 -0.61 -6.52
CA PRO B 40 -7.49 -1.81 -6.71
C PRO B 40 -7.23 -2.82 -5.58
N LYS B 41 -6.37 -2.42 -4.66
CA LYS B 41 -6.03 -3.28 -3.54
C LYS B 41 -6.93 -2.94 -2.35
N LYS B 42 -7.44 -1.71 -2.37
CA LYS B 42 -8.32 -1.26 -1.31
C LYS B 42 -9.53 -2.18 -1.21
N PRO B 43 -9.56 -2.96 -0.10
CA PRO B 43 -10.66 -3.88 0.13
C PRO B 43 -11.93 -3.15 0.56
N ARG B 44 -12.32 -2.19 -0.26
CA ARG B 44 -13.51 -1.40 0.02
C ARG B 44 -13.98 -0.67 -1.24
N GLY B 45 -15.23 -0.24 -1.20
CA GLY B 45 -15.81 0.48 -2.32
C GLY B 45 -16.06 1.94 -1.97
N PRO B 46 -16.52 2.71 -3.00
CA PRO B 46 -16.74 2.14 -4.32
C PRO B 46 -15.41 1.89 -5.04
N ARG B 47 -15.53 1.56 -6.33
CA ARG B 47 -14.36 1.30 -7.13
C ARG B 47 -14.69 1.42 -8.62
N GLY B 48 -13.66 1.49 -9.43
CA GLY B 48 -13.84 1.60 -10.87
C GLY B 48 -13.42 0.32 -11.58
N PRO B 49 -14.44 -0.47 -11.99
CA PRO B 49 -14.20 -1.73 -12.68
C PRO B 49 -13.77 -1.48 -14.13
N ARG B 50 -13.35 -2.56 -14.78
CA ARG B 50 -12.91 -2.48 -16.16
C ARG B 50 -13.90 -3.20 -17.08
N PRO B 51 -14.11 -2.59 -18.28
CA PRO B 51 -15.03 -3.16 -19.25
C PRO B 51 -14.42 -4.38 -19.94
N GLN B 52 -15.19 -5.46 -19.97
CA GLN B 52 -14.73 -6.69 -20.58
C GLN B 52 -14.54 -6.48 -22.09
N THR B 53 -13.46 -5.78 -22.43
CA THR B 53 -13.14 -5.52 -23.82
C THR B 53 -12.99 -6.83 -24.59
N SER B 54 -13.99 -7.13 -25.41
CA SER B 54 -13.97 -8.34 -26.21
C SER B 54 -13.38 -8.05 -27.58
N LEU B 55 -12.26 -8.69 -27.86
CA LEU B 55 -11.58 -8.52 -29.13
C LEU B 55 -12.48 -9.05 -30.26
N LEU B 56 -12.77 -10.34 -30.18
CA LEU B 56 -13.61 -10.98 -31.18
C LEU B 56 -12.88 -11.00 -32.52
ZN ZN C . -2.63 1.29 -6.04
C1' AP7 A 7 26.14 -5.57 21.20
N1 AP7 A 7 21.33 -5.79 23.03
C2 AP7 A 7 22.31 -4.87 23.18
N3 AP7 A 7 23.56 -4.88 22.66
C4 AP7 A 7 23.74 -6.01 21.93
C5 AP7 A 7 22.85 -7.01 21.69
C6 AP7 A 7 21.57 -6.89 22.28
N6 AP7 A 7 20.58 -7.81 22.14
N7 AP7 A 7 23.40 -7.98 20.89
C8 AP7 A 7 24.63 -7.53 20.65
N9 AP7 A 7 24.88 -6.35 21.25
C2' AP7 A 7 27.11 -5.92 22.33
O2' AP7 A 7 27.85 -4.84 22.85
C3' AP7 A 7 28.15 -6.70 21.58
O3' AP7 A 7 29.40 -6.70 22.26
C4' AP7 A 7 28.31 -5.97 20.24
O4' AP7 A 7 26.89 -5.88 20.05
C5' AP7 A 7 28.94 -6.81 19.14
O5' AP7 A 7 28.11 -7.94 18.87
OP1 AP7 A 7 29.26 -8.81 16.83
OP2 AP7 A 7 26.87 -9.47 17.35
P AP7 A 7 27.93 -8.44 17.36
H1' AP7 A 7 25.91 -4.51 21.24
H1 AP7 A 7 20.43 -5.65 23.47
H2 AP7 A 7 21.98 -4.05 23.79
H61 AP7 A 7 20.73 -8.64 21.58
H62 AP7 A 7 19.69 -7.65 22.59
H8 AP7 A 7 25.38 -8.03 20.06
H2' AP7 A 7 26.67 -6.56 23.09
HO2' AP7 A 7 27.96 -4.96 23.79
H3' AP7 A 7 27.86 -7.74 21.42
H4' AP7 A 7 28.94 -5.09 20.43
H5'' AP7 A 7 29.93 -7.11 19.47
H5' AP7 A 7 29.05 -6.17 18.26
N ALA B 1 40.08 6.73 1.64
CA ALA B 1 39.12 6.43 2.69
C ALA B 1 38.72 4.96 2.60
N THR B 2 38.89 4.26 3.70
CA THR B 2 38.55 2.84 3.76
C THR B 2 38.16 2.44 5.18
N VAL B 3 37.03 1.76 5.29
CA VAL B 3 36.55 1.32 6.58
C VAL B 3 36.16 -0.16 6.49
N VAL B 4 36.62 -0.92 7.48
CA VAL B 4 36.32 -2.34 7.52
C VAL B 4 34.87 -2.55 7.93
N SER B 5 34.15 -3.30 7.11
CA SER B 5 32.75 -3.57 7.38
C SER B 5 32.41 -5.01 6.96
N GLY B 6 32.13 -5.83 7.96
CA GLY B 6 31.79 -7.22 7.70
C GLY B 6 30.51 -7.33 6.88
N GLN B 7 29.59 -8.14 7.38
CA GLN B 7 28.32 -8.34 6.70
C GLN B 7 27.18 -8.49 7.72
N LYS B 8 26.00 -8.06 7.32
CA LYS B 8 24.84 -8.13 8.18
C LYS B 8 23.59 -8.33 7.33
N GLN B 9 22.73 -9.21 7.80
CA GLN B 9 21.49 -9.51 7.09
C GLN B 9 20.50 -8.36 7.27
N ASP B 10 20.32 -7.60 6.20
CA ASP B 10 19.40 -6.47 6.22
C ASP B 10 19.58 -5.66 4.93
N ARG B 11 18.61 -5.83 4.03
CA ARG B 11 18.65 -5.12 2.76
C ARG B 11 18.67 -3.60 3.00
N GLN B 12 19.76 -2.99 2.56
CA GLN B 12 19.92 -1.55 2.71
C GLN B 12 19.25 -0.82 1.55
N GLY B 13 17.93 -0.79 1.59
CA GLY B 13 17.16 -0.13 0.56
C GLY B 13 17.31 1.39 0.66
N GLY B 14 16.67 2.08 -0.28
CA GLY B 14 16.70 3.53 -0.30
C GLY B 14 15.30 4.13 -0.38
N GLU B 15 14.68 4.25 0.79
CA GLU B 15 13.33 4.79 0.87
C GLU B 15 12.99 5.15 2.31
N ARG B 16 12.26 6.25 2.45
CA ARG B 16 11.86 6.72 3.77
C ARG B 16 10.34 6.63 3.93
N ARG B 17 9.64 7.32 3.03
CA ARG B 17 8.20 7.33 3.05
C ARG B 17 7.64 7.43 1.63
N ARG B 18 7.90 8.56 1.00
CA ARG B 18 7.43 8.80 -0.36
C ARG B 18 8.61 8.75 -1.33
N SER B 19 9.39 7.69 -1.22
CA SER B 19 10.54 7.51 -2.09
C SER B 19 10.38 8.35 -3.35
N GLN B 20 9.22 8.21 -3.98
CA GLN B 20 8.92 8.94 -5.20
C GLN B 20 7.42 8.98 -5.45
N LEU B 21 6.69 9.39 -4.42
CA LEU B 21 5.24 9.48 -4.52
C LEU B 21 4.86 10.56 -5.54
N ASP B 22 4.59 10.12 -6.75
CA ASP B 22 4.22 11.04 -7.82
C ASP B 22 2.78 11.53 -7.58
N ARG B 23 2.49 12.69 -8.12
CA ARG B 23 1.17 13.28 -7.98
C ARG B 23 0.14 12.46 -8.75
N ASP B 24 0.64 11.46 -9.47
CA ASP B 24 -0.22 10.59 -10.24
C ASP B 24 0.15 9.13 -9.99
N GLN B 25 0.76 8.91 -8.83
CA GLN B 25 1.18 7.57 -8.46
C GLN B 25 0.46 7.12 -7.19
N CYS B 26 0.05 5.87 -7.19
CA CYS B 26 -0.65 5.31 -6.05
C CYS B 26 0.28 5.34 -4.84
N ALA B 27 -0.27 5.81 -3.73
CA ALA B 27 0.50 5.91 -2.50
C ALA B 27 0.23 4.68 -1.63
N TYR B 28 -0.09 3.59 -2.31
CA TYR B 28 -0.38 2.34 -1.61
C TYR B 28 0.44 1.19 -2.20
N CYS B 29 0.20 0.91 -3.47
CA CYS B 29 0.90 -0.15 -4.15
C CYS B 29 2.08 0.46 -4.91
N LYS B 30 2.04 1.77 -5.04
CA LYS B 30 3.10 2.49 -5.73
C LYS B 30 2.92 2.33 -7.24
N GLU B 31 1.68 2.05 -7.62
CA GLU B 31 1.35 1.87 -9.03
C GLU B 31 1.02 3.22 -9.67
N LYS B 32 1.84 3.60 -10.64
CA LYS B 32 1.65 4.86 -11.34
C LYS B 32 0.46 4.72 -12.29
N GLY B 33 -0.54 5.56 -12.07
CA GLY B 33 -1.73 5.54 -12.90
C GLY B 33 -2.98 5.87 -12.08
N HIS B 34 -3.22 5.04 -11.08
CA HIS B 34 -4.37 5.23 -10.21
C HIS B 34 -3.91 5.81 -8.86
N TRP B 35 -4.86 6.42 -8.16
CA TRP B 35 -4.58 7.02 -6.88
C TRP B 35 -4.88 5.98 -5.80
N ALA B 36 -4.34 6.24 -4.61
CA ALA B 36 -4.55 5.34 -3.48
C ALA B 36 -6.04 5.22 -3.19
N LYS B 37 -6.74 6.33 -3.37
CA LYS B 37 -8.17 6.37 -3.14
C LYS B 37 -8.87 5.50 -4.18
N ASP B 38 -8.10 5.04 -5.15
CA ASP B 38 -8.63 4.21 -6.21
C ASP B 38 -7.74 2.98 -6.39
N CYS B 39 -7.08 2.60 -5.31
CA CYS B 39 -6.19 1.46 -5.33
C CYS B 39 -7.05 0.19 -5.37
N PRO B 40 -6.69 -0.72 -6.32
CA PRO B 40 -7.42 -1.97 -6.48
C PRO B 40 -7.06 -2.95 -5.35
N LYS B 41 -6.20 -2.49 -4.45
CA LYS B 41 -5.77 -3.31 -3.34
C LYS B 41 -6.80 -3.21 -2.21
N LYS B 42 -7.51 -2.09 -2.20
CA LYS B 42 -8.52 -1.85 -1.19
C LYS B 42 -9.30 -3.15 -0.94
N PRO B 43 -8.92 -3.84 0.18
CA PRO B 43 -9.57 -5.09 0.54
C PRO B 43 -10.96 -4.83 1.12
N ARG B 44 -11.97 -5.16 0.33
CA ARG B 44 -13.35 -4.97 0.75
C ARG B 44 -13.60 -3.50 1.08
N GLY B 45 -14.42 -2.86 0.24
CA GLY B 45 -14.74 -1.46 0.44
C GLY B 45 -15.55 -0.93 -0.75
N PRO B 46 -16.09 0.31 -0.57
CA PRO B 46 -15.87 1.04 0.68
C PRO B 46 -16.73 0.47 1.80
N ARG B 47 -16.34 0.80 3.02
CA ARG B 47 -17.08 0.32 4.19
C ARG B 47 -18.56 0.65 4.06
N GLY B 48 -19.38 -0.32 4.39
CA GLY B 48 -20.83 -0.16 4.32
C GLY B 48 -21.34 -0.45 2.91
N PRO B 49 -22.69 -0.45 2.78
CA PRO B 49 -23.32 -0.71 1.50
C PRO B 49 -23.18 0.49 0.56
N ARG B 50 -21.94 0.86 0.30
CA ARG B 50 -21.66 1.99 -0.58
C ARG B 50 -22.44 3.22 -0.11
N PRO B 51 -21.82 3.96 0.85
CA PRO B 51 -22.45 5.16 1.39
C PRO B 51 -22.35 6.32 0.39
N GLN B 52 -23.23 6.29 -0.59
CA GLN B 52 -23.26 7.33 -1.61
C GLN B 52 -24.61 7.35 -2.32
N THR B 53 -25.65 7.67 -1.56
CA THR B 53 -27.00 7.72 -2.10
C THR B 53 -27.25 6.52 -3.02
N SER B 54 -27.49 5.38 -2.40
CA SER B 54 -27.75 4.16 -3.14
C SER B 54 -28.06 3.02 -2.17
N LEU B 55 -29.34 2.90 -1.84
CA LEU B 55 -29.79 1.85 -0.94
C LEU B 55 -29.18 2.09 0.45
N LEU B 56 -30.01 1.91 1.47
CA LEU B 56 -29.57 2.10 2.83
C LEU B 56 -29.25 3.57 3.06
ZN ZN C . -2.70 1.23 -5.88
C1' AP7 A 7 15.77 -23.78 17.22
N1 AP7 A 7 12.33 -20.47 19.15
C2 AP7 A 7 13.69 -20.42 19.05
N3 AP7 A 7 14.52 -21.34 18.54
C4 AP7 A 7 13.82 -22.40 18.07
C5 AP7 A 7 12.47 -22.58 18.10
C6 AP7 A 7 11.69 -21.57 18.67
N6 AP7 A 7 10.33 -21.60 18.76
N7 AP7 A 7 12.14 -23.78 17.53
C8 AP7 A 7 13.29 -24.31 17.17
N9 AP7 A 7 14.34 -23.51 17.48
C2' AP7 A 7 16.46 -24.54 18.35
O2' AP7 A 7 17.83 -24.24 18.54
C3' AP7 A 7 16.50 -25.93 17.76
O3' AP7 A 7 17.50 -26.74 18.39
C4' AP7 A 7 16.87 -25.73 16.30
O4' AP7 A 7 15.95 -24.64 16.12
C5' AP7 A 7 16.45 -26.87 15.39
O5' AP7 A 7 15.04 -26.92 15.28
OP1 AP7 A 7 15.01 -28.40 13.28
OP2 AP7 A 7 12.88 -27.29 14.07
P AP7 A 7 14.35 -27.22 13.87
H1' AP7 A 7 16.30 -22.83 17.05
H1 AP7 A 7 11.82 -19.70 19.57
H2 AP7 A 7 14.06 -19.51 19.47
H61 AP7 A 7 9.82 -22.40 18.42
H62 AP7 A 7 9.84 -20.82 19.18
H8 AP7 A 7 13.44 -25.26 16.69
H2' AP7 A 7 15.87 -24.56 19.26
HO2' AP7 A 7 17.92 -23.29 18.59
H3' AP7 A 7 15.55 -26.45 17.87
H4' AP7 A 7 17.95 -25.61 16.24
H5'' AP7 A 7 16.85 -27.81 15.81
H5' AP7 A 7 16.92 -26.73 14.42
N ALA B 1 17.30 -8.18 -33.22
CA ALA B 1 18.44 -8.08 -34.12
C ALA B 1 19.28 -9.35 -33.99
N THR B 2 19.84 -9.54 -32.80
CA THR B 2 20.66 -10.72 -32.55
C THR B 2 20.65 -11.05 -31.05
N VAL B 3 21.00 -12.30 -30.76
CA VAL B 3 21.05 -12.76 -29.39
C VAL B 3 22.00 -13.95 -29.27
N VAL B 4 22.66 -14.04 -28.13
CA VAL B 4 23.60 -15.12 -27.89
C VAL B 4 23.02 -16.06 -26.83
N SER B 5 22.27 -15.48 -25.90
CA SER B 5 21.66 -16.25 -24.84
C SER B 5 20.64 -15.39 -24.09
N GLY B 6 21.13 -14.30 -23.54
CA GLY B 6 20.27 -13.39 -22.80
C GLY B 6 20.99 -12.84 -21.56
N GLN B 7 20.20 -12.52 -20.55
CA GLN B 7 20.73 -11.99 -19.31
C GLN B 7 19.62 -11.81 -18.27
N LYS B 8 20.05 -11.57 -17.04
CA LYS B 8 19.10 -11.39 -15.95
C LYS B 8 19.48 -10.15 -15.15
N GLN B 9 18.61 -9.78 -14.23
CA GLN B 9 18.84 -8.61 -13.39
C GLN B 9 17.69 -8.43 -12.40
N ASP B 10 18.02 -7.80 -11.28
CA ASP B 10 17.02 -7.55 -10.25
C ASP B 10 17.65 -6.71 -9.13
N ARG B 11 16.80 -5.99 -8.43
CA ARG B 11 17.26 -5.15 -7.34
C ARG B 11 16.08 -4.37 -6.74
N GLN B 12 16.33 -3.81 -5.56
CA GLN B 12 15.30 -3.05 -4.88
C GLN B 12 15.93 -1.95 -4.01
N GLY B 13 15.12 -0.97 -3.65
CA GLY B 13 15.60 0.13 -2.83
C GLY B 13 14.51 1.19 -2.67
N GLY B 14 14.89 2.28 -2.00
CA GLY B 14 13.97 3.38 -1.77
C GLY B 14 14.67 4.72 -1.94
N GLU B 15 13.97 5.77 -1.54
CA GLU B 15 14.50 7.12 -1.64
C GLU B 15 13.42 8.16 -1.34
N ARG B 16 13.86 9.38 -1.14
CA ARG B 16 12.94 10.47 -0.83
C ARG B 16 12.18 10.18 0.46
N ARG B 17 11.26 11.08 0.79
CA ARG B 17 10.46 10.93 1.99
C ARG B 17 9.28 9.99 1.73
N ARG B 18 8.42 10.43 0.82
CA ARG B 18 7.24 9.64 0.48
C ARG B 18 7.48 8.88 -0.82
N SER B 19 8.69 8.37 -0.96
CA SER B 19 9.07 7.63 -2.16
C SER B 19 8.72 8.44 -3.41
N GLN B 20 8.89 9.76 -3.28
CA GLN B 20 8.61 10.66 -4.39
C GLN B 20 7.14 10.54 -4.80
N LEU B 21 6.28 10.43 -3.80
CA LEU B 21 4.85 10.32 -4.04
C LEU B 21 4.46 11.24 -5.19
N ASP B 22 4.37 10.66 -6.38
CA ASP B 22 4.01 11.42 -7.56
C ASP B 22 2.52 11.74 -7.52
N ARG B 23 2.17 12.86 -8.14
CA ARG B 23 0.78 13.30 -8.18
C ARG B 23 -0.05 12.37 -9.07
N ASP B 24 0.63 11.36 -9.61
CA ASP B 24 -0.02 10.41 -10.48
C ASP B 24 0.43 8.99 -10.10
N GLN B 25 0.88 8.86 -8.87
CA GLN B 25 1.34 7.58 -8.37
C GLN B 25 0.54 7.16 -7.14
N CYS B 26 0.25 5.87 -7.07
CA CYS B 26 -0.51 5.33 -5.95
C CYS B 26 0.39 5.31 -4.72
N ALA B 27 -0.15 5.82 -3.62
CA ALA B 27 0.60 5.87 -2.38
C ALA B 27 0.24 4.63 -1.53
N TYR B 28 -0.14 3.58 -2.23
CA TYR B 28 -0.49 2.33 -1.55
C TYR B 28 0.29 1.15 -2.13
N CYS B 29 0.18 0.99 -3.44
CA CYS B 29 0.87 -0.09 -4.12
C CYS B 29 2.09 0.50 -4.85
N LYS B 30 2.02 1.80 -5.10
CA LYS B 30 3.09 2.49 -5.78
C LYS B 30 2.92 2.34 -7.29
N GLU B 31 1.68 2.10 -7.69
CA GLU B 31 1.36 1.92 -9.09
C GLU B 31 1.05 3.28 -9.73
N LYS B 32 1.83 3.62 -10.75
CA LYS B 32 1.64 4.88 -11.45
C LYS B 32 0.47 4.75 -12.42
N GLY B 33 -0.55 5.57 -12.17
CA GLY B 33 -1.74 5.56 -13.01
C GLY B 33 -2.99 5.89 -12.19
N HIS B 34 -3.22 5.07 -11.18
CA HIS B 34 -4.37 5.25 -10.31
C HIS B 34 -3.92 5.87 -8.98
N TRP B 35 -4.90 6.34 -8.23
CA TRP B 35 -4.62 6.96 -6.93
C TRP B 35 -4.95 5.93 -5.85
N ALA B 36 -4.36 6.16 -4.68
CA ALA B 36 -4.58 5.27 -3.55
C ALA B 36 -6.07 5.23 -3.21
N LYS B 37 -6.72 6.36 -3.44
CA LYS B 37 -8.15 6.47 -3.18
C LYS B 37 -8.91 5.54 -4.12
N ASP B 38 -8.18 5.00 -5.09
CA ASP B 38 -8.77 4.10 -6.07
C ASP B 38 -7.85 2.91 -6.27
N CYS B 39 -7.14 2.55 -5.20
CA CYS B 39 -6.21 1.43 -5.27
C CYS B 39 -7.04 0.13 -5.30
N PRO B 40 -6.63 -0.77 -6.22
CA PRO B 40 -7.32 -2.04 -6.37
C PRO B 40 -6.96 -3.00 -5.23
N LYS B 41 -6.17 -2.49 -4.31
CA LYS B 41 -5.74 -3.28 -3.16
C LYS B 41 -6.49 -2.80 -1.92
N LYS B 42 -7.00 -1.58 -2.01
CA LYS B 42 -7.75 -1.00 -0.89
C LYS B 42 -9.19 -1.52 -0.91
N PRO B 43 -9.61 -2.08 0.25
CA PRO B 43 -10.95 -2.62 0.37
C PRO B 43 -11.98 -1.49 0.49
N ARG B 44 -12.21 -0.83 -0.62
CA ARG B 44 -13.16 0.27 -0.66
C ARG B 44 -14.55 -0.21 -0.21
N GLY B 45 -14.75 -0.18 1.10
CA GLY B 45 -16.01 -0.62 1.67
C GLY B 45 -16.39 -2.01 1.18
N PRO B 46 -17.46 -2.57 1.80
CA PRO B 46 -18.18 -1.85 2.85
C PRO B 46 -17.39 -1.86 4.15
N ARG B 47 -17.35 -0.69 4.78
CA ARG B 47 -16.62 -0.54 6.03
C ARG B 47 -17.55 0.05 7.11
N GLY B 48 -17.99 -0.82 8.00
CA GLY B 48 -18.88 -0.40 9.08
C GLY B 48 -18.10 -0.22 10.39
N PRO B 49 -18.85 0.15 11.45
CA PRO B 49 -18.25 0.35 12.76
C PRO B 49 -17.90 -0.98 13.42
N ARG B 50 -16.67 -1.07 13.88
CA ARG B 50 -16.20 -2.28 14.54
C ARG B 50 -14.85 -2.03 15.21
N PRO B 51 -14.91 -1.70 16.53
CA PRO B 51 -13.71 -1.44 17.29
C PRO B 51 -12.96 -2.74 17.62
N GLN B 52 -11.65 -2.63 17.71
CA GLN B 52 -10.82 -3.79 18.02
C GLN B 52 -9.34 -3.40 17.98
N THR B 53 -8.91 -2.72 19.04
CA THR B 53 -7.53 -2.29 19.15
C THR B 53 -7.24 -1.76 20.55
N SER B 54 -6.35 -2.46 21.24
CA SER B 54 -5.97 -2.06 22.59
C SER B 54 -4.76 -2.88 23.05
N LEU B 55 -3.60 -2.48 22.57
CA LEU B 55 -2.36 -3.15 22.92
C LEU B 55 -1.18 -2.39 22.32
N LEU B 56 -0.95 -1.19 22.85
CA LEU B 56 0.14 -0.37 22.38
C LEU B 56 -0.16 0.10 20.96
ZN ZN C . -2.71 1.35 -5.86
C1' AP7 A 7 25.11 0.47 -9.25
N1 AP7 A 7 24.48 -2.90 -5.41
C2 AP7 A 7 25.03 -1.68 -5.45
N3 AP7 A 7 25.16 -0.84 -6.51
C4 AP7 A 7 24.63 -1.42 -7.62
C5 AP7 A 7 24.06 -2.64 -7.73
C6 AP7 A 7 23.97 -3.43 -6.56
N6 AP7 A 7 23.42 -4.67 -6.51
N7 AP7 A 7 23.65 -2.88 -9.01
C8 AP7 A 7 24.00 -1.76 -9.67
N9 AP7 A 7 24.59 -0.86 -8.87
C2' AP7 A 7 26.55 0.44 -9.76
O2' AP7 A 7 27.31 1.59 -9.46
C3' AP7 A 7 26.32 0.57 -11.25
O3' AP7 A 7 27.49 1.04 -11.91
C4' AP7 A 7 25.20 1.59 -11.40
O4' AP7 A 7 24.41 0.98 -10.36
C5' AP7 A 7 24.47 1.51 -12.72
O5' AP7 A 7 23.75 0.28 -12.81
OP1 AP7 A 7 22.31 0.92 -14.74
OP2 AP7 A 7 21.79 -1.14 -13.37
P AP7 A 7 22.27 0.25 -13.42
H1' AP7 A 7 25.04 1.15 -8.40
H1 AP7 A 7 24.45 -3.43 -4.56
H2 AP7 A 7 25.40 -1.38 -4.48
H61 AP7 A 7 23.04 -5.09 -7.35
H62 AP7 A 7 23.40 -5.18 -5.64
H8 AP7 A 7 23.84 -1.58 -10.72
H2' AP7 A 7 27.05 -0.50 -9.56
HO2' AP7 A 7 28.23 1.33 -9.36
H3' AP7 A 7 26.06 -0.38 -11.70
H4' AP7 A 7 25.64 2.58 -11.29
H5'' AP7 A 7 25.20 1.60 -13.53
H5' AP7 A 7 23.78 2.36 -12.79
N ALA B 1 20.78 -19.58 0.90
CA ALA B 1 19.45 -20.07 0.57
C ALA B 1 19.22 -21.41 1.28
N THR B 2 18.87 -21.31 2.56
CA THR B 2 18.61 -22.49 3.36
C THR B 2 17.57 -22.19 4.43
N VAL B 3 16.96 -23.26 4.93
CA VAL B 3 15.93 -23.13 5.96
C VAL B 3 16.40 -22.10 6.99
N VAL B 4 15.68 -20.98 7.02
CA VAL B 4 16.01 -19.91 7.95
C VAL B 4 15.25 -20.14 9.26
N SER B 5 15.86 -19.67 10.34
CA SER B 5 15.25 -19.81 11.65
C SER B 5 14.60 -18.49 12.09
N GLY B 6 14.12 -18.48 13.32
CA GLY B 6 13.48 -17.30 13.86
C GLY B 6 14.51 -16.20 14.17
N GLN B 7 14.52 -15.19 13.31
CA GLN B 7 15.45 -14.08 13.49
C GLN B 7 15.25 -13.05 12.38
N LYS B 8 14.51 -12.00 12.70
CA LYS B 8 14.24 -10.95 11.75
C LYS B 8 13.98 -9.64 12.49
N GLN B 9 13.79 -8.58 11.72
CA GLN B 9 13.53 -7.27 12.30
C GLN B 9 12.50 -6.50 11.45
N ASP B 10 11.77 -5.64 12.13
CA ASP B 10 10.76 -4.84 11.46
C ASP B 10 11.04 -3.35 11.70
N ARG B 11 11.15 -2.63 10.60
CA ARG B 11 11.42 -1.19 10.68
C ARG B 11 10.24 -0.40 10.12
N GLN B 12 10.06 0.80 10.64
CA GLN B 12 8.98 1.66 10.20
C GLN B 12 9.41 3.13 10.27
N GLY B 13 10.10 3.55 9.21
CA GLY B 13 10.56 4.92 9.13
C GLY B 13 10.29 5.52 7.75
N GLY B 14 10.14 6.83 7.73
CA GLY B 14 9.87 7.54 6.49
C GLY B 14 10.83 8.71 6.30
N GLU B 15 11.25 8.90 5.05
CA GLU B 15 12.17 9.98 4.73
C GLU B 15 11.82 10.58 3.36
N ARG B 16 12.18 11.85 3.20
CA ARG B 16 11.92 12.54 1.95
C ARG B 16 10.42 12.66 1.72
N ARG B 17 10.06 13.44 0.71
CA ARG B 17 8.66 13.66 0.38
C ARG B 17 8.04 12.36 -0.15
N ARG B 18 7.52 11.57 0.79
CA ARG B 18 6.90 10.30 0.42
C ARG B 18 7.71 9.60 -0.67
N SER B 19 9.02 9.63 -0.49
CA SER B 19 9.92 9.00 -1.44
C SER B 19 9.89 9.76 -2.77
N GLN B 20 8.67 10.08 -3.20
CA GLN B 20 8.49 10.80 -4.45
C GLN B 20 7.05 10.62 -4.96
N LEU B 21 6.13 10.55 -4.02
CA LEU B 21 4.73 10.38 -4.36
C LEU B 21 4.37 11.30 -5.53
N ASP B 22 4.25 10.70 -6.69
CA ASP B 22 3.93 11.46 -7.90
C ASP B 22 2.43 11.77 -7.89
N ARG B 23 2.10 12.91 -8.48
CA ARG B 23 0.71 13.34 -8.56
C ARG B 23 -0.11 12.35 -9.39
N ASP B 24 0.60 11.45 -10.05
CA ASP B 24 -0.05 10.45 -10.88
C ASP B 24 0.42 9.06 -10.45
N GLN B 25 0.72 8.94 -9.17
CA GLN B 25 1.17 7.68 -8.62
C GLN B 25 0.20 7.19 -7.54
N CYS B 26 0.48 6.00 -7.02
CA CYS B 26 -0.35 5.41 -5.99
C CYS B 26 0.44 5.39 -4.69
N ALA B 27 -0.20 5.86 -3.63
CA ALA B 27 0.43 5.91 -2.33
C ALA B 27 0.07 4.64 -1.55
N TYR B 28 -0.29 3.60 -2.29
CA TYR B 28 -0.67 2.34 -1.69
C TYR B 28 0.21 1.20 -2.21
N CYS B 29 0.08 0.94 -3.51
CA CYS B 29 0.84 -0.12 -4.14
C CYS B 29 2.06 0.51 -4.80
N LYS B 30 2.02 1.83 -4.92
CA LYS B 30 3.12 2.56 -5.53
C LYS B 30 2.88 2.66 -7.04
N GLU B 31 2.05 1.76 -7.54
CA GLU B 31 1.74 1.74 -8.96
C GLU B 31 1.38 3.15 -9.45
N LYS B 32 1.59 3.37 -10.73
CA LYS B 32 1.30 4.66 -11.34
C LYS B 32 0.10 4.52 -12.27
N GLY B 33 -0.72 5.56 -12.28
CA GLY B 33 -1.90 5.57 -13.11
C GLY B 33 -3.16 5.88 -12.29
N HIS B 34 -3.24 5.23 -11.13
CA HIS B 34 -4.37 5.42 -10.24
C HIS B 34 -3.90 6.01 -8.92
N TRP B 35 -4.86 6.36 -8.08
CA TRP B 35 -4.55 6.94 -6.78
C TRP B 35 -4.83 5.87 -5.72
N ALA B 36 -4.27 6.11 -4.53
CA ALA B 36 -4.45 5.18 -3.43
C ALA B 36 -5.94 5.03 -3.14
N LYS B 37 -6.64 6.15 -3.21
CA LYS B 37 -8.07 6.15 -2.95
C LYS B 37 -8.79 5.40 -4.07
N ASP B 38 -8.02 5.09 -5.11
CA ASP B 38 -8.57 4.37 -6.26
C ASP B 38 -7.74 3.10 -6.50
N CYS B 39 -6.98 2.72 -5.48
CA CYS B 39 -6.14 1.54 -5.58
C CYS B 39 -7.05 0.32 -5.65
N PRO B 40 -6.71 -0.59 -6.61
CA PRO B 40 -7.49 -1.81 -6.79
C PRO B 40 -7.19 -2.83 -5.68
N LYS B 41 -6.32 -2.41 -4.77
CA LYS B 41 -5.95 -3.26 -3.66
C LYS B 41 -6.96 -3.10 -2.52
N LYS B 42 -7.63 -1.97 -2.53
CA LYS B 42 -8.62 -1.68 -1.51
C LYS B 42 -9.55 -2.89 -1.35
N PRO B 43 -9.34 -3.63 -0.24
CA PRO B 43 -10.14 -4.81 0.05
C PRO B 43 -11.53 -4.41 0.53
N ARG B 44 -12.32 -5.43 0.85
CA ARG B 44 -13.68 -5.20 1.32
C ARG B 44 -13.95 -6.06 2.57
N GLY B 45 -14.28 -5.37 3.65
CA GLY B 45 -14.56 -6.04 4.90
C GLY B 45 -15.40 -5.15 5.83
N PRO B 46 -15.75 -5.72 7.01
CA PRO B 46 -15.32 -7.06 7.35
C PRO B 46 -16.15 -8.11 6.59
N ARG B 47 -15.57 -9.29 6.47
CA ARG B 47 -16.23 -10.38 5.76
C ARG B 47 -15.43 -11.67 5.89
N GLY B 48 -16.01 -12.62 6.61
CA GLY B 48 -15.35 -13.90 6.83
C GLY B 48 -14.80 -14.01 8.25
N PRO B 49 -15.67 -14.50 9.18
CA PRO B 49 -15.27 -14.65 10.57
C PRO B 49 -14.34 -15.85 10.74
N ARG B 50 -13.44 -15.73 11.71
CA ARG B 50 -12.48 -16.79 11.99
C ARG B 50 -13.02 -17.71 13.08
N PRO B 51 -13.17 -19.02 12.72
CA PRO B 51 -13.68 -20.00 13.66
C PRO B 51 -12.60 -20.38 14.68
N GLN B 52 -13.04 -21.12 15.69
CA GLN B 52 -12.13 -21.55 16.75
C GLN B 52 -11.24 -22.69 16.25
N THR B 53 -10.15 -22.91 16.98
CA THR B 53 -9.22 -23.97 16.62
C THR B 53 -8.52 -24.50 17.87
N SER B 54 -9.30 -25.19 18.69
CA SER B 54 -8.77 -25.76 19.92
C SER B 54 -9.70 -26.89 20.41
N LEU B 55 -9.07 -27.95 20.90
CA LEU B 55 -9.82 -29.09 21.40
C LEU B 55 -9.12 -29.64 22.64
N LEU B 56 -9.62 -29.21 23.80
CA LEU B 56 -9.06 -29.64 25.06
C LEU B 56 -7.55 -29.35 25.08
ZN ZN C . -2.57 1.35 -6.09
C1' AP7 A 7 10.41 -31.01 -3.23
N1 AP7 A 7 5.93 -28.73 -2.11
C2 AP7 A 7 6.73 -29.56 -1.40
N3 AP7 A 7 7.90 -30.12 -1.75
C4 AP7 A 7 8.22 -29.74 -3.03
C5 AP7 A 7 7.52 -28.92 -3.86
C6 AP7 A 7 6.31 -28.39 -3.37
N6 AP7 A 7 5.50 -27.56 -4.08
N7 AP7 A 7 8.17 -28.78 -5.06
C8 AP7 A 7 9.26 -29.52 -4.92
N9 AP7 A 7 9.34 -30.12 -3.72
C2' AP7 A 7 10.19 -32.48 -3.57
O2' AP7 A 7 10.68 -33.41 -2.63
C3' AP7 A 7 11.15 -32.65 -4.72
O3' AP7 A 7 11.49 -34.01 -4.92
C4' AP7 A 7 12.40 -31.87 -4.32
O4' AP7 A 7 11.64 -30.72 -3.87
C5' AP7 A 7 13.29 -31.48 -5.48
O5' AP7 A 7 12.60 -30.57 -6.33
OP1 AP7 A 7 14.59 -29.84 -7.65
OP2 AP7 A 7 12.42 -28.54 -7.77
P AP7 A 7 13.38 -29.32 -6.96
H1' AP7 A 7 10.52 -30.90 -2.15
H1 AP7 A 7 5.07 -28.38 -1.72
H2 AP7 A 7 6.32 -29.74 -0.42
H61 AP7 A 7 5.75 -27.29 -5.02
H62 AP7 A 7 4.65 -27.22 -3.67
H8 AP7 A 7 10.04 -29.66 -5.67
H2' AP7 A 7 9.19 -32.69 -3.92
HO2' AP7 A 7 10.67 -34.27 -3.03
H3' AP7 A 7 10.74 -32.28 -5.67
H4' AP7 A 7 12.97 -32.50 -3.64
H5'' AP7 A 7 13.57 -32.38 -6.01
H5' AP7 A 7 14.20 -31.03 -5.07
N ALA B 1 17.24 -0.02 -33.05
CA ALA B 1 16.35 -0.07 -31.91
C ALA B 1 15.99 1.35 -31.49
N THR B 2 14.72 1.53 -31.19
CA THR B 2 14.22 2.84 -30.78
C THR B 2 14.88 3.26 -29.46
N VAL B 3 15.46 4.46 -29.48
CA VAL B 3 16.12 4.98 -28.30
C VAL B 3 15.75 6.46 -28.13
N VAL B 4 15.58 6.84 -26.87
CA VAL B 4 15.22 8.22 -26.56
C VAL B 4 16.40 8.91 -25.87
N SER B 5 17.04 9.80 -26.60
CA SER B 5 18.18 10.53 -26.07
C SER B 5 17.71 11.55 -25.03
N GLY B 6 18.67 12.01 -24.22
CA GLY B 6 18.36 12.98 -23.19
C GLY B 6 17.58 12.33 -22.04
N GLN B 7 16.36 12.83 -21.86
CA GLN B 7 15.50 12.31 -20.81
C GLN B 7 15.04 10.89 -21.15
N LYS B 8 14.57 10.19 -20.12
CA LYS B 8 14.10 8.83 -20.30
C LYS B 8 13.05 8.51 -19.24
N GLN B 9 13.38 8.87 -17.99
CA GLN B 9 12.48 8.62 -16.88
C GLN B 9 13.07 9.20 -15.60
N ASP B 10 12.17 9.56 -14.69
CA ASP B 10 12.59 10.13 -13.41
C ASP B 10 13.34 9.07 -12.62
N ARG B 11 14.08 9.53 -11.63
CA ARG B 11 14.86 8.63 -10.79
C ARG B 11 13.93 7.72 -10.00
N GLN B 12 14.46 6.55 -9.63
CA GLN B 12 13.68 5.58 -8.88
C GLN B 12 13.76 5.89 -7.38
N GLY B 13 12.83 5.31 -6.64
CA GLY B 13 12.77 5.51 -5.21
C GLY B 13 12.74 4.18 -4.47
N GLY B 14 11.71 4.03 -3.64
CA GLY B 14 11.54 2.79 -2.88
C GLY B 14 12.05 2.98 -1.44
N GLU B 15 11.42 3.90 -0.74
CA GLU B 15 11.79 4.19 0.64
C GLU B 15 10.57 4.67 1.43
N ARG B 16 10.74 4.72 2.74
CA ARG B 16 9.67 5.17 3.62
C ARG B 16 9.15 6.54 3.17
N ARG B 17 8.01 6.91 3.74
CA ARG B 17 7.41 8.20 3.41
C ARG B 17 7.15 8.29 1.90
N ARG B 18 6.50 9.38 1.51
CA ARG B 18 6.19 9.60 0.11
C ARG B 18 7.46 9.94 -0.67
N SER B 19 8.44 9.05 -0.56
CA SER B 19 9.71 9.25 -1.26
C SER B 19 9.52 10.21 -2.43
N GLN B 20 8.95 9.67 -3.51
CA GLN B 20 8.71 10.47 -4.69
C GLN B 20 7.26 10.35 -5.13
N LEU B 21 6.39 10.14 -4.15
CA LEU B 21 4.97 10.01 -4.42
C LEU B 21 4.56 11.02 -5.49
N ASP B 22 4.53 10.55 -6.73
CA ASP B 22 4.15 11.39 -7.85
C ASP B 22 2.67 11.74 -7.74
N ARG B 23 2.30 12.84 -8.37
CA ARG B 23 0.92 13.29 -8.37
C ARG B 23 0.03 12.29 -9.11
N ASP B 24 0.69 11.34 -9.76
CA ASP B 24 -0.03 10.32 -10.52
C ASP B 24 0.48 8.93 -10.10
N GLN B 25 0.96 8.85 -8.87
CA GLN B 25 1.47 7.61 -8.34
C GLN B 25 0.68 7.18 -7.10
N CYS B 26 0.27 5.92 -7.12
CA CYS B 26 -0.51 5.38 -6.01
C CYS B 26 0.38 5.41 -4.76
N ALA B 27 -0.24 5.80 -3.65
CA ALA B 27 0.47 5.87 -2.39
C ALA B 27 0.17 4.60 -1.57
N TYR B 28 -0.16 3.55 -2.28
CA TYR B 28 -0.47 2.28 -1.64
C TYR B 28 0.39 1.15 -2.21
N CYS B 29 0.16 0.86 -3.48
CA CYS B 29 0.91 -0.18 -4.15
C CYS B 29 2.10 0.46 -4.88
N LYS B 30 2.02 1.77 -5.02
CA LYS B 30 3.08 2.51 -5.68
C LYS B 30 2.92 2.37 -7.20
N GLU B 31 1.70 2.07 -7.61
CA GLU B 31 1.41 1.89 -9.01
C GLU B 31 1.01 3.22 -9.65
N LYS B 32 1.75 3.61 -10.67
CA LYS B 32 1.48 4.86 -11.36
C LYS B 32 0.29 4.66 -12.31
N GLY B 33 -0.68 5.55 -12.16
CA GLY B 33 -1.88 5.49 -13.00
C GLY B 33 -3.13 5.80 -12.18
N HIS B 34 -3.29 5.04 -11.10
CA HIS B 34 -4.44 5.23 -10.23
C HIS B 34 -3.99 5.86 -8.91
N TRP B 35 -4.96 6.41 -8.21
CA TRP B 35 -4.68 7.05 -6.93
C TRP B 35 -4.92 6.03 -5.81
N ALA B 36 -4.39 6.34 -4.64
CA ALA B 36 -4.53 5.46 -3.50
C ALA B 36 -6.03 5.25 -3.21
N LYS B 37 -6.78 6.33 -3.37
CA LYS B 37 -8.22 6.28 -3.13
C LYS B 37 -8.88 5.41 -4.20
N ASP B 38 -8.08 5.02 -5.18
CA ASP B 38 -8.57 4.19 -6.26
C ASP B 38 -7.66 2.97 -6.42
N CYS B 39 -6.99 2.63 -5.33
CA CYS B 39 -6.08 1.49 -5.34
C CYS B 39 -6.92 0.21 -5.34
N PRO B 40 -6.57 -0.71 -6.28
CA PRO B 40 -7.28 -1.98 -6.40
C PRO B 40 -6.89 -2.93 -5.26
N LYS B 41 -6.02 -2.43 -4.39
CA LYS B 41 -5.56 -3.23 -3.26
C LYS B 41 -6.49 -2.99 -2.06
N LYS B 42 -7.14 -1.83 -2.09
CA LYS B 42 -8.06 -1.47 -1.01
C LYS B 42 -9.19 -2.49 -0.95
N PRO B 43 -9.19 -3.30 0.15
CA PRO B 43 -10.22 -4.31 0.34
C PRO B 43 -11.54 -3.67 0.75
N ARG B 44 -11.51 -3.04 1.92
CA ARG B 44 -12.71 -2.39 2.44
C ARG B 44 -12.45 -1.87 3.85
N GLY B 45 -11.38 -1.10 3.98
CA GLY B 45 -11.02 -0.54 5.27
C GLY B 45 -12.17 0.28 5.86
N PRO B 46 -11.93 0.78 7.10
CA PRO B 46 -10.68 0.54 7.78
C PRO B 46 -10.60 -0.89 8.31
N ARG B 47 -11.56 -1.23 9.16
CA ARG B 47 -11.61 -2.56 9.74
C ARG B 47 -10.39 -2.79 10.63
N GLY B 48 -10.66 -3.07 11.90
CA GLY B 48 -9.59 -3.32 12.85
C GLY B 48 -8.79 -2.05 13.12
N PRO B 49 -8.20 -1.98 14.34
CA PRO B 49 -7.41 -0.83 14.73
C PRO B 49 -6.04 -0.85 14.04
N ARG B 50 -5.24 0.16 14.36
CA ARG B 50 -3.91 0.26 13.78
C ARG B 50 -2.99 -0.84 14.34
N PRO B 51 -2.01 -1.23 13.50
CA PRO B 51 -1.06 -2.26 13.90
C PRO B 51 -0.04 -1.72 14.91
N GLN B 52 0.95 -2.55 15.20
CA GLN B 52 1.98 -2.17 16.14
C GLN B 52 3.17 -1.53 15.40
N THR B 53 3.95 -0.76 16.14
CA THR B 53 5.11 -0.09 15.57
C THR B 53 6.10 -1.12 15.02
N SER B 54 7.11 -0.60 14.33
CA SER B 54 8.13 -1.46 13.75
C SER B 54 9.45 -0.70 13.63
N LEU B 55 10.49 -1.30 14.18
CA LEU B 55 11.81 -0.70 14.14
C LEU B 55 12.46 -0.98 12.78
N LEU B 56 13.28 -0.03 12.35
CA LEU B 56 13.96 -0.16 11.08
C LEU B 56 12.98 -0.64 10.02
ZN ZN C . -2.55 1.32 -5.89
C1' AP7 A 7 9.15 -5.51 33.14
N1 AP7 A 7 7.20 -9.15 30.06
C2 AP7 A 7 6.64 -8.38 31.02
N3 AP7 A 7 7.22 -7.44 31.81
C4 AP7 A 7 8.53 -7.34 31.48
C5 AP7 A 7 9.23 -8.03 30.55
C6 AP7 A 7 8.53 -8.99 29.80
N6 AP7 A 7 9.07 -9.77 28.83
N7 AP7 A 7 10.54 -7.64 30.52
C8 AP7 A 7 10.62 -6.69 31.45
N9 AP7 A 7 9.43 -6.47 32.06
C2' AP7 A 7 9.42 -6.05 34.54
O2' AP7 A 7 8.53 -5.60 35.55
C3' AP7 A 7 10.70 -5.34 34.87
O3' AP7 A 7 10.91 -5.29 36.29
C4' AP7 A 7 10.53 -3.93 34.34
O4' AP7 A 7 10.02 -4.40 33.07
C5' AP7 A 7 11.83 -3.20 34.06
O5' AP7 A 7 12.59 -3.90 33.10
OP1 AP7 A 7 14.36 -2.18 32.75
OP2 AP7 A 7 14.06 -4.06 31.09
P AP7 A 7 13.45 -3.09 32.02
H1' AP7 A 7 8.12 -5.18 33.07
H1 AP7 A 7 6.65 -9.82 29.55
H2 AP7 A 7 5.59 -8.61 31.13
H61 AP7 A 7 10.06 -9.67 28.60
H62 AP7 A 7 8.51 -10.44 28.33
H8 AP7 A 7 11.50 -6.14 31.72
H2' AP7 A 7 9.60 -7.13 34.54
HO2' AP7 A 7 8.91 -5.83 36.40
H3' AP7 A 7 11.57 -5.83 34.44
H4' AP7 A 7 9.96 -3.37 35.07
H5'' AP7 A 7 12.37 -3.12 35.01
H5' AP7 A 7 11.60 -2.19 33.74
N ALA B 1 29.38 -38.76 2.14
CA ALA B 1 28.01 -38.88 2.63
C ALA B 1 27.43 -37.48 2.87
N THR B 2 26.51 -37.11 2.00
CA THR B 2 25.88 -35.80 2.09
C THR B 2 24.41 -35.89 1.67
N VAL B 3 23.57 -35.20 2.43
CA VAL B 3 22.14 -35.20 2.15
C VAL B 3 21.55 -33.85 2.59
N VAL B 4 21.24 -33.03 1.60
CA VAL B 4 20.66 -31.72 1.87
C VAL B 4 19.62 -31.39 0.80
N SER B 5 18.60 -30.68 1.22
CA SER B 5 17.52 -30.29 0.32
C SER B 5 17.05 -28.87 0.63
N GLY B 6 16.68 -28.15 -0.41
CA GLY B 6 16.21 -26.79 -0.26
C GLY B 6 15.38 -26.36 -1.49
N GLN B 7 14.64 -25.28 -1.29
CA GLN B 7 13.80 -24.75 -2.37
C GLN B 7 13.92 -23.22 -2.41
N LYS B 8 14.18 -22.72 -3.61
CA LYS B 8 14.31 -21.29 -3.80
C LYS B 8 13.20 -20.80 -4.75
N GLN B 9 12.20 -20.18 -4.17
CA GLN B 9 11.09 -19.66 -4.95
C GLN B 9 10.19 -18.77 -4.07
N ASP B 10 10.58 -17.51 -4.01
CA ASP B 10 9.82 -16.54 -3.21
C ASP B 10 10.55 -15.20 -3.23
N ARG B 11 9.78 -14.14 -2.96
CA ARG B 11 10.33 -12.81 -2.95
C ARG B 11 9.82 -12.03 -1.74
N GLN B 12 10.75 -11.44 -1.00
CA GLN B 12 10.39 -10.66 0.18
C GLN B 12 10.95 -9.24 0.07
N GLY B 13 10.11 -8.29 0.44
CA GLY B 13 10.50 -6.89 0.39
C GLY B 13 9.72 -6.06 1.42
N GLY B 14 8.96 -5.10 0.92
CA GLY B 14 8.17 -4.25 1.77
C GLY B 14 8.39 -2.77 1.42
N GLU B 15 9.07 -2.08 2.32
CA GLU B 15 9.35 -0.67 2.13
C GLU B 15 8.05 0.12 2.02
N ARG B 16 7.95 1.15 2.86
CA ARG B 16 6.77 2.00 2.86
C ARG B 16 7.16 3.45 3.13
N ARG B 17 7.19 4.22 2.05
CA ARG B 17 7.55 5.63 2.15
C ARG B 17 7.35 6.33 0.80
N ARG B 18 7.06 7.61 0.87
CA ARG B 18 6.84 8.40 -0.34
C ARG B 18 7.94 8.10 -1.36
N SER B 19 9.19 8.24 -0.92
CA SER B 19 10.32 7.99 -1.78
C SER B 19 10.28 8.93 -2.98
N GLN B 20 9.17 8.86 -3.71
CA GLN B 20 8.99 9.70 -4.88
C GLN B 20 7.51 9.83 -5.22
N LEU B 21 6.69 9.80 -4.19
CA LEU B 21 5.25 9.90 -4.36
C LEU B 21 4.95 10.89 -5.48
N ASP B 22 4.55 10.35 -6.62
CA ASP B 22 4.23 11.18 -7.77
C ASP B 22 2.76 11.61 -7.70
N ARG B 23 2.49 12.77 -8.27
CA ARG B 23 1.14 13.31 -8.28
C ARG B 23 0.22 12.44 -9.13
N ASP B 24 0.83 11.47 -9.81
CA ASP B 24 0.09 10.57 -10.67
C ASP B 24 0.42 9.13 -10.28
N GLN B 25 0.90 8.97 -9.06
CA GLN B 25 1.25 7.65 -8.56
C GLN B 25 0.27 7.21 -7.46
N CYS B 26 0.42 5.96 -7.05
CA CYS B 26 -0.44 5.41 -6.01
C CYS B 26 0.34 5.36 -4.70
N ALA B 27 -0.26 5.90 -3.66
CA ALA B 27 0.37 5.91 -2.35
C ALA B 27 -0.05 4.68 -1.56
N TYR B 28 -0.27 3.60 -2.30
CA TYR B 28 -0.68 2.35 -1.68
C TYR B 28 0.17 1.18 -2.18
N CYS B 29 0.09 0.94 -3.48
CA CYS B 29 0.84 -0.14 -4.10
C CYS B 29 2.07 0.46 -4.79
N LYS B 30 2.07 1.78 -4.87
CA LYS B 30 3.18 2.49 -5.49
C LYS B 30 3.05 2.39 -7.01
N GLU B 31 1.83 2.11 -7.45
CA GLU B 31 1.56 1.98 -8.87
C GLU B 31 1.58 3.35 -9.55
N LYS B 32 1.34 3.33 -10.85
CA LYS B 32 1.33 4.56 -11.62
C LYS B 32 0.09 4.60 -12.51
N GLY B 33 -0.74 5.61 -12.28
CA GLY B 33 -1.96 5.76 -13.05
C GLY B 33 -3.16 6.03 -12.13
N HIS B 34 -3.31 5.15 -11.15
CA HIS B 34 -4.40 5.27 -10.20
C HIS B 34 -3.87 5.80 -8.86
N TRP B 35 -4.78 6.36 -8.08
CA TRP B 35 -4.41 6.90 -6.79
C TRP B 35 -4.74 5.86 -5.72
N ALA B 36 -4.21 6.08 -4.54
CA ALA B 36 -4.44 5.16 -3.43
C ALA B 36 -5.95 5.07 -3.15
N LYS B 37 -6.61 6.20 -3.33
CA LYS B 37 -8.05 6.27 -3.10
C LYS B 37 -8.77 5.48 -4.19
N ASP B 38 -7.99 5.04 -5.18
CA ASP B 38 -8.54 4.29 -6.29
C ASP B 38 -7.73 3.00 -6.46
N CYS B 39 -6.97 2.66 -5.42
CA CYS B 39 -6.16 1.46 -5.45
C CYS B 39 -7.09 0.24 -5.48
N PRO B 40 -6.76 -0.71 -6.40
CA PRO B 40 -7.55 -1.92 -6.54
C PRO B 40 -7.28 -2.89 -5.38
N LYS B 41 -6.42 -2.45 -4.48
CA LYS B 41 -6.07 -3.27 -3.33
C LYS B 41 -6.96 -2.88 -2.14
N LYS B 42 -7.45 -1.66 -2.20
CA LYS B 42 -8.32 -1.16 -1.13
C LYS B 42 -9.27 -2.28 -0.69
N PRO B 43 -8.89 -2.92 0.45
CA PRO B 43 -9.70 -4.01 0.99
C PRO B 43 -10.96 -3.47 1.66
N ARG B 44 -11.72 -2.69 0.90
CA ARG B 44 -12.95 -2.11 1.42
C ARG B 44 -12.73 -1.55 2.82
N GLY B 45 -12.31 -0.29 2.86
CA GLY B 45 -12.06 0.37 4.13
C GLY B 45 -13.28 0.29 5.05
N PRO B 46 -13.16 0.95 6.22
CA PRO B 46 -11.94 1.66 6.56
C PRO B 46 -10.82 0.69 6.95
N ARG B 47 -9.60 1.10 6.64
CA ARG B 47 -8.44 0.28 6.94
C ARG B 47 -7.15 1.01 6.55
N GLY B 48 -6.17 0.93 7.43
CA GLY B 48 -4.90 1.57 7.20
C GLY B 48 -4.21 1.94 8.52
N PRO B 49 -3.48 0.95 9.09
CA PRO B 49 -2.79 1.16 10.35
C PRO B 49 -1.53 2.00 10.14
N ARG B 50 -0.81 2.22 11.23
CA ARG B 50 0.41 3.00 11.18
C ARG B 50 1.57 2.22 11.80
N PRO B 51 2.36 1.57 10.90
CA PRO B 51 3.50 0.78 11.33
C PRO B 51 4.66 1.68 11.74
N GLN B 52 5.69 1.06 12.30
CA GLN B 52 6.86 1.79 12.74
C GLN B 52 8.14 1.04 12.35
N THR B 53 8.46 1.12 11.06
CA THR B 53 9.65 0.46 10.55
C THR B 53 10.92 1.19 11.01
N SER B 54 11.35 0.86 12.21
CA SER B 54 12.54 1.48 12.77
C SER B 54 13.04 0.66 13.97
N LEU B 55 14.31 0.29 13.90
CA LEU B 55 14.92 -0.49 14.96
C LEU B 55 15.53 0.46 16.00
N LEU B 56 15.49 0.02 17.25
CA LEU B 56 16.03 0.81 18.34
C LEU B 56 17.40 0.26 18.75
ZN ZN C . -2.60 1.30 -5.93
C1' AP7 A 7 -9.27 -22.21 24.58
N1 AP7 A 7 -8.49 -17.12 24.38
C2 AP7 A 7 -7.83 -18.12 25.00
N3 AP7 A 7 -8.09 -19.44 25.01
C4 AP7 A 7 -9.20 -19.69 24.26
C5 AP7 A 7 -9.97 -18.81 23.58
C6 AP7 A 7 -9.60 -17.44 23.64
N6 AP7 A 7 -10.26 -16.43 23.02
N7 AP7 A 7 -11.00 -19.43 22.94
C8 AP7 A 7 -10.83 -20.71 23.25
N9 AP7 A 7 -9.76 -20.92 24.05
C2' AP7 A 7 -9.91 -22.58 25.92
O2' AP7 A 7 -9.09 -23.33 26.79
C3' AP7 A 7 -10.92 -23.61 25.47
O3' AP7 A 7 -11.32 -24.46 26.55
C4' AP7 A 7 -10.21 -24.44 24.40
O4' AP7 A 7 -9.66 -23.28 23.75
C5' AP7 A 7 -11.14 -25.17 23.47
O5' AP7 A 7 -11.84 -24.25 22.64
OP1 AP7 A 7 -12.60 -25.94 20.96
OP2 AP7 A 7 -12.83 -23.46 20.49
P AP7 A 7 -12.05 -24.56 21.09
H1' AP7 A 7 -8.19 -22.18 24.69
H1 AP7 A 7 -8.18 -16.16 24.45
H2 AP7 A 7 -6.97 -17.73 25.54
H61 AP7 A 7 -11.09 -16.64 22.47
H62 AP7 A 7 -9.94 -15.48 23.11
H8 AP7 A 7 -11.46 -21.53 22.94
H2' AP7 A 7 -10.42 -21.76 26.39
HO2' AP7 A 7 -8.17 -23.15 26.57
H3' AP7 A 7 -11.83 -23.14 25.08
H4' AP7 A 7 -9.58 -25.16 24.93
H5'' AP7 A 7 -11.85 -25.76 24.07
H5' AP7 A 7 -10.55 -25.87 22.87
N ALA B 1 20.59 -11.88 -20.56
CA ALA B 1 19.16 -11.97 -20.29
C ALA B 1 18.95 -12.78 -19.01
N THR B 2 17.76 -12.65 -18.44
CA THR B 2 17.42 -13.35 -17.22
C THR B 2 16.05 -14.02 -17.36
N VAL B 3 15.87 -15.10 -16.61
CA VAL B 3 14.63 -15.84 -16.63
C VAL B 3 13.46 -14.88 -16.36
N VAL B 4 12.40 -15.06 -17.12
CA VAL B 4 11.22 -14.23 -16.97
C VAL B 4 10.02 -15.09 -16.56
N SER B 5 9.47 -14.77 -15.39
CA SER B 5 8.33 -15.51 -14.87
C SER B 5 7.17 -14.55 -14.62
N GLY B 6 5.97 -15.06 -14.84
CA GLY B 6 4.77 -14.27 -14.65
C GLY B 6 3.82 -14.96 -13.66
N GLN B 7 4.31 -15.14 -12.44
CA GLN B 7 3.52 -15.77 -11.40
C GLN B 7 4.04 -15.37 -10.02
N LYS B 8 4.18 -14.07 -9.82
CA LYS B 8 4.67 -13.55 -8.56
C LYS B 8 4.38 -12.05 -8.48
N GLN B 9 3.70 -11.67 -7.41
CA GLN B 9 3.35 -10.27 -7.21
C GLN B 9 4.14 -9.70 -6.02
N ASP B 10 5.37 -9.31 -6.30
CA ASP B 10 6.24 -8.74 -5.27
C ASP B 10 5.64 -7.41 -4.78
N ARG B 11 5.54 -7.30 -3.47
CA ARG B 11 5.00 -6.08 -2.87
C ARG B 11 5.70 -5.81 -1.53
N GLN B 12 5.96 -4.52 -1.30
CA GLN B 12 6.62 -4.10 -0.08
C GLN B 12 6.52 -2.58 0.09
N GLY B 13 6.74 -2.15 1.31
CA GLY B 13 6.67 -0.72 1.62
C GLY B 13 5.92 -0.48 2.93
N GLY B 14 5.31 0.70 3.01
CA GLY B 14 4.55 1.06 4.19
C GLY B 14 5.47 1.68 5.26
N GLU B 15 4.85 2.36 6.21
CA GLU B 15 5.60 2.99 7.28
C GLU B 15 6.53 4.06 6.72
N ARG B 16 5.93 5.17 6.32
CA ARG B 16 6.70 6.28 5.76
C ARG B 16 7.74 5.76 4.77
N ARG B 17 7.32 5.68 3.51
CA ARG B 17 8.20 5.21 2.46
C ARG B 17 7.61 5.55 1.08
N ARG B 18 7.91 6.74 0.63
CA ARG B 18 7.42 7.20 -0.66
C ARG B 18 8.58 7.72 -1.52
N SER B 19 9.43 6.78 -1.92
CA SER B 19 10.57 7.12 -2.74
C SER B 19 10.38 8.51 -3.37
N GLN B 20 9.54 8.55 -4.39
CA GLN B 20 9.25 9.80 -5.07
C GLN B 20 7.75 9.92 -5.35
N LEU B 21 6.96 9.65 -4.32
CA LEU B 21 5.52 9.73 -4.45
C LEU B 21 5.16 10.68 -5.59
N ASP B 22 4.82 10.09 -6.73
CA ASP B 22 4.45 10.87 -7.89
C ASP B 22 3.01 11.37 -7.74
N ARG B 23 2.77 12.55 -8.29
CA ARG B 23 1.44 13.15 -8.22
C ARG B 23 0.45 12.34 -9.06
N ASP B 24 0.98 11.34 -9.74
CA ASP B 24 0.16 10.49 -10.58
C ASP B 24 0.43 9.02 -10.24
N GLN B 25 0.86 8.81 -9.01
CA GLN B 25 1.16 7.46 -8.53
C GLN B 25 0.19 7.07 -7.41
N CYS B 26 0.31 5.82 -7.00
CA CYS B 26 -0.54 5.31 -5.93
C CYS B 26 0.26 5.29 -4.63
N ALA B 27 -0.36 5.84 -3.59
CA ALA B 27 0.28 5.91 -2.29
C ALA B 27 -0.07 4.66 -1.49
N TYR B 28 -0.36 3.58 -2.22
CA TYR B 28 -0.70 2.32 -1.60
C TYR B 28 0.18 1.19 -2.12
N CYS B 29 0.09 0.96 -3.43
CA CYS B 29 0.87 -0.09 -4.06
C CYS B 29 2.12 0.55 -4.68
N LYS B 30 1.95 1.81 -5.07
CA LYS B 30 3.06 2.55 -5.68
C LYS B 30 2.97 2.42 -7.20
N GLU B 31 1.75 2.17 -7.67
CA GLU B 31 1.51 2.03 -9.10
C GLU B 31 1.19 3.39 -9.72
N LYS B 32 1.71 3.57 -10.94
CA LYS B 32 1.48 4.82 -11.65
C LYS B 32 0.24 4.68 -12.54
N GLY B 33 -0.69 5.60 -12.34
CA GLY B 33 -1.92 5.59 -13.10
C GLY B 33 -3.13 5.87 -12.21
N HIS B 34 -3.20 5.12 -11.11
CA HIS B 34 -4.30 5.27 -10.18
C HIS B 34 -3.76 5.79 -8.85
N TRP B 35 -4.66 6.36 -8.05
CA TRP B 35 -4.29 6.88 -6.75
C TRP B 35 -4.69 5.86 -5.68
N ALA B 36 -4.18 6.08 -4.48
CA ALA B 36 -4.48 5.20 -3.37
C ALA B 36 -5.99 5.16 -3.14
N LYS B 37 -6.62 6.31 -3.35
CA LYS B 37 -8.05 6.41 -3.17
C LYS B 37 -8.76 5.56 -4.23
N ASP B 38 -7.97 5.07 -5.17
CA ASP B 38 -8.50 4.25 -6.24
C ASP B 38 -7.62 3.00 -6.41
N CYS B 39 -7.01 2.59 -5.32
CA CYS B 39 -6.13 1.44 -5.33
C CYS B 39 -7.01 0.18 -5.39
N PRO B 40 -6.62 -0.75 -6.31
CA PRO B 40 -7.36 -1.99 -6.47
C PRO B 40 -7.07 -2.96 -5.33
N LYS B 41 -6.24 -2.49 -4.41
CA LYS B 41 -5.87 -3.31 -3.25
C LYS B 41 -6.80 -2.98 -2.09
N LYS B 42 -7.36 -1.78 -2.14
CA LYS B 42 -8.27 -1.33 -1.09
C LYS B 42 -9.16 -2.50 -0.66
N PRO B 43 -8.78 -3.12 0.49
CA PRO B 43 -9.53 -4.24 1.01
C PRO B 43 -10.83 -3.77 1.66
N ARG B 44 -10.67 -3.05 2.76
CA ARG B 44 -11.83 -2.53 3.49
C ARG B 44 -11.43 -1.31 4.31
N GLY B 45 -12.44 -0.69 4.90
CA GLY B 45 -12.21 0.50 5.72
C GLY B 45 -13.51 0.97 6.37
N PRO B 46 -13.36 2.02 7.23
CA PRO B 46 -12.07 2.62 7.48
C PRO B 46 -11.22 1.71 8.38
N ARG B 47 -9.92 1.79 8.19
CA ARG B 47 -8.99 1.00 8.98
C ARG B 47 -7.87 1.88 9.53
N GLY B 48 -7.49 1.59 10.77
CA GLY B 48 -6.43 2.34 11.41
C GLY B 48 -5.07 2.02 10.81
N PRO B 49 -4.33 3.10 10.44
CA PRO B 49 -3.01 2.95 9.85
C PRO B 49 -1.97 2.55 10.90
N ARG B 50 -1.60 1.29 10.88
CA ARG B 50 -0.62 0.78 11.82
C ARG B 50 0.65 0.33 11.09
N PRO B 51 1.81 0.74 11.65
CA PRO B 51 3.09 0.40 11.06
C PRO B 51 3.44 -1.07 11.34
N GLN B 52 4.38 -1.59 10.56
CA GLN B 52 4.81 -2.97 10.71
C GLN B 52 6.26 -3.12 10.25
N THR B 53 7.17 -2.91 11.20
CA THR B 53 8.59 -3.02 10.91
C THR B 53 9.33 -3.65 12.10
N SER B 54 10.10 -4.68 11.80
CA SER B 54 10.86 -5.37 12.83
C SER B 54 11.41 -6.69 12.28
N LEU B 55 12.61 -6.61 11.75
CA LEU B 55 13.26 -7.78 11.18
C LEU B 55 14.70 -7.45 10.81
N LEU B 56 15.50 -8.49 10.63
CA LEU B 56 16.91 -8.31 10.28
C LEU B 56 17.49 -9.65 9.83
ZN ZN C . -2.65 1.26 -5.89
C1' AP7 A 7 20.58 -23.39 5.93
N1 AP7 A 7 20.19 -19.64 9.43
C2 AP7 A 7 20.91 -19.75 8.29
N3 AP7 A 7 20.96 -20.77 7.41
C4 AP7 A 7 20.14 -21.77 7.83
C5 AP7 A 7 19.36 -21.81 8.94
C6 AP7 A 7 19.38 -20.68 9.79
N6 AP7 A 7 18.67 -20.57 10.94
N7 AP7 A 7 18.68 -22.99 9.02
C8 AP7 A 7 19.06 -23.65 7.94
N9 AP7 A 7 19.94 -22.96 7.19
C2' AP7 A 7 21.85 -24.20 6.13
O2' AP7 A 7 22.85 -24.01 5.15
C3' AP7 A 7 21.36 -25.59 5.82
O3' AP7 A 7 22.42 -26.46 5.46
C4' AP7 A 7 20.42 -25.42 4.64
O4' AP7 A 7 19.75 -24.30 5.23
C5' AP7 A 7 19.44 -26.57 4.45
O5' AP7 A 7 18.66 -26.75 5.63
OP1 AP7 A 7 17.03 -28.46 4.85
OP2 AP7 A 7 16.51 -27.03 6.87
P AP7 A 7 17.12 -27.15 5.52
H1' AP7 A 7 20.79 -22.52 5.31
H1 AP7 A 7 20.25 -18.81 10.01
H2 AP7 A 7 21.50 -18.86 8.13
H61 AP7 A 7 18.07 -21.31 11.23
H62 AP7 A 7 18.73 -19.72 11.50
H8 AP7 A 7 18.73 -24.64 7.65
H2' AP7 A 7 22.21 -24.18 7.16
HO2' AP7 A 7 22.42 -23.75 4.33
H3' AP7 A 7 20.84 -26.05 6.67
H4' AP7 A 7 21.03 -25.34 3.74
H5'' AP7 A 7 20.00 -27.48 4.22
H5' AP7 A 7 18.80 -26.35 3.60
N ALA B 1 0.41 -18.09 12.50
CA ALA B 1 1.02 -18.26 11.20
C ALA B 1 1.29 -19.74 10.93
N THR B 2 0.34 -20.36 10.25
CA THR B 2 0.46 -21.78 9.94
C THR B 2 0.62 -21.98 8.43
N VAL B 3 1.64 -21.32 7.88
CA VAL B 3 1.90 -21.42 6.46
C VAL B 3 3.22 -20.70 6.14
N VAL B 4 3.97 -21.28 5.22
CA VAL B 4 5.23 -20.70 4.81
C VAL B 4 5.14 -20.25 3.35
N SER B 5 5.09 -18.94 3.18
CA SER B 5 5.00 -18.37 1.84
C SER B 5 5.97 -17.19 1.71
N GLY B 6 6.23 -16.82 0.47
CA GLY B 6 7.13 -15.71 0.20
C GLY B 6 6.92 -15.16 -1.21
N GLN B 7 7.24 -13.88 -1.37
CA GLN B 7 7.09 -13.22 -2.65
C GLN B 7 8.42 -12.62 -3.11
N LYS B 8 8.57 -12.52 -4.41
CA LYS B 8 9.79 -11.97 -5.00
C LYS B 8 9.76 -10.45 -4.87
N GLN B 9 10.39 -9.96 -3.81
CA GLN B 9 10.45 -8.53 -3.57
C GLN B 9 11.83 -8.13 -3.05
N ASP B 10 12.05 -6.83 -2.99
CA ASP B 10 13.32 -6.31 -2.51
C ASP B 10 13.18 -4.81 -2.21
N ARG B 11 13.50 -4.45 -0.98
CA ARG B 11 13.41 -3.07 -0.56
C ARG B 11 13.93 -2.91 0.87
N GLN B 12 14.66 -1.83 1.09
CA GLN B 12 15.22 -1.55 2.40
C GLN B 12 14.77 -0.18 2.90
N GLY B 13 14.92 0.80 2.01
CA GLY B 13 14.54 2.16 2.35
C GLY B 13 15.44 3.17 1.63
N GLY B 14 15.39 4.41 2.11
CA GLY B 14 16.18 5.47 1.52
C GLY B 14 15.30 6.64 1.09
N GLU B 15 15.95 7.68 0.59
CA GLU B 15 15.23 8.86 0.13
C GLU B 15 13.99 9.10 0.99
N ARG B 16 14.18 9.89 2.04
CA ARG B 16 13.08 10.19 2.95
C ARG B 16 12.11 11.16 2.28
N ARG B 17 11.48 10.69 1.22
CA ARG B 17 10.52 11.50 0.48
C ARG B 17 9.57 10.62 -0.32
N ARG B 18 8.87 9.75 0.40
CA ARG B 18 7.92 8.84 -0.23
C ARG B 18 8.50 8.32 -1.55
N SER B 19 9.80 8.09 -1.54
CA SER B 19 10.47 7.59 -2.73
C SER B 19 10.32 8.59 -3.88
N GLN B 20 9.07 8.93 -4.16
CA GLN B 20 8.78 9.87 -5.22
C GLN B 20 7.27 9.95 -5.45
N LEU B 21 6.53 9.98 -4.35
CA LEU B 21 5.08 10.06 -4.42
C LEU B 21 4.68 11.07 -5.50
N ASP B 22 4.36 10.54 -6.68
CA ASP B 22 3.96 11.38 -7.78
C ASP B 22 2.49 11.76 -7.63
N ARG B 23 2.13 12.87 -8.24
CA ARG B 23 0.76 13.35 -8.17
C ARG B 23 -0.16 12.45 -9.00
N ASP B 24 0.44 11.41 -9.58
CA ASP B 24 -0.30 10.48 -10.39
C ASP B 24 0.14 9.05 -10.06
N GLN B 25 0.72 8.91 -8.87
CA GLN B 25 1.19 7.61 -8.42
C GLN B 25 0.43 7.17 -7.17
N CYS B 26 0.13 5.88 -7.12
CA CYS B 26 -0.58 5.33 -5.99
C CYS B 26 0.34 5.32 -4.78
N ALA B 27 -0.18 5.84 -3.67
CA ALA B 27 0.60 5.90 -2.44
C ALA B 27 0.28 4.68 -1.58
N TYR B 28 -0.06 3.59 -2.27
CA TYR B 28 -0.38 2.36 -1.58
C TYR B 28 0.41 1.18 -2.16
N CYS B 29 0.18 0.94 -3.44
CA CYS B 29 0.85 -0.14 -4.13
C CYS B 29 2.06 0.43 -4.87
N LYS B 30 2.06 1.76 -5.01
CA LYS B 30 3.14 2.44 -5.69
C LYS B 30 2.97 2.27 -7.20
N GLU B 31 1.74 2.05 -7.61
CA GLU B 31 1.43 1.87 -9.02
C GLU B 31 1.03 3.21 -9.65
N LYS B 32 1.78 3.58 -10.68
CA LYS B 32 1.52 4.83 -11.38
C LYS B 32 0.35 4.64 -12.34
N GLY B 33 -0.65 5.50 -12.19
CA GLY B 33 -1.83 5.44 -13.03
C GLY B 33 -3.10 5.77 -12.23
N HIS B 34 -3.21 5.13 -11.08
CA HIS B 34 -4.35 5.36 -10.22
C HIS B 34 -3.89 5.98 -8.89
N TRP B 35 -4.87 6.40 -8.09
CA TRP B 35 -4.57 7.00 -6.81
C TRP B 35 -4.87 5.97 -5.72
N ALA B 36 -4.37 6.26 -4.53
CA ALA B 36 -4.58 5.36 -3.40
C ALA B 36 -6.08 5.19 -3.16
N LYS B 37 -6.81 6.28 -3.33
CA LYS B 37 -8.24 6.26 -3.14
C LYS B 37 -8.90 5.44 -4.25
N ASP B 38 -8.07 5.05 -5.20
CA ASP B 38 -8.55 4.26 -6.33
C ASP B 38 -7.67 3.01 -6.49
N CYS B 39 -7.03 2.65 -5.38
CA CYS B 39 -6.16 1.48 -5.38
C CYS B 39 -7.03 0.23 -5.48
N PRO B 40 -6.63 -0.68 -6.41
CA PRO B 40 -7.37 -1.92 -6.61
C PRO B 40 -7.10 -2.90 -5.47
N LYS B 41 -6.29 -2.47 -4.52
CA LYS B 41 -5.95 -3.31 -3.38
C LYS B 41 -6.92 -3.00 -2.24
N LYS B 42 -7.52 -1.82 -2.30
CA LYS B 42 -8.46 -1.41 -1.27
C LYS B 42 -9.46 -2.53 -1.02
N PRO B 43 -9.26 -3.22 0.14
CA PRO B 43 -10.14 -4.33 0.51
C PRO B 43 -11.48 -3.81 1.00
N ARG B 44 -12.45 -4.72 1.05
CA ARG B 44 -13.79 -4.37 1.49
C ARG B 44 -14.70 -5.59 1.44
N GLY B 45 -14.59 -6.43 2.47
CA GLY B 45 -15.40 -7.63 2.55
C GLY B 45 -15.34 -8.42 1.24
N PRO B 46 -16.12 -9.52 1.19
CA PRO B 46 -16.94 -9.90 2.33
C PRO B 46 -16.08 -10.51 3.45
N ARG B 47 -15.19 -11.39 3.04
CA ARG B 47 -14.29 -12.05 3.99
C ARG B 47 -13.39 -13.03 3.28
N GLY B 48 -12.22 -13.25 3.87
CA GLY B 48 -11.25 -14.18 3.29
C GLY B 48 -11.03 -15.38 4.21
N PRO B 49 -11.88 -16.42 4.01
CA PRO B 49 -11.79 -17.63 4.81
C PRO B 49 -10.59 -18.48 4.38
N ARG B 50 -10.08 -19.26 5.32
CA ARG B 50 -8.94 -20.11 5.05
C ARG B 50 -8.60 -20.95 6.29
N PRO B 51 -9.57 -21.82 6.68
CA PRO B 51 -9.38 -22.68 7.84
C PRO B 51 -8.42 -23.82 7.53
N GLN B 52 -7.82 -24.35 8.59
CA GLN B 52 -6.88 -25.45 8.45
C GLN B 52 -6.43 -25.96 9.81
N THR B 53 -6.90 -27.16 10.14
CA THR B 53 -6.56 -27.77 11.42
C THR B 53 -6.84 -29.28 11.38
N SER B 54 -5.91 -30.02 11.94
CA SER B 54 -6.04 -31.47 11.98
C SER B 54 -4.79 -32.10 12.59
N LEU B 55 -4.95 -32.65 13.78
CA LEU B 55 -3.84 -33.28 14.48
C LEU B 55 -4.39 -34.35 15.43
N LEU B 56 -3.51 -35.28 15.79
CA LEU B 56 -3.89 -36.35 16.70
C LEU B 56 -2.73 -36.64 17.66
ZN ZN C . -2.72 1.31 -5.89
C1' AP7 A 7 29.13 4.36 5.61
N1 AP7 A 7 25.16 5.45 8.72
C2 AP7 A 7 25.74 6.13 7.70
N3 AP7 A 7 26.78 5.79 6.92
C4 AP7 A 7 27.25 4.56 7.30
C5 AP7 A 7 26.78 3.76 8.29
C6 AP7 A 7 25.68 4.22 9.05
N6 AP7 A 7 25.11 3.54 10.07
N7 AP7 A 7 27.50 2.60 8.37
C8 AP7 A 7 28.40 2.73 7.40
N9 AP7 A 7 28.30 3.89 6.72
C2' AP7 A 7 30.37 5.13 6.05
O2' AP7 A 7 30.76 6.19 5.19
C3' AP7 A 7 31.44 4.10 5.80
O3' AP7 A 7 32.72 4.71 5.66
C4' AP7 A 7 31.05 3.42 4.49
O4' AP7 A 7 29.68 3.28 4.89
C5' AP7 A 7 31.64 2.05 4.30
O5' AP7 A 7 31.12 1.16 5.28
OP1 AP7 A 7 31.91 -0.97 4.23
OP2 AP7 A 7 30.16 -1.01 6.05
P AP7 A 7 30.72 -0.34 4.86
H1' AP7 A 7 28.53 4.99 4.94
H1 AP7 A 7 24.39 5.83 9.23
H2 AP7 A 7 25.24 7.08 7.56
H61 AP7 A 7 25.46 2.64 10.33
H62 AP7 A 7 24.32 3.94 10.56
H8 AP7 A 7 29.17 2.01 7.15
H2' AP7 A 7 30.35 5.39 7.10
HO2' AP7 A 7 30.08 6.31 4.53
H3' AP7 A 7 31.52 3.38 6.61
H4' AP7 A 7 31.39 4.08 3.68
H5'' AP7 A 7 32.73 2.13 4.39
H5' AP7 A 7 31.41 1.71 3.30
N ALA B 1 -13.58 -30.21 27.60
CA ALA B 1 -12.99 -28.92 27.31
C ALA B 1 -14.04 -28.00 26.71
N THR B 2 -13.75 -26.71 26.75
CA THR B 2 -14.67 -25.71 26.22
C THR B 2 -13.92 -24.40 25.92
N VAL B 3 -14.05 -23.95 24.68
CA VAL B 3 -13.41 -22.71 24.27
C VAL B 3 -13.85 -22.38 22.84
N VAL B 4 -14.11 -21.09 22.63
CA VAL B 4 -14.54 -20.63 21.32
C VAL B 4 -14.54 -19.10 21.31
N SER B 5 -13.76 -18.54 20.39
CA SER B 5 -13.66 -17.10 20.27
C SER B 5 -12.43 -16.73 19.44
N GLY B 6 -12.52 -15.58 18.79
CA GLY B 6 -11.43 -15.10 17.95
C GLY B 6 -11.03 -13.68 18.33
N GLN B 7 -10.09 -13.14 17.58
CA GLN B 7 -9.61 -11.78 17.82
C GLN B 7 -8.51 -11.42 16.83
N LYS B 8 -8.38 -10.13 16.59
CA LYS B 8 -7.37 -9.63 15.67
C LYS B 8 -7.34 -8.11 15.72
N GLN B 9 -6.15 -7.56 15.49
CA GLN B 9 -5.98 -6.12 15.50
C GLN B 9 -4.52 -5.76 15.22
N ASP B 10 -4.25 -5.42 13.97
CA ASP B 10 -2.91 -5.05 13.56
C ASP B 10 -2.89 -4.78 12.06
N ARG B 11 -2.08 -3.81 11.66
CA ARG B 11 -1.96 -3.45 10.27
C ARG B 11 -0.90 -2.37 10.08
N GLN B 12 -1.21 -1.18 10.58
CA GLN B 12 -0.30 -0.05 10.48
C GLN B 12 0.12 0.16 9.02
N GLY B 13 0.77 1.30 8.79
CA GLY B 13 1.22 1.64 7.45
C GLY B 13 1.40 3.15 7.30
N GLY B 14 2.32 3.52 6.42
CA GLY B 14 2.59 4.93 6.17
C GLY B 14 2.98 5.65 7.47
N GLU B 15 3.60 6.80 7.30
CA GLU B 15 4.02 7.60 8.44
C GLU B 15 4.17 9.07 8.04
N ARG B 16 5.09 9.30 7.11
CA ARG B 16 5.34 10.65 6.64
C ARG B 16 6.53 10.66 5.67
N ARG B 17 6.25 10.27 4.44
CA ARG B 17 7.28 10.23 3.42
C ARG B 17 6.70 9.74 2.08
N ARG B 18 7.41 10.05 1.01
CA ARG B 18 6.98 9.64 -0.32
C ARG B 18 8.16 9.11 -1.12
N SER B 19 8.61 7.92 -0.74
CA SER B 19 9.74 7.30 -1.43
C SER B 19 9.56 7.42 -2.94
N GLN B 20 9.50 8.65 -3.40
CA GLN B 20 9.33 8.91 -4.82
C GLN B 20 7.87 8.75 -5.23
N LEU B 21 7.00 9.44 -4.48
CA LEU B 21 5.58 9.38 -4.76
C LEU B 21 5.21 10.45 -5.78
N ASP B 22 4.79 9.99 -6.95
CA ASP B 22 4.41 10.90 -8.02
C ASP B 22 2.98 11.40 -7.77
N ARG B 23 2.72 12.60 -8.25
CA ARG B 23 1.42 13.20 -8.09
C ARG B 23 0.37 12.44 -8.91
N ASP B 24 0.87 11.50 -9.70
CA ASP B 24 -0.01 10.70 -10.54
C ASP B 24 0.26 9.22 -10.27
N GLN B 25 0.75 8.94 -9.07
CA GLN B 25 1.05 7.58 -8.67
C GLN B 25 0.11 7.15 -7.54
N CYS B 26 0.30 5.90 -7.11
CA CYS B 26 -0.52 5.36 -6.05
C CYS B 26 0.29 5.39 -4.75
N ALA B 27 -0.36 5.84 -3.69
CA ALA B 27 0.28 5.93 -2.39
C ALA B 27 -0.02 4.67 -1.58
N TYR B 28 -0.35 3.61 -2.30
CA TYR B 28 -0.67 2.34 -1.67
C TYR B 28 0.23 1.22 -2.21
N CYS B 29 0.07 0.96 -3.49
CA CYS B 29 0.86 -0.08 -4.13
C CYS B 29 2.07 0.57 -4.80
N LYS B 30 1.95 1.87 -5.03
CA LYS B 30 3.02 2.62 -5.66
C LYS B 30 2.77 2.70 -7.16
N GLU B 31 1.94 1.78 -7.64
CA GLU B 31 1.62 1.73 -9.05
C GLU B 31 1.27 3.13 -9.57
N LYS B 32 1.70 3.40 -10.79
CA LYS B 32 1.45 4.69 -11.41
C LYS B 32 0.24 4.58 -12.32
N GLY B 33 -0.63 5.59 -12.23
CA GLY B 33 -1.83 5.62 -13.04
C GLY B 33 -3.07 5.92 -12.17
N HIS B 34 -3.16 5.21 -11.06
CA HIS B 34 -4.27 5.39 -10.15
C HIS B 34 -3.76 5.90 -8.80
N TRP B 35 -4.69 6.40 -8.00
CA TRP B 35 -4.34 6.93 -6.69
C TRP B 35 -4.71 5.87 -5.65
N ALA B 36 -4.19 6.08 -4.44
CA ALA B 36 -4.46 5.15 -3.35
C ALA B 36 -5.97 5.08 -3.11
N LYS B 37 -6.62 6.22 -3.29
CA LYS B 37 -8.06 6.30 -3.08
C LYS B 37 -8.76 5.51 -4.19
N ASP B 38 -7.97 5.06 -5.15
CA ASP B 38 -8.51 4.29 -6.26
C ASP B 38 -7.67 3.03 -6.46
N CYS B 39 -6.99 2.63 -5.39
CA CYS B 39 -6.15 1.45 -5.43
C CYS B 39 -7.05 0.21 -5.48
N PRO B 40 -6.70 -0.71 -6.42
CA PRO B 40 -7.46 -1.93 -6.59
C PRO B 40 -7.17 -2.92 -5.46
N LYS B 41 -6.32 -2.49 -4.54
CA LYS B 41 -5.95 -3.32 -3.40
C LYS B 41 -6.88 -3.01 -2.24
N LYS B 42 -7.50 -1.84 -2.30
CA LYS B 42 -8.41 -1.41 -1.25
C LYS B 42 -9.34 -2.58 -0.89
N PRO B 43 -9.05 -3.22 0.27
CA PRO B 43 -9.85 -4.34 0.74
C PRO B 43 -11.18 -3.86 1.30
N ARG B 44 -12.23 -4.60 0.97
CA ARG B 44 -13.57 -4.26 1.44
C ARG B 44 -14.33 -5.53 1.83
N GLY B 45 -15.15 -5.39 2.86
CA GLY B 45 -15.93 -6.51 3.34
C GLY B 45 -17.40 -6.11 3.55
N PRO B 46 -18.20 -7.09 4.04
CA PRO B 46 -17.67 -8.41 4.34
C PRO B 46 -17.44 -9.20 3.06
N ARG B 47 -16.31 -9.92 3.05
CA ARG B 47 -15.96 -10.72 1.88
C ARG B 47 -15.10 -11.91 2.31
N GLY B 48 -15.72 -13.08 2.33
CA GLY B 48 -15.02 -14.30 2.71
C GLY B 48 -15.60 -15.52 1.98
N PRO B 49 -14.70 -16.22 1.25
CA PRO B 49 -15.11 -17.40 0.51
C PRO B 49 -15.33 -18.59 1.44
N ARG B 50 -16.01 -19.60 0.91
CA ARG B 50 -16.30 -20.79 1.69
C ARG B 50 -16.36 -22.01 0.77
N PRO B 51 -15.42 -22.97 1.02
CA PRO B 51 -15.36 -24.18 0.23
C PRO B 51 -16.49 -25.15 0.61
N GLN B 52 -16.51 -26.28 -0.06
CA GLN B 52 -17.52 -27.29 0.20
C GLN B 52 -16.89 -28.52 0.87
N THR B 53 -15.98 -29.14 0.14
CA THR B 53 -15.29 -30.32 0.65
C THR B 53 -16.30 -31.42 0.97
N SER B 54 -15.81 -32.65 0.99
CA SER B 54 -16.64 -33.80 1.28
C SER B 54 -15.83 -34.87 2.00
N LEU B 55 -16.56 -35.81 2.61
CA LEU B 55 -15.92 -36.90 3.33
C LEU B 55 -16.71 -38.19 3.11
N LEU B 56 -16.00 -39.30 3.20
CA LEU B 56 -16.62 -40.60 3.02
C LEU B 56 -16.99 -40.78 1.55
ZN ZN C . -2.64 1.28 -5.99
C1' AP7 A 7 16.60 -23.57 15.76
N1 AP7 A 7 11.52 -22.76 15.38
C2 AP7 A 7 12.39 -22.63 16.41
N3 AP7 A 7 13.72 -22.86 16.44
C4 AP7 A 7 14.13 -23.28 15.22
C5 AP7 A 7 13.39 -23.45 14.10
C6 AP7 A 7 12.01 -23.18 14.18
N6 AP7 A 7 11.14 -23.31 13.15
N7 AP7 A 7 14.17 -23.88 13.05
C8 AP7 A 7 15.39 -23.96 13.57
N9 AP7 A 7 15.42 -23.60 14.87
C2' AP7 A 7 16.85 -24.89 16.49
O2' AP7 A 7 17.40 -24.78 17.78
C3' AP7 A 7 18.01 -25.43 15.69
O3' AP7 A 7 18.74 -26.40 16.43
C4' AP7 A 7 18.90 -24.22 15.41
O4' AP7 A 7 17.78 -23.40 15.03
C5' AP7 A 7 19.83 -24.39 14.23
O5' AP7 A 7 19.07 -24.48 13.02
OP1 AP7 A 7 20.94 -24.07 11.43
OP2 AP7 A 7 18.54 -23.91 10.65
P AP7 A 7 19.54 -23.69 11.71
H1' AP7 A 7 16.49 -22.78 16.49
H1 AP7 A 7 10.54 -22.55 15.50
H2 AP7 A 7 11.88 -22.30 17.30
H61 AP7 A 7 11.46 -23.62 12.25
H62 AP7 A 7 10.16 -23.09 13.29
H8 AP7 A 7 16.28 -24.26 13.05
H2' AP7 A 7 16.02 -25.58 16.40
HO2' AP7 A 7 18.10 -24.12 17.76
H3' AP7 A 7 17.70 -25.91 14.76
H4' AP7 A 7 19.50 -24.05 16.30
H5'' AP7 A 7 20.42 -25.30 14.38
H5' AP7 A 7 20.50 -23.55 14.20
N ALA B 1 -1.06 -44.95 7.69
CA ALA B 1 -1.04 -44.61 6.28
C ALA B 1 0.27 -43.88 5.96
N THR B 2 0.59 -43.85 4.67
CA THR B 2 1.80 -43.20 4.22
C THR B 2 1.59 -42.57 2.83
N VAL B 3 2.15 -41.38 2.67
CA VAL B 3 2.02 -40.66 1.41
C VAL B 3 3.35 -40.00 1.07
N VAL B 4 3.38 -39.35 -0.08
CA VAL B 4 4.58 -38.67 -0.53
C VAL B 4 4.20 -37.43 -1.32
N SER B 5 5.04 -36.41 -1.22
CA SER B 5 4.79 -35.16 -1.92
C SER B 5 5.93 -34.16 -1.62
N GLY B 6 6.27 -33.38 -2.64
CA GLY B 6 7.32 -32.40 -2.51
C GLY B 6 7.04 -31.17 -3.38
N GLN B 7 7.25 -30.00 -2.79
CA GLN B 7 7.02 -28.76 -3.50
C GLN B 7 8.07 -27.73 -3.10
N LYS B 8 7.96 -26.55 -3.71
CA LYS B 8 8.90 -25.48 -3.43
C LYS B 8 8.30 -24.15 -3.91
N GLN B 9 8.79 -23.07 -3.30
CA GLN B 9 8.30 -21.75 -3.65
C GLN B 9 8.97 -20.69 -2.76
N ASP B 10 9.02 -19.48 -3.28
CA ASP B 10 9.63 -18.37 -2.55
C ASP B 10 9.26 -17.05 -3.22
N ARG B 11 8.75 -16.14 -2.41
CA ARG B 11 8.35 -14.83 -2.92
C ARG B 11 7.91 -13.93 -1.76
N GLN B 12 8.54 -12.77 -1.70
CA GLN B 12 8.23 -11.80 -0.64
C GLN B 12 9.01 -10.52 -0.85
N GLY B 13 8.45 -9.42 -0.35
CA GLY B 13 9.09 -8.13 -0.47
C GLY B 13 8.06 -7.03 -0.74
N GLY B 14 8.05 -6.04 0.14
CA GLY B 14 7.12 -4.93 0.02
C GLY B 14 7.37 -3.88 1.11
N GLU B 15 7.40 -2.63 0.69
CA GLU B 15 7.63 -1.53 1.61
C GLU B 15 6.67 -0.38 1.30
N ARG B 16 6.54 0.52 2.27
CA ARG B 16 5.67 1.67 2.12
C ARG B 16 6.41 2.95 2.48
N ARG B 17 6.48 3.84 1.50
CA ARG B 17 7.17 5.11 1.69
C ARG B 17 6.86 6.06 0.54
N ARG B 18 6.63 7.32 0.89
CA ARG B 18 6.32 8.34 -0.10
C ARG B 18 7.61 8.91 -0.69
N SER B 19 8.66 8.13 -0.59
CA SER B 19 9.96 8.54 -1.11
C SER B 19 9.81 9.05 -2.54
N GLN B 20 9.09 8.26 -3.34
CA GLN B 20 8.88 8.62 -4.74
C GLN B 20 7.37 8.76 -5.01
N LEU B 21 6.66 9.24 -4.01
CA LEU B 21 5.22 9.42 -4.13
C LEU B 21 4.93 10.47 -5.20
N ASP B 22 4.66 9.99 -6.41
CA ASP B 22 4.38 10.87 -7.52
C ASP B 22 2.92 11.32 -7.44
N ARG B 23 2.68 12.56 -7.86
CA ARG B 23 1.34 13.12 -7.84
C ARG B 23 0.42 12.35 -8.78
N ASP B 24 1.03 11.44 -9.54
CA ASP B 24 0.28 10.63 -10.49
C ASP B 24 0.52 9.15 -10.17
N GLN B 25 0.99 8.90 -8.97
CA GLN B 25 1.26 7.55 -8.53
C GLN B 25 0.31 7.14 -7.40
N CYS B 26 0.39 5.87 -7.02
CA CYS B 26 -0.45 5.36 -5.95
C CYS B 26 0.37 5.30 -4.67
N ALA B 27 -0.19 5.87 -3.61
CA ALA B 27 0.49 5.89 -2.33
C ALA B 27 0.08 4.66 -1.52
N TYR B 28 -0.21 3.58 -2.25
CA TYR B 28 -0.62 2.34 -1.62
C TYR B 28 0.19 1.16 -2.14
N CYS B 29 0.12 0.98 -3.45
CA CYS B 29 0.85 -0.10 -4.10
C CYS B 29 2.07 0.49 -4.80
N LYS B 30 2.08 1.81 -4.90
CA LYS B 30 3.18 2.51 -5.55
C LYS B 30 3.02 2.40 -7.07
N GLU B 31 1.79 2.15 -7.48
CA GLU B 31 1.49 2.04 -8.90
C GLU B 31 1.51 3.42 -9.56
N LYS B 32 1.41 3.40 -10.89
CA LYS B 32 1.42 4.64 -11.65
C LYS B 32 0.19 4.68 -12.56
N GLY B 33 -0.67 5.66 -12.29
CA GLY B 33 -1.89 5.82 -13.08
C GLY B 33 -3.09 6.06 -12.17
N HIS B 34 -3.27 5.15 -11.22
CA HIS B 34 -4.38 5.25 -10.28
C HIS B 34 -3.87 5.78 -8.95
N TRP B 35 -4.80 6.35 -8.18
CA TRP B 35 -4.46 6.90 -6.88
C TRP B 35 -4.83 5.86 -5.81
N ALA B 36 -4.24 6.04 -4.64
CA ALA B 36 -4.50 5.13 -3.54
C ALA B 36 -6.00 5.14 -3.22
N LYS B 37 -6.60 6.29 -3.41
CA LYS B 37 -8.03 6.45 -3.15
C LYS B 37 -8.82 5.56 -4.12
N ASP B 38 -8.10 5.02 -5.10
CA ASP B 38 -8.72 4.16 -6.09
C ASP B 38 -7.82 2.95 -6.33
N CYS B 39 -7.14 2.54 -5.27
CA CYS B 39 -6.25 1.39 -5.37
C CYS B 39 -7.10 0.12 -5.45
N PRO B 40 -6.71 -0.76 -6.40
CA PRO B 40 -7.42 -2.01 -6.59
C PRO B 40 -7.09 -3.01 -5.47
N LYS B 41 -6.27 -2.56 -4.54
CA LYS B 41 -5.87 -3.39 -3.42
C LYS B 41 -6.95 -3.33 -2.33
N LYS B 42 -7.64 -2.20 -2.30
CA LYS B 42 -8.70 -2.01 -1.31
C LYS B 42 -9.55 -3.27 -1.23
N PRO B 43 -9.29 -4.06 -0.14
CA PRO B 43 -10.01 -5.30 0.08
C PRO B 43 -11.43 -5.01 0.57
N ARG B 44 -12.22 -6.08 0.65
CA ARG B 44 -13.60 -5.96 1.11
C ARG B 44 -14.28 -7.34 1.09
N GLY B 45 -13.71 -8.25 1.86
CA GLY B 45 -14.26 -9.60 1.94
C GLY B 45 -14.40 -10.21 0.54
N PRO B 46 -14.70 -11.54 0.53
CA PRO B 46 -14.85 -12.29 1.76
C PRO B 46 -13.49 -12.56 2.41
N ARG B 47 -13.52 -13.41 3.42
CA ARG B 47 -12.30 -13.77 4.13
C ARG B 47 -12.04 -15.28 4.02
N GLY B 48 -10.93 -15.60 3.39
CA GLY B 48 -10.55 -17.00 3.21
C GLY B 48 -9.07 -17.13 2.84
N PRO B 49 -8.27 -17.60 3.84
CA PRO B 49 -6.84 -17.77 3.63
C PRO B 49 -6.55 -19.00 2.77
N ARG B 50 -5.29 -19.15 2.40
CA ARG B 50 -4.88 -20.27 1.59
C ARG B 50 -3.38 -20.53 1.74
N PRO B 51 -3.05 -21.54 2.59
CA PRO B 51 -1.66 -21.89 2.84
C PRO B 51 -1.07 -22.64 1.66
N GLN B 52 0.24 -22.88 1.75
CA GLN B 52 0.94 -23.59 0.69
C GLN B 52 1.95 -24.57 1.29
N THR B 53 2.41 -25.49 0.45
CA THR B 53 3.37 -26.48 0.88
C THR B 53 4.79 -26.08 0.45
N SER B 54 5.75 -26.49 1.24
CA SER B 54 7.14 -26.18 0.96
C SER B 54 8.04 -27.37 1.34
N LEU B 55 9.29 -27.29 0.93
CA LEU B 55 10.25 -28.35 1.22
C LEU B 55 10.99 -28.01 2.50
N LEU B 56 11.79 -26.96 2.43
CA LEU B 56 12.56 -26.51 3.58
C LEU B 56 13.26 -25.20 3.25
ZN ZN C . -2.67 1.35 -5.87
C1' AP7 A 7 -11.39 -22.63 18.51
N1 AP7 A 7 -11.99 -20.80 13.74
C2 AP7 A 7 -12.53 -20.44 14.92
N3 AP7 A 7 -12.33 -20.97 16.15
C4 AP7 A 7 -11.44 -22.00 16.06
C5 AP7 A 7 -10.81 -22.47 14.94
C6 AP7 A 7 -11.10 -21.84 13.71
N6 AP7 A 7 -10.56 -22.19 12.52
N7 AP7 A 7 -9.99 -23.51 15.26
C8 AP7 A 7 -10.12 -23.65 16.57
N9 AP7 A 7 -10.99 -22.76 17.10
C2' AP7 A 7 -12.56 -23.53 18.90
O2' AP7 A 7 -13.40 -23.02 19.91
C3' AP7 A 7 -11.85 -24.64 19.60
O3' AP7 A 7 -12.73 -25.38 20.45
C4' AP7 A 7 -10.77 -23.97 20.45
O4' AP7 A 7 -10.37 -23.08 19.38
C5' AP7 A 7 -9.61 -24.87 20.82
O5' AP7 A 7 -8.87 -25.23 19.66
OP1 AP7 A 7 -6.82 -26.01 20.83
OP2 AP7 A 7 -6.79 -25.57 18.33
P AP7 A 7 -7.27 -25.20 19.68
H1' AP7 A 7 -11.64 -21.59 18.73
H1 AP7 A 7 -12.23 -20.31 12.88
H2 AP7 A 7 -13.21 -19.61 14.80
H61 AP7 A 7 -9.89 -22.95 12.47
H62 AP7 A 7 -10.82 -21.69 11.68
H8 AP7 A 7 -9.62 -24.38 17.19
H2' AP7 A 7 -13.09 -23.93 18.04
HO2' AP7 A 7 -14.16 -22.59 19.50
H3' AP7 A 7 -11.40 -25.36 18.90
H4' AP7 A 7 -11.25 -23.61 21.35
H5'' AP7 A 7 -10.02 -25.75 21.32
H5' AP7 A 7 -8.98 -24.33 21.53
N ALA B 1 42.10 -10.67 16.96
CA ALA B 1 40.95 -10.70 17.85
C ALA B 1 40.07 -9.49 17.57
N THR B 2 38.79 -9.64 17.88
CA THR B 2 37.83 -8.57 17.67
C THR B 2 37.21 -8.13 18.99
N VAL B 3 36.78 -6.88 19.04
CA VAL B 3 36.17 -6.34 20.23
C VAL B 3 34.68 -6.66 20.23
N VAL B 4 34.08 -6.58 21.42
CA VAL B 4 32.66 -6.86 21.56
C VAL B 4 31.94 -5.61 22.05
N SER B 5 30.68 -5.49 21.64
CA SER B 5 29.88 -4.34 22.02
C SER B 5 28.49 -4.80 22.44
N GLY B 6 27.75 -3.88 23.04
CA GLY B 6 26.40 -4.17 23.49
C GLY B 6 25.39 -4.00 22.35
N GLN B 7 24.16 -3.70 22.74
CA GLN B 7 23.09 -3.50 21.77
C GLN B 7 21.83 -2.98 22.46
N LYS B 8 21.12 -2.13 21.74
CA LYS B 8 19.90 -1.54 22.27
C LYS B 8 18.80 -1.59 21.19
N GLN B 9 17.57 -1.43 21.65
CA GLN B 9 16.44 -1.45 20.74
C GLN B 9 15.26 -0.67 21.34
N ASP B 10 14.35 -0.28 20.46
CA ASP B 10 13.19 0.48 20.89
C ASP B 10 11.92 -0.25 20.43
N ARG B 11 10.79 0.40 20.67
CA ARG B 11 9.51 -0.18 20.29
C ARG B 11 8.47 0.93 20.09
N GLN B 12 8.06 1.09 18.84
CA GLN B 12 7.07 2.10 18.50
C GLN B 12 6.93 2.21 16.99
N GLY B 13 6.39 3.35 16.55
CA GLY B 13 6.19 3.59 15.14
C GLY B 13 6.25 5.08 14.83
N GLY B 14 6.92 5.41 13.73
CA GLY B 14 7.05 6.79 13.30
C GLY B 14 7.75 6.88 11.94
N GLU B 15 8.35 8.04 11.71
CA GLU B 15 9.07 8.27 10.46
C GLU B 15 8.10 8.16 9.27
N ARG B 16 8.47 8.83 8.19
CA ARG B 16 7.66 8.82 7.00
C ARG B 16 8.40 9.48 5.84
N ARG B 17 8.19 8.96 4.64
CA ARG B 17 8.82 9.48 3.46
C ARG B 17 8.00 9.17 2.21
N ARG B 18 7.68 10.22 1.47
CA ARG B 18 6.89 10.06 0.25
C ARG B 18 7.80 9.73 -0.93
N SER B 19 8.38 8.53 -0.88
CA SER B 19 9.26 8.08 -1.94
C SER B 19 8.93 8.80 -3.24
N GLN B 20 9.15 10.10 -3.24
CA GLN B 20 8.88 10.91 -4.41
C GLN B 20 7.47 10.62 -4.95
N LEU B 21 6.53 10.54 -4.03
CA LEU B 21 5.15 10.26 -4.40
C LEU B 21 4.75 11.16 -5.57
N ASP B 22 4.58 10.52 -6.72
CA ASP B 22 4.18 11.24 -7.93
C ASP B 22 2.70 11.59 -7.84
N ARG B 23 2.36 12.70 -8.50
CA ARG B 23 0.97 13.16 -8.51
C ARG B 23 0.11 12.21 -9.34
N ASP B 24 0.76 11.22 -9.94
CA ASP B 24 0.08 10.25 -10.75
C ASP B 24 0.44 8.83 -10.29
N GLN B 25 0.87 8.75 -9.03
CA GLN B 25 1.25 7.48 -8.45
C GLN B 25 0.24 7.07 -7.37
N CYS B 26 0.45 5.86 -6.85
CA CYS B 26 -0.43 5.33 -5.82
C CYS B 26 0.35 5.30 -4.51
N ALA B 27 -0.30 5.75 -3.45
CA ALA B 27 0.31 5.77 -2.13
C ALA B 27 -0.06 4.49 -1.37
N TYR B 28 -0.23 3.41 -2.14
CA TYR B 28 -0.58 2.13 -1.56
C TYR B 28 0.28 1.01 -2.15
N CYS B 29 0.21 0.88 -3.45
CA CYS B 29 0.97 -0.16 -4.14
C CYS B 29 2.20 0.51 -4.78
N LYS B 30 2.13 1.82 -4.90
CA LYS B 30 3.21 2.59 -5.50
C LYS B 30 3.15 2.46 -7.02
N GLU B 31 1.94 2.21 -7.51
CA GLU B 31 1.73 2.08 -8.95
C GLU B 31 1.55 3.45 -9.59
N LYS B 32 1.39 3.44 -10.91
CA LYS B 32 1.21 4.66 -11.65
C LYS B 32 -0.03 4.54 -12.54
N GLY B 33 -0.91 5.53 -12.43
CA GLY B 33 -2.13 5.53 -13.21
C GLY B 33 -3.35 5.82 -12.32
N HIS B 34 -3.38 5.13 -11.18
CA HIS B 34 -4.47 5.29 -10.24
C HIS B 34 -3.95 5.92 -8.95
N TRP B 35 -4.88 6.41 -8.14
CA TRP B 35 -4.53 7.04 -6.88
C TRP B 35 -4.78 6.02 -5.76
N ALA B 36 -4.30 6.37 -4.58
CA ALA B 36 -4.46 5.50 -3.43
C ALA B 36 -5.95 5.26 -3.18
N LYS B 37 -6.72 6.32 -3.33
CA LYS B 37 -8.16 6.24 -3.13
C LYS B 37 -8.79 5.48 -4.29
N ASP B 38 -7.94 5.09 -5.23
CA ASP B 38 -8.41 4.35 -6.40
C ASP B 38 -7.58 3.06 -6.54
N CYS B 39 -6.89 2.72 -5.46
CA CYS B 39 -6.05 1.53 -5.45
C CYS B 39 -6.97 0.30 -5.53
N PRO B 40 -6.61 -0.63 -6.44
CA PRO B 40 -7.38 -1.84 -6.63
C PRO B 40 -7.14 -2.82 -5.48
N LYS B 41 -6.29 -2.40 -4.55
CA LYS B 41 -5.98 -3.23 -3.40
C LYS B 41 -6.88 -2.85 -2.23
N LYS B 42 -7.43 -1.65 -2.32
CA LYS B 42 -8.31 -1.16 -1.27
C LYS B 42 -9.53 -2.07 -1.16
N PRO B 43 -9.71 -2.63 0.06
CA PRO B 43 -10.84 -3.53 0.31
C PRO B 43 -12.14 -2.75 0.43
N ARG B 44 -12.58 -2.20 -0.69
CA ARG B 44 -13.80 -1.43 -0.73
C ARG B 44 -15.02 -2.36 -0.69
N GLY B 45 -16.00 -1.98 0.12
CA GLY B 45 -17.21 -2.78 0.26
C GLY B 45 -17.82 -3.08 -1.11
N PRO B 46 -19.03 -3.70 -1.07
CA PRO B 46 -19.65 -4.04 0.19
C PRO B 46 -18.96 -5.25 0.83
N ARG B 47 -18.53 -5.06 2.07
CA ARG B 47 -17.86 -6.12 2.80
C ARG B 47 -18.38 -6.19 4.24
N GLY B 48 -18.26 -7.37 4.82
CA GLY B 48 -18.72 -7.59 6.18
C GLY B 48 -18.24 -8.94 6.72
N PRO B 49 -17.23 -8.88 7.62
CA PRO B 49 -16.68 -10.09 8.21
C PRO B 49 -17.63 -10.67 9.26
N ARG B 50 -18.79 -11.11 8.78
CA ARG B 50 -19.78 -11.69 9.67
C ARG B 50 -19.24 -12.96 10.31
N PRO B 51 -19.16 -12.93 11.67
CA PRO B 51 -18.66 -14.08 12.41
C PRO B 51 -19.71 -15.18 12.48
N GLN B 52 -19.23 -16.41 12.41
CA GLN B 52 -20.12 -17.57 12.46
C GLN B 52 -19.88 -18.37 13.75
N THR B 53 -20.95 -18.96 14.24
CA THR B 53 -20.88 -19.75 15.46
C THR B 53 -22.17 -20.56 15.65
N SER B 54 -22.05 -21.61 16.46
CA SER B 54 -23.19 -22.47 16.72
C SER B 54 -23.08 -23.03 18.15
N LEU B 55 -24.24 -23.41 18.69
CA LEU B 55 -24.30 -23.96 20.02
C LEU B 55 -25.72 -24.44 20.32
N LEU B 56 -25.81 -25.45 21.16
CA LEU B 56 -27.11 -26.01 21.53
C LEU B 56 -27.69 -25.20 22.68
ZN ZN C . -2.55 1.31 -5.90
C1' AP7 A 7 -8.92 -24.55 -11.51
N1 AP7 A 7 -4.44 -22.03 -11.06
C2 AP7 A 7 -5.56 -21.78 -11.78
N3 AP7 A 7 -6.71 -22.49 -11.86
C4 AP7 A 7 -6.61 -23.58 -11.05
C5 AP7 A 7 -5.57 -23.96 -10.27
C6 AP7 A 7 -4.42 -23.13 -10.27
N6 AP7 A 7 -3.30 -23.38 -9.55
N7 AP7 A 7 -5.85 -25.12 -9.60
C8 AP7 A 7 -7.08 -25.42 -9.99
N9 AP7 A 7 -7.58 -24.52 -10.86
C2' AP7 A 7 -8.96 -25.39 -12.78
O2' AP7 A 7 -9.85 -24.93 -13.78
C3' AP7 A 7 -9.65 -26.64 -12.27
O3' AP7 A 7 -10.24 -27.38 -13.33
C4' AP7 A 7 -10.74 -26.13 -11.33
O4' AP7 A 7 -9.87 -25.19 -10.69
C5' AP7 A 7 -11.23 -27.15 -10.34
O5' AP7 A 7 -10.15 -27.59 -9.52
OP1 AP7 A 7 -11.40 -28.84 -7.75
OP2 AP7 A 7 -9.05 -28.04 -7.32
P AP7 A 7 -10.37 -27.80 -7.95
H1' AP7 A 7 -9.22 -23.53 -11.74
H1 AP7 A 7 -3.66 -21.41 -11.10
H2 AP7 A 7 -5.46 -20.87 -12.36
H61 AP7 A 7 -3.25 -24.19 -8.95
H62 AP7 A 7 -2.51 -22.74 -9.60
H8 AP7 A 7 -7.66 -26.29 -9.67
H2' AP7 A 7 -7.97 -25.67 -13.14
HO2' AP7 A 7 -9.51 -24.11 -14.14
H3' AP7 A 7 -8.97 -27.31 -11.75
H4' AP7 A 7 -11.58 -25.80 -11.95
H5'' AP7 A 7 -11.67 -27.99 -10.88
H5' AP7 A 7 -12.02 -26.70 -9.73
N ALA B 1 9.84 -10.89 -33.96
CA ALA B 1 9.00 -10.49 -32.84
C ALA B 1 9.85 -10.42 -31.57
N THR B 2 9.39 -9.61 -30.64
CA THR B 2 10.10 -9.44 -29.37
C THR B 2 9.21 -8.75 -28.35
N VAL B 3 9.46 -9.06 -27.09
CA VAL B 3 8.68 -8.47 -26.00
C VAL B 3 9.38 -8.76 -24.67
N VAL B 4 9.07 -7.93 -23.68
CA VAL B 4 9.66 -8.08 -22.36
C VAL B 4 8.70 -7.52 -21.32
N SER B 5 8.83 -8.04 -20.10
CA SER B 5 7.99 -7.60 -19.00
C SER B 5 8.50 -8.18 -17.68
N GLY B 6 8.25 -7.45 -16.61
CA GLY B 6 8.66 -7.89 -15.29
C GLY B 6 7.71 -7.37 -14.21
N GLN B 7 8.15 -7.50 -12.97
CA GLN B 7 7.36 -7.04 -11.84
C GLN B 7 8.20 -6.17 -10.91
N LYS B 8 7.51 -5.31 -10.18
CA LYS B 8 8.18 -4.41 -9.25
C LYS B 8 7.46 -4.45 -7.90
N GLN B 9 8.17 -4.03 -6.87
CA GLN B 9 7.62 -4.01 -5.53
C GLN B 9 8.57 -3.30 -4.56
N ASP B 10 8.01 -2.78 -3.48
CA ASP B 10 8.80 -2.09 -2.48
C ASP B 10 7.89 -1.68 -1.32
N ARG B 11 8.48 -1.62 -0.14
CA ARG B 11 7.75 -1.25 1.05
C ARG B 11 8.66 -0.52 2.04
N GLN B 12 8.17 0.60 2.54
CA GLN B 12 8.94 1.39 3.49
C GLN B 12 8.02 2.37 4.22
N GLY B 13 8.45 2.77 5.41
CA GLY B 13 7.68 3.70 6.22
C GLY B 13 8.41 4.05 7.51
N GLY B 14 8.33 5.31 7.89
CA GLY B 14 8.98 5.77 9.11
C GLY B 14 10.18 6.67 8.78
N GLU B 15 9.92 7.67 7.97
CA GLU B 15 10.96 8.60 7.57
C GLU B 15 10.40 9.68 6.64
N ARG B 16 11.13 10.79 6.56
CA ARG B 16 10.71 11.89 5.72
C ARG B 16 10.74 11.48 4.24
N ARG B 17 10.13 12.31 3.41
CA ARG B 17 10.07 12.03 1.99
C ARG B 17 9.28 10.75 1.72
N ARG B 18 8.27 10.89 0.86
CA ARG B 18 7.44 9.75 0.50
C ARG B 18 8.08 8.95 -0.64
N SER B 19 9.40 8.84 -0.57
CA SER B 19 10.14 8.10 -1.58
C SER B 19 10.12 8.86 -2.90
N GLN B 20 8.96 9.45 -3.19
CA GLN B 20 8.79 10.21 -4.42
C GLN B 20 7.32 10.21 -4.85
N LEU B 21 6.45 10.13 -3.86
CA LEU B 21 5.02 10.10 -4.13
C LEU B 21 4.71 11.05 -5.30
N ASP B 22 4.48 10.44 -6.45
CA ASP B 22 4.17 11.21 -7.65
C ASP B 22 2.69 11.58 -7.65
N ARG B 23 2.40 12.74 -8.22
CA ARG B 23 1.03 13.21 -8.29
C ARG B 23 0.19 12.31 -9.20
N ASP B 24 0.89 11.38 -9.84
CA ASP B 24 0.23 10.45 -10.74
C ASP B 24 0.58 9.02 -10.35
N GLN B 25 0.89 8.84 -9.07
CA GLN B 25 1.25 7.53 -8.56
C GLN B 25 0.28 7.12 -7.44
N CYS B 26 0.42 5.87 -7.03
CA CYS B 26 -0.43 5.34 -5.98
C CYS B 26 0.35 5.36 -4.66
N ALA B 27 -0.31 5.86 -3.63
CA ALA B 27 0.31 5.94 -2.31
C ALA B 27 -0.04 4.69 -1.51
N TYR B 28 -0.30 3.61 -2.23
CA TYR B 28 -0.65 2.36 -1.60
C TYR B 28 0.20 1.21 -2.15
N CYS B 29 0.13 1.04 -3.46
CA CYS B 29 0.90 -0.01 -4.11
C CYS B 29 2.08 0.63 -4.85
N LYS B 30 1.97 1.95 -5.02
CA LYS B 30 3.03 2.69 -5.69
C LYS B 30 2.71 2.76 -7.20
N GLU B 31 1.92 1.80 -7.64
CA GLU B 31 1.53 1.74 -9.05
C GLU B 31 1.23 3.14 -9.57
N LYS B 32 1.62 3.36 -10.82
CA LYS B 32 1.39 4.65 -11.45
C LYS B 32 0.16 4.56 -12.36
N GLY B 33 -0.67 5.59 -12.28
CA GLY B 33 -1.88 5.64 -13.08
C GLY B 33 -3.10 5.94 -12.21
N HIS B 34 -3.21 5.21 -11.12
CA HIS B 34 -4.32 5.38 -10.20
C HIS B 34 -3.80 5.94 -8.88
N TRP B 35 -4.74 6.33 -8.03
CA TRP B 35 -4.39 6.88 -6.73
C TRP B 35 -4.75 5.84 -5.67
N ALA B 36 -4.22 6.05 -4.47
CA ALA B 36 -4.47 5.14 -3.37
C ALA B 36 -5.97 5.05 -3.11
N LYS B 37 -6.63 6.19 -3.26
CA LYS B 37 -8.06 6.26 -3.05
C LYS B 37 -8.78 5.50 -4.16
N ASP B 38 -7.99 5.05 -5.13
CA ASP B 38 -8.54 4.31 -6.26
C ASP B 38 -7.70 3.04 -6.48
N CYS B 39 -6.99 2.65 -5.44
CA CYS B 39 -6.15 1.46 -5.50
C CYS B 39 -7.06 0.24 -5.62
N PRO B 40 -6.70 -0.65 -6.59
CA PRO B 40 -7.47 -1.86 -6.81
C PRO B 40 -7.21 -2.89 -5.70
N LYS B 41 -6.36 -2.50 -4.76
CA LYS B 41 -6.02 -3.38 -3.65
C LYS B 41 -6.98 -3.12 -2.50
N LYS B 42 -7.60 -1.95 -2.53
CA LYS B 42 -8.54 -1.57 -1.48
C LYS B 42 -9.53 -2.72 -1.26
N PRO B 43 -9.33 -3.43 -0.11
CA PRO B 43 -10.20 -4.55 0.22
C PRO B 43 -11.56 -4.05 0.73
N ARG B 44 -12.41 -3.71 -0.22
CA ARG B 44 -13.74 -3.22 0.11
C ARG B 44 -14.58 -3.07 -1.16
N GLY B 45 -14.75 -4.18 -1.86
CA GLY B 45 -15.53 -4.19 -3.09
C GLY B 45 -14.62 -4.11 -4.31
N PRO B 46 -15.26 -4.04 -5.50
CA PRO B 46 -16.71 -4.06 -5.57
C PRO B 46 -17.27 -5.46 -5.31
N ARG B 47 -16.86 -6.38 -6.16
CA ARG B 47 -17.30 -7.76 -6.04
C ARG B 47 -16.74 -8.61 -7.17
N GLY B 48 -16.75 -9.92 -6.96
CA GLY B 48 -16.23 -10.85 -7.95
C GLY B 48 -16.10 -12.26 -7.36
N PRO B 49 -17.26 -12.97 -7.30
CA PRO B 49 -17.29 -14.32 -6.76
C PRO B 49 -16.70 -15.31 -7.76
N ARG B 50 -16.50 -16.53 -7.30
CA ARG B 50 -15.95 -17.58 -8.14
C ARG B 50 -16.70 -18.90 -7.90
N PRO B 51 -17.88 -19.02 -8.57
CA PRO B 51 -18.68 -20.23 -8.43
C PRO B 51 -18.07 -21.40 -9.22
N GLN B 52 -17.90 -22.51 -8.52
CA GLN B 52 -17.32 -23.69 -9.14
C GLN B 52 -18.35 -24.84 -9.14
N THR B 53 -18.17 -25.75 -10.08
CA THR B 53 -19.06 -26.89 -10.20
C THR B 53 -18.28 -28.13 -10.67
N SER B 54 -18.33 -29.16 -9.84
CA SER B 54 -17.65 -30.40 -10.16
C SER B 54 -18.16 -31.52 -9.27
N LEU B 55 -18.37 -32.68 -9.88
CA LEU B 55 -18.86 -33.84 -9.16
C LEU B 55 -17.91 -35.01 -9.38
N LEU B 56 -18.07 -36.03 -8.54
CA LEU B 56 -17.23 -37.22 -8.64
C LEU B 56 -18.12 -38.45 -8.80
ZN ZN C . -2.63 1.31 -6.00
C1' AP7 A 7 -14.71 -26.66 4.43
N1 AP7 A 7 -15.09 -22.25 1.80
C2 AP7 A 7 -15.67 -22.68 2.94
N3 AP7 A 7 -15.53 -23.85 3.58
C4 AP7 A 7 -14.65 -24.63 2.89
C5 AP7 A 7 -13.99 -24.34 1.75
C6 AP7 A 7 -14.22 -23.07 1.16
N6 AP7 A 7 -13.63 -22.63 0.02
N7 AP7 A 7 -13.18 -25.39 1.35
C8 AP7 A 7 -13.38 -26.31 2.29
N9 AP7 A 7 -14.25 -25.90 3.24
C2' AP7 A 7 -15.93 -27.54 4.16
O2' AP7 A 7 -16.82 -27.68 5.24
C3' AP7 A 7 -15.28 -28.90 4.09
O3' AP7 A 7 -16.23 -29.94 4.31
C4' AP7 A 7 -14.23 -28.90 5.20
O4' AP7 A 7 -13.74 -27.60 4.84
C5' AP7 A 7 -13.14 -29.94 5.01
O5' AP7 A 7 -12.43 -29.70 3.81
OP1 AP7 A 7 -10.54 -31.29 4.15
OP2 AP7 A 7 -10.37 -29.44 2.43
P AP7 A 7 -10.85 -29.89 3.76
H1' AP7 A 7 -14.94 -25.97 5.24
H1 AP7 A 7 -15.28 -21.33 1.43
H2 AP7 A 7 -16.33 -21.93 3.34
H61 AP7 A 7 -12.97 -23.23 -0.47
H62 AP7 A 7 -13.84 -21.72 -0.33
H8 AP7 A 7 -12.92 -27.28 2.35
H2' AP7 A 7 -16.40 -27.33 3.21
HO2' AP7 A 7 -17.70 -27.86 4.89
H3' AP7 A 7 -14.83 -29.09 3.11
H4' AP7 A 7 -14.75 -29.09 6.14
H5'' AP7 A 7 -13.61 -30.93 5.00
H5' AP7 A 7 -12.48 -29.89 5.88
N ALA B 1 40.37 13.22 5.57
CA ALA B 1 38.94 13.01 5.51
C ALA B 1 38.44 12.52 6.87
N THR B 2 37.12 12.47 7.00
CA THR B 2 36.51 12.04 8.24
C THR B 2 36.87 12.99 9.38
N VAL B 3 35.87 13.29 10.20
CA VAL B 3 36.07 14.18 11.33
C VAL B 3 35.95 13.38 12.62
N VAL B 4 36.66 13.85 13.64
CA VAL B 4 36.65 13.20 14.94
C VAL B 4 35.91 14.08 15.94
N SER B 5 36.60 15.11 16.41
CA SER B 5 36.01 16.03 17.37
C SER B 5 34.79 16.71 16.77
N GLY B 6 33.74 16.81 17.57
CA GLY B 6 32.50 17.42 17.14
C GLY B 6 31.31 16.86 17.89
N GLN B 7 30.47 17.76 18.38
CA GLN B 7 29.28 17.36 19.12
C GLN B 7 28.03 18.00 18.51
N LYS B 8 27.91 19.30 18.73
CA LYS B 8 26.78 20.05 18.20
C LYS B 8 25.49 19.35 18.62
N GLN B 9 24.88 19.88 19.67
CA GLN B 9 23.64 19.32 20.17
C GLN B 9 22.44 19.94 19.46
N ASP B 10 21.36 19.17 19.40
CA ASP B 10 20.15 19.63 18.74
C ASP B 10 18.97 18.77 19.21
N ARG B 11 17.78 19.30 18.98
CA ARG B 11 16.57 18.60 19.38
C ARG B 11 15.41 19.00 18.46
N GLN B 12 15.04 18.07 17.59
CA GLN B 12 13.95 18.30 16.65
C GLN B 12 13.77 17.10 15.72
N GLY B 13 12.54 16.62 15.65
CA GLY B 13 12.22 15.48 14.82
C GLY B 13 11.74 15.93 13.44
N GLY B 14 11.60 14.96 12.56
CA GLY B 14 11.15 15.24 11.20
C GLY B 14 10.27 14.10 10.66
N GLU B 15 9.42 14.45 9.72
CA GLU B 15 8.51 13.48 9.12
C GLU B 15 8.41 13.71 7.61
N ARG B 16 8.89 12.73 6.86
CA ARG B 16 8.84 12.81 5.41
C ARG B 16 9.47 11.56 4.79
N ARG B 17 8.87 11.12 3.70
CA ARG B 17 9.35 9.93 3.01
C ARG B 17 8.83 9.92 1.57
N ARG B 18 7.58 9.51 1.43
CA ARG B 18 6.95 9.44 0.12
C ARG B 18 7.96 8.99 -0.93
N SER B 19 8.47 7.78 -0.73
CA SER B 19 9.45 7.23 -1.65
C SER B 19 9.17 7.71 -3.07
N GLN B 20 9.24 9.02 -3.25
CA GLN B 20 8.99 9.62 -4.55
C GLN B 20 7.52 9.46 -4.93
N LEU B 21 6.66 9.95 -4.07
CA LEU B 21 5.23 9.88 -4.30
C LEU B 21 4.84 10.87 -5.40
N ASP B 22 4.66 10.34 -6.59
CA ASP B 22 4.29 11.17 -7.73
C ASP B 22 2.81 11.53 -7.63
N ARG B 23 2.47 12.70 -8.16
CA ARG B 23 1.10 13.16 -8.13
C ARG B 23 0.21 12.27 -9.00
N ASP B 24 0.87 11.38 -9.74
CA ASP B 24 0.16 10.45 -10.60
C ASP B 24 0.53 9.02 -10.23
N GLN B 25 0.89 8.84 -8.96
CA GLN B 25 1.28 7.53 -8.47
C GLN B 25 0.34 7.10 -7.34
N CYS B 26 0.48 5.83 -6.95
CA CYS B 26 -0.35 5.29 -5.90
C CYS B 26 0.45 5.34 -4.59
N ALA B 27 -0.22 5.79 -3.54
CA ALA B 27 0.41 5.89 -2.23
C ALA B 27 0.14 4.62 -1.44
N TYR B 28 -0.19 3.56 -2.17
CA TYR B 28 -0.48 2.28 -1.54
C TYR B 28 0.40 1.17 -2.12
N CYS B 29 0.21 0.93 -3.41
CA CYS B 29 0.97 -0.11 -4.10
C CYS B 29 2.15 0.56 -4.81
N LYS B 30 2.00 1.86 -5.02
CA LYS B 30 3.05 2.63 -5.68
C LYS B 30 2.72 2.74 -7.18
N GLU B 31 1.98 1.76 -7.66
CA GLU B 31 1.59 1.73 -9.06
C GLU B 31 1.21 3.13 -9.54
N LYS B 32 1.56 3.42 -10.77
CA LYS B 32 1.26 4.72 -11.36
C LYS B 32 0.04 4.59 -12.28
N GLY B 33 -0.79 5.61 -12.25
CA GLY B 33 -1.99 5.64 -13.07
C GLY B 33 -3.23 5.88 -12.22
N HIS B 34 -3.31 5.15 -11.11
CA HIS B 34 -4.44 5.27 -10.21
C HIS B 34 -3.97 5.85 -8.87
N TRP B 35 -4.90 6.47 -8.17
CA TRP B 35 -4.59 7.07 -6.87
C TRP B 35 -4.83 6.01 -5.79
N ALA B 36 -4.33 6.30 -4.61
CA ALA B 36 -4.48 5.39 -3.48
C ALA B 36 -5.97 5.16 -3.21
N LYS B 37 -6.73 6.24 -3.33
CA LYS B 37 -8.17 6.18 -3.11
C LYS B 37 -8.81 5.39 -4.25
N ASP B 38 -8.00 5.07 -5.25
CA ASP B 38 -8.49 4.32 -6.39
C ASP B 38 -7.64 3.06 -6.58
N CYS B 39 -6.95 2.69 -5.51
CA CYS B 39 -6.10 1.52 -5.54
C CYS B 39 -7.00 0.27 -5.55
N PRO B 40 -6.68 -0.64 -6.51
CA PRO B 40 -7.45 -1.88 -6.64
C PRO B 40 -7.10 -2.87 -5.53
N LYS B 41 -6.21 -2.43 -4.66
CA LYS B 41 -5.78 -3.27 -3.56
C LYS B 41 -6.80 -3.15 -2.41
N LYS B 42 -7.60 -2.11 -2.49
CA LYS B 42 -8.61 -1.87 -1.48
C LYS B 42 -9.37 -3.17 -1.20
N PRO B 43 -9.04 -3.78 -0.02
CA PRO B 43 -9.67 -5.02 0.37
C PRO B 43 -11.10 -4.78 0.87
N ARG B 44 -11.81 -5.87 1.11
CA ARG B 44 -13.17 -5.80 1.58
C ARG B 44 -13.42 -6.82 2.69
N GLY B 45 -14.09 -6.37 3.73
CA GLY B 45 -14.39 -7.23 4.86
C GLY B 45 -15.44 -8.28 4.48
N PRO B 46 -15.85 -9.08 5.50
CA PRO B 46 -15.31 -8.92 6.84
C PRO B 46 -13.89 -9.48 6.93
N ARG B 47 -12.96 -8.60 7.25
CA ARG B 47 -11.56 -8.99 7.37
C ARG B 47 -10.85 -8.11 8.40
N GLY B 48 -10.90 -8.57 9.64
CA GLY B 48 -10.26 -7.83 10.73
C GLY B 48 -8.75 -8.07 10.74
N PRO B 49 -8.00 -6.97 10.46
CA PRO B 49 -6.54 -7.04 10.43
C PRO B 49 -5.97 -7.12 11.84
N ARG B 50 -4.86 -7.83 11.97
CA ARG B 50 -4.21 -7.98 13.25
C ARG B 50 -5.20 -8.52 14.29
N PRO B 51 -5.28 -9.87 14.35
CA PRO B 51 -6.18 -10.52 15.29
C PRO B 51 -5.64 -10.45 16.72
N GLN B 52 -4.35 -10.76 16.83
CA GLN B 52 -3.69 -10.74 18.13
C GLN B 52 -2.24 -11.22 18.00
N THR B 53 -1.35 -10.50 18.67
CA THR B 53 0.06 -10.85 18.63
C THR B 53 0.51 -11.41 19.97
N SER B 54 0.60 -10.54 20.95
CA SER B 54 1.02 -10.93 22.28
C SER B 54 0.18 -10.20 23.33
N LEU B 55 -0.06 -10.89 24.44
CA LEU B 55 -0.84 -10.32 25.53
C LEU B 55 0.07 -9.46 26.41
N LEU B 56 0.52 -8.35 25.82
CA LEU B 56 1.40 -7.44 26.54
C LEU B 56 2.50 -8.23 27.25
ZN ZN C . -2.52 1.29 -6.00
C1' AP7 A 7 -3.37 -31.05 12.27
N1 AP7 A 7 -6.20 -27.65 9.66
C2 AP7 A 7 -6.18 -27.98 10.96
N3 AP7 A 7 -5.40 -28.89 11.59
C4 AP7 A 7 -4.57 -29.49 10.68
C5 AP7 A 7 -4.50 -29.25 9.34
C6 AP7 A 7 -5.35 -28.28 8.80
N6 AP7 A 7 -5.40 -27.93 7.48
N7 AP7 A 7 -3.55 -30.05 8.76
C8 AP7 A 7 -3.07 -30.77 9.77
N9 AP7 A 7 -3.66 -30.46 10.95
C2' AP7 A 7 -4.19 -32.31 12.57
O2' AP7 A 7 -4.54 -32.49 13.92
C3' AP7 A 7 -3.16 -33.38 12.34
O3' AP7 A 7 -3.52 -34.60 13.00
C4' AP7 A 7 -1.87 -32.83 12.94
O4' AP7 A 7 -2.06 -31.54 12.35
C5' AP7 A 7 -0.62 -33.46 12.39
O5' AP7 A 7 -0.44 -33.11 11.03
OP1 AP7 A 7 1.94 -33.83 10.88
OP2 AP7 A 7 0.91 -32.45 9.03
P AP7 A 7 1.03 -32.74 10.48
H1' AP7 A 7 -3.56 -30.31 13.05
H1 AP7 A 7 -6.84 -26.94 9.32
H2 AP7 A 7 -6.89 -27.40 11.52
H61 AP7 A 7 -4.78 -28.38 6.83
H62 AP7 A 7 -6.04 -27.23 7.17
H8 AP7 A 7 -2.30 -31.53 9.71
H2' AP7 A 7 -5.01 -32.45 11.87
HO2' AP7 A 7 -3.77 -32.31 14.47
H3' AP7 A 7 -3.04 -33.62 11.29
H4' AP7 A 7 -1.92 -33.00 14.02
H5'' AP7 A 7 -0.70 -34.55 12.51
H5' AP7 A 7 0.23 -33.13 13.00
N ALA B 1 26.18 -23.10 -12.07
CA ALA B 1 26.52 -22.58 -10.75
C ALA B 1 25.47 -21.55 -10.34
N THR B 2 24.45 -22.04 -9.63
CA THR B 2 23.38 -21.17 -9.17
C THR B 2 22.91 -21.60 -7.77
N VAL B 3 23.58 -21.06 -6.76
CA VAL B 3 23.25 -21.38 -5.39
C VAL B 3 21.82 -20.93 -5.10
N VAL B 4 21.47 -19.77 -5.63
CA VAL B 4 20.13 -19.23 -5.44
C VAL B 4 19.65 -19.56 -4.03
N SER B 5 20.38 -19.04 -3.05
CA SER B 5 20.03 -19.28 -1.66
C SER B 5 19.92 -17.95 -0.91
N GLY B 6 18.71 -17.42 -0.87
CA GLY B 6 18.47 -16.16 -0.20
C GLY B 6 17.85 -15.13 -1.16
N GLN B 7 18.73 -14.47 -1.90
CA GLN B 7 18.28 -13.46 -2.85
C GLN B 7 19.45 -13.06 -3.77
N LYS B 8 19.12 -12.86 -5.04
CA LYS B 8 20.12 -12.47 -6.01
C LYS B 8 19.76 -11.10 -6.59
N GLN B 9 20.66 -10.58 -7.41
CA GLN B 9 20.45 -9.29 -8.03
C GLN B 9 18.99 -9.13 -8.46
N ASP B 10 18.24 -8.41 -7.63
CA ASP B 10 16.84 -8.19 -7.91
C ASP B 10 16.41 -6.84 -7.33
N ARG B 11 15.25 -6.38 -7.76
CA ARG B 11 14.72 -5.11 -7.28
C ARG B 11 14.95 -4.97 -5.77
N GLN B 12 14.91 -3.73 -5.30
CA GLN B 12 15.10 -3.45 -3.89
C GLN B 12 13.79 -3.05 -3.24
N GLY B 13 13.81 -3.00 -1.91
CA GLY B 13 12.63 -2.63 -1.16
C GLY B 13 12.94 -2.53 0.34
N GLY B 14 12.00 -1.95 1.07
CA GLY B 14 12.17 -1.78 2.50
C GLY B 14 11.98 -0.32 2.91
N GLU B 15 11.02 -0.10 3.80
CA GLU B 15 10.73 1.24 4.28
C GLU B 15 10.24 2.12 3.13
N ARG B 16 9.00 2.58 3.27
CA ARG B 16 8.39 3.41 2.26
C ARG B 16 7.70 4.62 2.91
N ARG B 17 7.85 5.77 2.28
CA ARG B 17 7.26 6.99 2.78
C ARG B 17 7.21 8.05 1.68
N ARG B 18 6.22 7.93 0.81
CA ARG B 18 6.06 8.86 -0.28
C ARG B 18 7.42 9.23 -0.87
N SER B 19 8.37 8.32 -0.72
CA SER B 19 9.71 8.54 -1.23
C SER B 19 9.64 9.10 -2.65
N GLN B 20 8.88 8.41 -3.48
CA GLN B 20 8.72 8.82 -4.87
C GLN B 20 7.24 8.99 -5.21
N LEU B 21 6.49 9.46 -4.22
CA LEU B 21 5.06 9.68 -4.40
C LEU B 21 4.84 10.65 -5.56
N ASP B 22 4.27 10.15 -6.63
CA ASP B 22 3.99 10.96 -7.80
C ASP B 22 2.55 11.46 -7.74
N ARG B 23 2.33 12.63 -8.32
CA ARG B 23 1.01 13.23 -8.35
C ARG B 23 0.07 12.39 -9.20
N ASP B 24 0.63 11.37 -9.83
CA ASP B 24 -0.15 10.49 -10.68
C ASP B 24 0.19 9.04 -10.35
N GLN B 25 0.57 8.83 -9.09
CA GLN B 25 0.93 7.50 -8.64
C GLN B 25 0.00 7.05 -7.50
N CYS B 26 0.26 5.87 -6.98
CA CYS B 26 -0.54 5.33 -5.89
C CYS B 26 0.32 5.30 -4.63
N ALA B 27 -0.28 5.77 -3.54
CA ALA B 27 0.42 5.81 -2.27
C ALA B 27 0.10 4.53 -1.48
N TYR B 28 -0.21 3.48 -2.21
CA TYR B 28 -0.53 2.21 -1.60
C TYR B 28 0.32 1.08 -2.19
N CYS B 29 0.14 0.85 -3.48
CA CYS B 29 0.88 -0.19 -4.17
C CYS B 29 2.12 0.45 -4.80
N LYS B 30 2.11 1.77 -4.85
CA LYS B 30 3.22 2.50 -5.42
C LYS B 30 3.19 2.39 -6.94
N GLU B 31 1.98 2.18 -7.46
CA GLU B 31 1.80 2.05 -8.89
C GLU B 31 1.68 3.43 -9.54
N LYS B 32 1.46 3.41 -10.85
CA LYS B 32 1.33 4.66 -11.60
C LYS B 32 0.10 4.57 -12.51
N GLY B 33 -0.78 5.55 -12.36
CA GLY B 33 -1.98 5.60 -13.16
C GLY B 33 -3.20 5.90 -12.29
N HIS B 34 -3.28 5.20 -11.17
CA HIS B 34 -4.39 5.38 -10.25
C HIS B 34 -3.86 5.97 -8.94
N TRP B 35 -4.80 6.40 -8.10
CA TRP B 35 -4.46 6.98 -6.82
C TRP B 35 -4.78 5.96 -5.72
N ALA B 36 -4.27 6.22 -4.53
CA ALA B 36 -4.50 5.34 -3.40
C ALA B 36 -6.00 5.20 -3.15
N LYS B 37 -6.69 6.32 -3.32
CA LYS B 37 -8.13 6.35 -3.11
C LYS B 37 -8.81 5.55 -4.22
N ASP B 38 -8.00 5.11 -5.18
CA ASP B 38 -8.51 4.33 -6.29
C ASP B 38 -7.63 3.08 -6.49
N CYS B 39 -6.99 2.68 -5.40
CA CYS B 39 -6.13 1.51 -5.43
C CYS B 39 -7.01 0.27 -5.56
N PRO B 40 -6.61 -0.63 -6.49
CA PRO B 40 -7.36 -1.85 -6.72
C PRO B 40 -7.11 -2.86 -5.61
N LYS B 41 -6.29 -2.44 -4.65
CA LYS B 41 -5.97 -3.30 -3.53
C LYS B 41 -6.90 -2.98 -2.35
N LYS B 42 -7.50 -1.81 -2.43
CA LYS B 42 -8.42 -1.37 -1.39
C LYS B 42 -9.27 -2.56 -0.93
N PRO B 43 -8.85 -3.15 0.23
CA PRO B 43 -9.56 -4.28 0.79
C PRO B 43 -10.88 -3.84 1.43
N ARG B 44 -11.80 -4.80 1.55
CA ARG B 44 -13.09 -4.53 2.14
C ARG B 44 -13.49 -5.67 3.09
N GLY B 45 -14.22 -5.29 4.13
CA GLY B 45 -14.67 -6.27 5.11
C GLY B 45 -13.49 -6.83 5.90
N PRO B 46 -13.81 -7.77 6.84
CA PRO B 46 -15.19 -8.18 7.04
C PRO B 46 -15.98 -7.10 7.79
N ARG B 47 -17.30 -7.25 7.75
CA ARG B 47 -18.18 -6.30 8.42
C ARG B 47 -19.47 -6.98 8.85
N GLY B 48 -19.32 -8.10 9.54
CA GLY B 48 -20.46 -8.86 10.01
C GLY B 48 -20.08 -10.32 10.27
N PRO B 49 -19.73 -10.60 11.55
CA PRO B 49 -19.34 -11.94 11.94
C PRO B 49 -20.57 -12.85 12.06
N ARG B 50 -20.30 -14.14 12.13
CA ARG B 50 -21.36 -15.13 12.24
C ARG B 50 -21.40 -15.72 13.65
N PRO B 51 -22.62 -15.71 14.24
CA PRO B 51 -22.81 -16.23 15.59
C PRO B 51 -22.78 -17.77 15.58
N GLN B 52 -22.45 -18.33 16.73
CA GLN B 52 -22.39 -19.78 16.87
C GLN B 52 -22.32 -20.16 18.35
N THR B 53 -23.24 -21.04 18.74
CA THR B 53 -23.29 -21.50 20.12
C THR B 53 -23.48 -23.01 20.17
N SER B 54 -22.67 -23.65 21.00
CA SER B 54 -22.74 -25.09 21.15
C SER B 54 -23.33 -25.45 22.52
N LEU B 55 -23.88 -26.65 22.59
CA LEU B 55 -24.47 -27.13 23.84
C LEU B 55 -24.63 -28.65 23.77
N LEU B 56 -24.99 -29.22 24.92
CA LEU B 56 -25.17 -30.66 25.00
C LEU B 56 -26.01 -31.14 23.81
ZN ZN C . -2.65 1.31 -5.92
C1' AP7 A 7 13.81 -20.49 23.19
N1 AP7 A 7 9.23 -18.15 22.98
C2 AP7 A 7 10.44 -17.73 23.40
N3 AP7 A 7 11.62 -18.40 23.43
C4 AP7 A 7 11.42 -19.66 22.95
C5 AP7 A 7 10.28 -20.22 22.49
C6 AP7 A 7 9.11 -19.43 22.50
N6 AP7 A 7 7.90 -19.84 22.08
N7 AP7 A 7 10.48 -21.51 22.08
C8 AP7 A 7 11.78 -21.71 22.30
N9 AP7 A 7 12.39 -20.62 22.82
C2' AP7 A 7 14.12 -20.93 24.63
O2' AP7 A 7 15.20 -20.26 25.25
C3' AP7 A 7 14.67 -22.31 24.39
O3' AP7 A 7 15.44 -22.76 25.50
C4' AP7 A 7 15.56 -22.17 23.16
O4' AP7 A 7 14.63 -21.36 22.44
C5' AP7 A 7 15.80 -23.47 22.43
O5' AP7 A 7 14.60 -23.92 21.82
OP1 AP7 A 7 15.69 -25.51 20.23
OP2 AP7 A 7 13.25 -24.91 19.96
P AP7 A 7 14.62 -24.49 20.32
H1' AP7 A 7 14.13 -19.45 23.06
H1 AP7 A 7 8.43 -17.53 23.01
H2 AP7 A 7 10.40 -16.71 23.75
H61 AP7 A 7 7.77 -20.77 21.73
H62 AP7 A 7 7.10 -19.20 22.12
H8 AP7 A 7 12.33 -22.62 22.11
H2' AP7 A 7 13.23 -21.00 25.24
HO2' AP7 A 7 15.42 -19.49 24.73
H3' AP7 A 7 13.88 -23.04 24.23
H4' AP7 A 7 16.51 -21.77 23.50
H5'' AP7 A 7 16.18 -24.21 23.14
H5' AP7 A 7 16.59 -23.30 21.68
N ALA B 1 37.09 -2.64 -19.41
CA ALA B 1 37.55 -1.47 -20.13
C ALA B 1 36.36 -0.70 -20.68
N THR B 2 35.61 -0.09 -19.76
CA THR B 2 34.43 0.68 -20.14
C THR B 2 34.09 1.69 -19.04
N VAL B 3 33.79 2.90 -19.48
CA VAL B 3 33.44 3.97 -18.57
C VAL B 3 33.04 5.22 -19.35
N VAL B 4 31.98 5.86 -18.89
CA VAL B 4 31.49 7.06 -19.54
C VAL B 4 31.35 8.17 -18.51
N SER B 5 30.75 7.82 -17.38
CA SER B 5 30.56 8.78 -16.31
C SER B 5 30.09 8.06 -15.04
N GLY B 6 30.39 8.67 -13.90
CA GLY B 6 30.02 8.10 -12.62
C GLY B 6 28.50 7.91 -12.53
N GLN B 7 28.02 7.88 -11.30
CA GLN B 7 26.59 7.71 -11.06
C GLN B 7 26.31 7.65 -9.56
N LYS B 8 25.11 8.07 -9.19
CA LYS B 8 24.71 8.06 -7.80
C LYS B 8 23.78 6.87 -7.54
N GLN B 9 23.97 6.25 -6.39
CA GLN B 9 23.16 5.10 -6.02
C GLN B 9 23.13 4.94 -4.50
N ASP B 10 21.92 4.78 -3.97
CA ASP B 10 21.73 4.62 -2.55
C ASP B 10 22.24 5.87 -1.83
N ARG B 11 21.56 6.21 -0.74
CA ARG B 11 21.93 7.38 0.04
C ARG B 11 22.24 6.97 1.48
N GLN B 12 23.35 7.51 1.99
CA GLN B 12 23.76 7.21 3.34
C GLN B 12 22.64 7.55 4.33
N GLY B 13 22.51 6.70 5.34
CA GLY B 13 21.48 6.89 6.35
C GLY B 13 20.09 6.92 5.72
N GLY B 14 19.51 8.11 5.68
CA GLY B 14 18.19 8.28 5.10
C GLY B 14 17.15 8.53 6.19
N GLU B 15 16.02 9.09 5.78
CA GLU B 15 14.94 9.38 6.71
C GLU B 15 13.59 9.08 6.08
N ARG B 16 12.58 8.93 6.93
CA ARG B 16 11.24 8.64 6.46
C ARG B 16 10.76 9.74 5.51
N ARG B 17 10.46 9.33 4.28
CA ARG B 17 9.98 10.26 3.28
C ARG B 17 9.30 9.51 2.13
N ARG B 18 8.33 10.18 1.52
CA ARG B 18 7.60 9.60 0.42
C ARG B 18 8.52 9.42 -0.79
N SER B 19 9.34 8.38 -0.74
CA SER B 19 10.26 8.09 -1.82
C SER B 19 10.15 9.17 -2.90
N GLN B 20 9.13 9.02 -3.73
CA GLN B 20 8.89 9.97 -4.81
C GLN B 20 7.41 9.99 -5.20
N LEU B 21 6.57 10.03 -4.18
CA LEU B 21 5.13 10.05 -4.40
C LEU B 21 4.81 10.98 -5.56
N ASP B 22 4.59 10.37 -6.72
CA ASP B 22 4.27 11.13 -7.92
C ASP B 22 2.81 11.57 -7.87
N ARG B 23 2.53 12.69 -8.52
CA ARG B 23 1.18 13.23 -8.55
C ARG B 23 0.24 12.26 -9.28
N ASP B 24 0.85 11.27 -9.91
CA ASP B 24 0.09 10.28 -10.66
C ASP B 24 0.52 8.87 -10.23
N GLN B 25 0.94 8.78 -8.97
CA GLN B 25 1.38 7.50 -8.43
C GLN B 25 0.53 7.11 -7.23
N CYS B 26 0.09 5.85 -7.25
CA CYS B 26 -0.73 5.34 -6.17
C CYS B 26 0.11 5.34 -4.88
N ALA B 27 -0.49 5.87 -3.83
CA ALA B 27 0.19 5.94 -2.54
C ALA B 27 -0.20 4.71 -1.70
N TYR B 28 -0.40 3.60 -2.39
CA TYR B 28 -0.77 2.36 -1.73
C TYR B 28 0.09 1.21 -2.23
N CYS B 29 0.10 1.03 -3.54
CA CYS B 29 0.88 -0.03 -4.16
C CYS B 29 2.07 0.60 -4.89
N LYS B 30 2.00 1.92 -5.04
CA LYS B 30 3.06 2.65 -5.72
C LYS B 30 2.92 2.46 -7.22
N GLU B 31 1.70 2.16 -7.65
CA GLU B 31 1.43 1.94 -9.06
C GLU B 31 1.11 3.28 -9.74
N LYS B 32 1.87 3.57 -10.78
CA LYS B 32 1.68 4.81 -11.53
C LYS B 32 0.46 4.67 -12.43
N GLY B 33 -0.54 5.48 -12.15
CA GLY B 33 -1.78 5.45 -12.93
C GLY B 33 -2.98 5.85 -12.07
N HIS B 34 -3.22 5.04 -11.04
CA HIS B 34 -4.33 5.28 -10.15
C HIS B 34 -3.81 5.86 -8.82
N TRP B 35 -4.74 6.31 -8.00
CA TRP B 35 -4.38 6.88 -6.71
C TRP B 35 -4.72 5.84 -5.63
N ALA B 36 -4.20 6.09 -4.44
CA ALA B 36 -4.44 5.20 -3.32
C ALA B 36 -5.94 5.11 -3.05
N LYS B 37 -6.61 6.24 -3.22
CA LYS B 37 -8.04 6.29 -3.01
C LYS B 37 -8.76 5.50 -4.10
N ASP B 38 -7.97 5.06 -5.08
CA ASP B 38 -8.51 4.29 -6.18
C ASP B 38 -7.67 3.02 -6.37
N CYS B 39 -6.98 2.64 -5.30
CA CYS B 39 -6.15 1.45 -5.32
C CYS B 39 -7.07 0.22 -5.37
N PRO B 40 -6.73 -0.71 -6.31
CA PRO B 40 -7.50 -1.93 -6.47
C PRO B 40 -7.22 -2.91 -5.34
N LYS B 41 -6.35 -2.48 -4.43
CA LYS B 41 -5.98 -3.31 -3.30
C LYS B 41 -6.85 -2.95 -2.10
N LYS B 42 -7.41 -1.75 -2.15
CA LYS B 42 -8.26 -1.27 -1.08
C LYS B 42 -9.18 -2.40 -0.62
N PRO B 43 -8.81 -3.00 0.55
CA PRO B 43 -9.59 -4.09 1.10
C PRO B 43 -10.89 -3.57 1.73
N ARG B 44 -10.73 -2.92 2.87
CA ARG B 44 -11.87 -2.36 3.58
C ARG B 44 -11.41 -1.61 4.84
N GLY B 45 -11.37 -0.30 4.72
CA GLY B 45 -10.94 0.54 5.83
C GLY B 45 -11.72 0.20 7.10
N PRO B 46 -11.47 1.03 8.15
CA PRO B 46 -10.52 2.12 8.05
C PRO B 46 -9.08 1.61 8.07
N ARG B 47 -8.72 1.03 9.19
CA ARG B 47 -7.37 0.48 9.34
C ARG B 47 -6.36 1.62 9.47
N GLY B 48 -5.22 1.30 10.07
CA GLY B 48 -4.16 2.28 10.25
C GLY B 48 -2.80 1.61 10.33
N PRO B 49 -2.02 1.74 9.22
CA PRO B 49 -0.70 1.14 9.15
C PRO B 49 0.30 1.96 9.97
N ARG B 50 0.98 1.25 10.88
CA ARG B 50 1.96 1.89 11.73
C ARG B 50 3.28 1.11 11.71
N PRO B 51 4.27 1.67 10.98
CA PRO B 51 5.58 1.04 10.87
C PRO B 51 6.38 1.20 12.15
N GLN B 52 6.63 0.08 12.81
CA GLN B 52 7.38 0.09 14.05
C GLN B 52 8.77 0.70 13.82
N THR B 53 9.33 1.24 14.90
CA THR B 53 10.65 1.84 14.83
C THR B 53 11.50 1.41 16.01
N SER B 54 12.78 1.20 15.73
CA SER B 54 13.71 0.78 16.78
C SER B 54 13.23 -0.52 17.42
N LEU B 55 13.75 -1.62 16.90
CA LEU B 55 13.38 -2.93 17.42
C LEU B 55 14.52 -3.49 18.26
N LEU B 56 14.26 -4.63 18.88
CA LEU B 56 15.26 -5.26 19.73
C LEU B 56 16.02 -4.20 20.52
ZN ZN C . -2.70 1.21 -5.94
C1' AP7 A 7 27.35 -6.27 11.28
N1 AP7 A 7 23.95 -2.58 12.46
C2 AP7 A 7 24.86 -2.68 11.47
N3 AP7 A 7 25.73 -3.69 11.22
C4 AP7 A 7 25.57 -4.68 12.15
C5 AP7 A 7 24.69 -4.71 13.19
C6 AP7 A 7 23.83 -3.60 13.36
N6 AP7 A 7 22.91 -3.49 14.34
N7 AP7 A 7 24.82 -5.87 13.90
C8 AP7 A 7 25.79 -6.53 13.27
N9 AP7 A 7 26.28 -5.84 12.21
C2' AP7 A 7 28.74 -5.85 11.73
O2' AP7 A 7 29.63 -5.47 10.70
C3' AP7 A 7 29.30 -7.18 12.17
O3' AP7 A 7 30.72 -7.17 12.16
C4' AP7 A 7 28.78 -8.19 11.14
O4' AP7 A 7 27.45 -7.67 11.23
C5' AP7 A 7 28.75 -9.62 11.65
O5' AP7 A 7 27.78 -9.75 12.67
OP1 AP7 A 7 27.63 -12.25 12.65
OP2 AP7 A 7 25.86 -10.86 13.82
P AP7 A 7 26.80 -11.01 12.68
H1' AP7 A 7 27.15 -5.86 10.29
H1 AP7 A 7 23.36 -1.76 12.53
H2 AP7 A 7 24.85 -1.81 10.84
H61 AP7 A 7 22.80 -4.23 15.03
H62 AP7 A 7 22.33 -2.66 14.40
H8 AP7 A 7 26.19 -7.50 13.54
H2' AP7 A 7 28.73 -5.18 12.59
HO2' AP7 A 7 29.54 -6.09 9.98
H3' AP7 A 7 28.99 -7.45 13.18
H4' AP7 A 7 29.44 -8.13 10.28
H5'' AP7 A 7 29.75 -9.87 12.01
H5' AP7 A 7 28.53 -10.27 10.80
N ALA B 1 -2.46 -18.28 22.88
CA ALA B 1 -1.02 -18.16 22.97
C ALA B 1 -0.36 -19.28 22.18
N THR B 2 -0.34 -19.10 20.86
CA THR B 2 0.26 -20.09 19.98
C THR B 2 1.25 -19.41 19.02
N VAL B 3 1.58 -20.14 17.96
CA VAL B 3 2.50 -19.63 16.97
C VAL B 3 1.81 -19.58 15.61
N VAL B 4 1.01 -20.60 15.34
CA VAL B 4 0.29 -20.69 14.09
C VAL B 4 1.29 -20.75 12.93
N SER B 5 1.26 -21.87 12.22
CA SER B 5 2.15 -22.06 11.09
C SER B 5 1.38 -21.91 9.78
N GLY B 6 2.10 -21.51 8.75
CA GLY B 6 1.50 -21.33 7.44
C GLY B 6 2.54 -20.82 6.43
N GLN B 7 2.06 -20.59 5.21
CA GLN B 7 2.92 -20.11 4.15
C GLN B 7 2.31 -18.88 3.48
N LYS B 8 3.15 -18.17 2.74
CA LYS B 8 2.70 -16.97 2.05
C LYS B 8 3.86 -16.41 1.20
N GLN B 9 3.61 -15.25 0.61
CA GLN B 9 4.61 -14.61 -0.22
C GLN B 9 4.70 -13.12 0.13
N ASP B 10 5.80 -12.52 -0.30
CA ASP B 10 6.03 -11.10 -0.05
C ASP B 10 5.95 -10.33 -1.37
N ARG B 11 5.91 -9.02 -1.26
CA ARG B 11 5.84 -8.16 -2.43
C ARG B 11 6.98 -7.13 -2.40
N GLN B 12 6.97 -6.32 -1.36
CA GLN B 12 7.97 -5.29 -1.20
C GLN B 12 7.75 -4.51 0.09
N GLY B 13 8.77 -3.75 0.48
CA GLY B 13 8.70 -2.96 1.69
C GLY B 13 9.04 -1.49 1.41
N GLY B 14 9.74 -0.89 2.35
CA GLY B 14 10.14 0.50 2.23
C GLY B 14 10.36 1.14 3.60
N GLU B 15 11.01 2.30 3.59
CA GLU B 15 11.28 3.02 4.81
C GLU B 15 11.55 4.49 4.52
N ARG B 16 12.55 4.72 3.68
CA ARG B 16 12.93 6.08 3.30
C ARG B 16 11.74 6.79 2.66
N ARG B 17 12.02 7.96 2.11
CA ARG B 17 10.99 8.75 1.46
C ARG B 17 10.10 7.87 0.60
N ARG B 18 8.99 8.44 0.15
CA ARG B 18 8.05 7.71 -0.69
C ARG B 18 8.66 7.45 -2.06
N SER B 19 9.79 6.77 -2.05
CA SER B 19 10.49 6.45 -3.30
C SER B 19 10.36 7.62 -4.28
N GLN B 20 9.11 7.90 -4.65
CA GLN B 20 8.84 8.98 -5.58
C GLN B 20 7.32 9.10 -5.81
N LEU B 21 6.60 9.24 -4.71
CA LEU B 21 5.16 9.37 -4.79
C LEU B 21 4.79 10.51 -5.74
N ASP B 22 4.55 10.14 -6.99
CA ASP B 22 4.20 11.12 -8.01
C ASP B 22 2.73 11.52 -7.83
N ARG B 23 2.41 12.69 -8.35
CA ARG B 23 1.05 13.20 -8.27
C ARG B 23 0.10 12.32 -9.08
N ASP B 24 0.69 11.37 -9.79
CA ASP B 24 -0.08 10.45 -10.61
C ASP B 24 0.28 9.01 -10.24
N GLN B 25 0.72 8.84 -9.01
CA GLN B 25 1.10 7.53 -8.52
C GLN B 25 0.15 7.07 -7.42
N CYS B 26 0.46 5.91 -6.85
CA CYS B 26 -0.35 5.35 -5.79
C CYS B 26 0.47 5.35 -4.50
N ALA B 27 -0.18 5.72 -3.41
CA ALA B 27 0.47 5.77 -2.11
C ALA B 27 0.13 4.49 -1.32
N TYR B 28 -0.17 3.44 -2.07
CA TYR B 28 -0.52 2.17 -1.47
C TYR B 28 0.33 1.04 -2.03
N CYS B 29 0.26 0.88 -3.35
CA CYS B 29 1.02 -0.15 -4.03
C CYS B 29 2.24 0.50 -4.68
N LYS B 30 2.11 1.79 -4.94
CA LYS B 30 3.20 2.53 -5.56
C LYS B 30 3.06 2.45 -7.08
N GLU B 31 1.85 2.13 -7.53
CA GLU B 31 1.58 2.02 -8.95
C GLU B 31 1.39 3.41 -9.56
N LYS B 32 1.40 3.43 -10.89
CA LYS B 32 1.23 4.69 -11.62
C LYS B 32 -0.01 4.58 -12.52
N GLY B 33 -0.88 5.57 -12.37
CA GLY B 33 -2.09 5.61 -13.17
C GLY B 33 -3.32 5.84 -12.27
N HIS B 34 -3.36 5.09 -11.18
CA HIS B 34 -4.46 5.20 -10.24
C HIS B 34 -3.97 5.81 -8.93
N TRP B 35 -4.89 6.41 -8.19
CA TRP B 35 -4.56 7.03 -6.93
C TRP B 35 -4.80 6.01 -5.81
N ALA B 36 -4.30 6.33 -4.64
CA ALA B 36 -4.45 5.45 -3.48
C ALA B 36 -5.94 5.18 -3.25
N LYS B 37 -6.72 6.26 -3.30
CA LYS B 37 -8.15 6.15 -3.10
C LYS B 37 -8.78 5.42 -4.30
N ASP B 38 -7.95 5.13 -5.27
CA ASP B 38 -8.40 4.43 -6.46
C ASP B 38 -7.66 3.11 -6.59
N CYS B 39 -6.87 2.80 -5.58
CA CYS B 39 -6.10 1.57 -5.56
C CYS B 39 -7.08 0.39 -5.61
N PRO B 40 -6.75 -0.59 -6.49
CA PRO B 40 -7.59 -1.76 -6.65
C PRO B 40 -7.42 -2.72 -5.46
N LYS B 41 -6.59 -2.31 -4.52
CA LYS B 41 -6.33 -3.11 -3.34
C LYS B 41 -6.59 -2.26 -2.09
N LYS B 42 -7.45 -1.26 -2.26
CA LYS B 42 -7.79 -0.38 -1.15
C LYS B 42 -8.94 -0.99 -0.36
N PRO B 43 -8.63 -1.33 0.93
CA PRO B 43 -9.62 -1.92 1.81
C PRO B 43 -10.62 -0.87 2.29
N ARG B 44 -11.70 -1.36 2.88
CA ARG B 44 -12.74 -0.48 3.39
C ARG B 44 -12.81 -0.57 4.92
N GLY B 45 -12.19 0.41 5.57
CA GLY B 45 -12.19 0.44 7.02
C GLY B 45 -11.52 1.73 7.53
N PRO B 46 -11.57 1.90 8.88
CA PRO B 46 -12.22 0.92 9.74
C PRO B 46 -13.74 1.02 9.64
N ARG B 47 -14.42 0.29 10.52
CA ARG B 47 -15.87 0.30 10.54
C ARG B 47 -16.38 0.84 11.88
N GLY B 48 -16.04 2.09 12.14
CA GLY B 48 -16.47 2.73 13.37
C GLY B 48 -15.81 2.07 14.59
N PRO B 49 -15.29 2.93 15.50
CA PRO B 49 -14.63 2.45 16.71
C PRO B 49 -15.66 1.93 17.72
N ARG B 50 -15.15 1.21 18.70
CA ARG B 50 -16.01 0.66 19.75
C ARG B 50 -16.07 1.61 20.94
N PRO B 51 -17.25 1.62 21.62
CA PRO B 51 -17.45 2.47 22.77
C PRO B 51 -16.72 1.92 23.99
N GLN B 52 -16.56 2.78 24.99
CA GLN B 52 -15.89 2.39 26.21
C GLN B 52 -16.64 2.93 27.43
N THR B 53 -16.23 2.45 28.60
CA THR B 53 -16.86 2.88 29.84
C THR B 53 -15.83 2.88 30.97
N SER B 54 -16.02 3.81 31.90
CA SER B 54 -15.13 3.94 33.03
C SER B 54 -15.86 4.59 34.21
N LEU B 55 -15.20 4.58 35.36
CA LEU B 55 -15.78 5.15 36.56
C LEU B 55 -14.66 5.71 37.44
N LEU B 56 -15.06 6.56 38.39
CA LEU B 56 -14.09 7.17 39.29
C LEU B 56 -14.52 6.88 40.74
ZN ZN C . -2.49 1.33 -5.84
#